data_7JIP
# 
_entry.id   7JIP 
# 
_audit_conform.dict_name       mmcif_pdbx.dic 
_audit_conform.dict_version    5.380 
_audit_conform.dict_location   http://mmcif.pdb.org/dictionaries/ascii/mmcif_pdbx.dic 
# 
loop_
_database_2.database_id 
_database_2.database_code 
_database_2.pdbx_database_accession 
_database_2.pdbx_DOI 
PDB   7JIP         pdb_00007jip 10.2210/pdb7jip/pdb 
WWPDB D_1000250818 ?            ?                   
# 
_pdbx_database_status.status_code                     REL 
_pdbx_database_status.status_code_sf                  REL 
_pdbx_database_status.status_code_mr                  ? 
_pdbx_database_status.entry_id                        7JIP 
_pdbx_database_status.recvd_initial_deposition_date   2020-07-23 
_pdbx_database_status.SG_entry                        N 
_pdbx_database_status.deposit_site                    RCSB 
_pdbx_database_status.process_site                    RCSB 
_pdbx_database_status.status_code_cs                  ? 
_pdbx_database_status.status_code_nmr_data            ? 
_pdbx_database_status.methods_development_category    ? 
_pdbx_database_status.pdb_format_compatible           Y 
# 
loop_
_audit_author.name 
_audit_author.pdbx_ordinal 
_audit_author.identifier_ORCID 
'Simmons, C.R.'      1 0000-0002-2290-6132 
'MacCulloch, T.'     2 0000-0001-5875-3361 
'Stephanopoulos, N.' 3 0000-0001-7859-410X 
'Yan, H.'            4 0000-0001-7397-9852 
# 
_citation.abstract                  ? 
_citation.abstract_id_CAS           ? 
_citation.book_id_ISBN              ? 
_citation.book_publisher            ? 
_citation.book_publisher_city       ? 
_citation.book_title                ? 
_citation.coordinate_linkage        ? 
_citation.country                   UK 
_citation.database_id_Medline       ? 
_citation.details                   ? 
_citation.id                        primary 
_citation.journal_abbrev            'Nat Commun' 
_citation.journal_id_ASTM           ? 
_citation.journal_id_CSD            ? 
_citation.journal_id_ISSN           2041-1723 
_citation.journal_full              ? 
_citation.journal_issue             ? 
_citation.journal_volume            13 
_citation.language                  ? 
_citation.page_first                3112 
_citation.page_last                 3112 
_citation.title                     'The influence of Holliday junction sequence and dynamics on DNA crystal self-assembly.' 
_citation.year                      2022 
_citation.database_id_CSD           ? 
_citation.pdbx_database_id_DOI      10.1038/s41467-022-30779-6 
_citation.pdbx_database_id_PubMed   35662248 
_citation.unpublished_flag          ? 
# 
loop_
_citation_author.citation_id 
_citation_author.name 
_citation_author.ordinal 
_citation_author.identifier_ORCID 
primary 'Simmons, C.R.'      1  ?                   
primary 'MacCulloch, T.'     2  ?                   
primary 'Krepl, M.'          3  0000-0002-9833-4281 
primary 'Matthies, M.'       4  ?                   
primary 'Buchberger, A.'     5  ?                   
primary 'Crawford, I.'       6  ?                   
primary 'Sponer, J.'         7  0000-0001-6558-6186 
primary 'Sulc, P.'           8  0000-0003-1565-6769 
primary 'Stephanopoulos, N.' 9  0000-0001-7859-410X 
primary 'Yan, H.'            10 0000-0001-7397-9852 
# 
_cell.angle_alpha                  90.000 
_cell.angle_alpha_esd              ? 
_cell.angle_beta                   90.000 
_cell.angle_beta_esd               ? 
_cell.angle_gamma                  120.000 
_cell.angle_gamma_esd              ? 
_cell.entry_id                     7JIP 
_cell.details                      ? 
_cell.formula_units_Z              ? 
_cell.length_a                     113.022 
_cell.length_a_esd                 ? 
_cell.length_b                     113.022 
_cell.length_b_esd                 ? 
_cell.length_c                     49.338 
_cell.length_c_esd                 ? 
_cell.volume                       ? 
_cell.volume_esd                   ? 
_cell.Z_PDB                        9 
_cell.reciprocal_angle_alpha       ? 
_cell.reciprocal_angle_beta        ? 
_cell.reciprocal_angle_gamma       ? 
_cell.reciprocal_angle_alpha_esd   ? 
_cell.reciprocal_angle_beta_esd    ? 
_cell.reciprocal_angle_gamma_esd   ? 
_cell.reciprocal_length_a          ? 
_cell.reciprocal_length_b          ? 
_cell.reciprocal_length_c          ? 
_cell.reciprocal_length_a_esd      ? 
_cell.reciprocal_length_b_esd      ? 
_cell.reciprocal_length_c_esd      ? 
_cell.pdbx_unique_axis             ? 
# 
_symmetry.entry_id                         7JIP 
_symmetry.cell_setting                     ? 
_symmetry.Int_Tables_number                146 
_symmetry.space_group_name_Hall            ? 
_symmetry.space_group_name_H-M             'H 3' 
_symmetry.pdbx_full_space_group_name_H-M   ? 
# 
loop_
_entity.id 
_entity.type 
_entity.src_method 
_entity.pdbx_description 
_entity.formula_weight 
_entity.pdbx_number_of_molecules 
_entity.pdbx_ec 
_entity.pdbx_mutation 
_entity.pdbx_fragment 
_entity.details 
1 polymer     syn 
;DNA (5'-D(*GP*AP*AP*CP*GP*AP*CP*AP*CP*TP*GP*A)-3')
;
3680.432 1 ? ? ? ? 
2 polymer     syn 
;DNA (5'-D(P*CP*GP*GP*CP*GP*AP*CP*TP*C)-3')
;
2716.787 1 ? ? ? ? 
3 polymer     syn 
;DNA (5'-D(P*TP*CP*AP*CP*CP*G)-3')
;
1769.193 1 ? ? ? ? 
4 polymer     syn 
;DNA (5'-D(*TP*CP*GP*AP*GP*TP*CP*GP*GP*TP*GP*TP*CP*GP*T)-3')
;
4631.993 1 ? ? ? ? 
5 non-polymer syn 'CACODYLATE ION'                                              136.989  1 ? ? ? ? 
# 
loop_
_entity_poly.entity_id 
_entity_poly.type 
_entity_poly.nstd_linkage 
_entity_poly.nstd_monomer 
_entity_poly.pdbx_seq_one_letter_code 
_entity_poly.pdbx_seq_one_letter_code_can 
_entity_poly.pdbx_strand_id 
_entity_poly.pdbx_target_identifier 
1 polydeoxyribonucleotide no no '(DG)(DA)(DA)(DC)(DG)(DA)(DC)(DA)(DC)(DT)(DG)(DA)'             GAACGACACTGA    A ? 
2 polydeoxyribonucleotide no no '(DC)(DG)(DG)(DC)(DG)(DA)(DC)(DT)(DC)'                         CGGCGACTC       B ? 
3 polydeoxyribonucleotide no no '(DT)(DC)(DA)(DC)(DC)(DG)'                                     TCACCG          C ? 
4 polydeoxyribonucleotide no no '(DT)(DC)(DG)(DA)(DG)(DT)(DC)(DG)(DG)(DT)(DG)(DT)(DC)(DG)(DT)' TCGAGTCGGTGTCGT D ? 
# 
loop_
_entity_poly_seq.entity_id 
_entity_poly_seq.num 
_entity_poly_seq.mon_id 
_entity_poly_seq.hetero 
1 1  DG n 
1 2  DA n 
1 3  DA n 
1 4  DC n 
1 5  DG n 
1 6  DA n 
1 7  DC n 
1 8  DA n 
1 9  DC n 
1 10 DT n 
1 11 DG n 
1 12 DA n 
2 1  DC n 
2 2  DG n 
2 3  DG n 
2 4  DC n 
2 5  DG n 
2 6  DA n 
2 7  DC n 
2 8  DT n 
2 9  DC n 
3 1  DT n 
3 2  DC n 
3 3  DA n 
3 4  DC n 
3 5  DC n 
3 6  DG n 
4 1  DT n 
4 2  DC n 
4 3  DG n 
4 4  DA n 
4 5  DG n 
4 6  DT n 
4 7  DC n 
4 8  DG n 
4 9  DG n 
4 10 DT n 
4 11 DG n 
4 12 DT n 
4 13 DC n 
4 14 DG n 
4 15 DT n 
# 
loop_
_pdbx_entity_src_syn.entity_id 
_pdbx_entity_src_syn.pdbx_src_id 
_pdbx_entity_src_syn.pdbx_alt_source_flag 
_pdbx_entity_src_syn.pdbx_beg_seq_num 
_pdbx_entity_src_syn.pdbx_end_seq_num 
_pdbx_entity_src_syn.organism_scientific 
_pdbx_entity_src_syn.organism_common_name 
_pdbx_entity_src_syn.ncbi_taxonomy_id 
_pdbx_entity_src_syn.details 
1 1 sample 1 12 'synthetic construct' ? 32630 ? 
2 1 sample 1 9  'synthetic construct' ? 32630 ? 
3 1 sample 1 6  'synthetic construct' ? 32630 ? 
4 1 sample 1 15 'synthetic construct' ? 32630 ? 
# 
loop_
_struct_ref.id 
_struct_ref.db_name 
_struct_ref.db_code 
_struct_ref.pdbx_db_accession 
_struct_ref.pdbx_db_isoform 
_struct_ref.entity_id 
_struct_ref.pdbx_seq_one_letter_code 
_struct_ref.pdbx_align_begin 
1 PDB 7JIP 7JIP ? 1 ? 1 
2 PDB 7JIP 7JIP ? 2 ? 1 
3 PDB 7JIP 7JIP ? 3 ? 1 
4 PDB 7JIP 7JIP ? 4 ? 1 
# 
loop_
_struct_ref_seq.align_id 
_struct_ref_seq.ref_id 
_struct_ref_seq.pdbx_PDB_id_code 
_struct_ref_seq.pdbx_strand_id 
_struct_ref_seq.seq_align_beg 
_struct_ref_seq.pdbx_seq_align_beg_ins_code 
_struct_ref_seq.seq_align_end 
_struct_ref_seq.pdbx_seq_align_end_ins_code 
_struct_ref_seq.pdbx_db_accession 
_struct_ref_seq.db_align_beg 
_struct_ref_seq.pdbx_db_align_beg_ins_code 
_struct_ref_seq.db_align_end 
_struct_ref_seq.pdbx_db_align_end_ins_code 
_struct_ref_seq.pdbx_auth_seq_align_beg 
_struct_ref_seq.pdbx_auth_seq_align_end 
1 1 7JIP A 1 ? 12 ? 7JIP 1  ? 12 ? 1  12 
2 2 7JIP B 1 ? 9  ? 7JIP 12 ? 20 ? 12 20 
3 3 7JIP C 1 ? 6  ? 7JIP 0  ? 5  ? 0  5  
4 4 7JIP D 1 ? 15 ? 7JIP 2  ? 16 ? 2  16 
# 
loop_
_chem_comp.id 
_chem_comp.type 
_chem_comp.mon_nstd_flag 
_chem_comp.name 
_chem_comp.pdbx_synonyms 
_chem_comp.formula 
_chem_comp.formula_weight 
CAC non-polymer   . 'CACODYLATE ION'                     dimethylarsinate 'C2 H6 As O2 -1'  136.989 
DA  'DNA linking' y "2'-DEOXYADENOSINE-5'-MONOPHOSPHATE" ?                'C10 H14 N5 O6 P' 331.222 
DC  'DNA linking' y "2'-DEOXYCYTIDINE-5'-MONOPHOSPHATE"  ?                'C9 H14 N3 O7 P'  307.197 
DG  'DNA linking' y "2'-DEOXYGUANOSINE-5'-MONOPHOSPHATE" ?                'C10 H14 N5 O7 P' 347.221 
DT  'DNA linking' y "THYMIDINE-5'-MONOPHOSPHATE"         ?                'C10 H15 N2 O8 P' 322.208 
# 
_exptl.absorpt_coefficient_mu     ? 
_exptl.absorpt_correction_T_max   ? 
_exptl.absorpt_correction_T_min   ? 
_exptl.absorpt_correction_type    ? 
_exptl.absorpt_process_details    ? 
_exptl.entry_id                   7JIP 
_exptl.crystals_number            1 
_exptl.details                    ? 
_exptl.method                     'X-RAY DIFFRACTION' 
_exptl.method_details             ? 
# 
_exptl_crystal.colour                      ? 
_exptl_crystal.density_diffrn              ? 
_exptl_crystal.density_Matthews            4.74 
_exptl_crystal.density_method              ? 
_exptl_crystal.density_percent_sol         74.04 
_exptl_crystal.description                 ? 
_exptl_crystal.F_000                       ? 
_exptl_crystal.id                          1 
_exptl_crystal.preparation                 ? 
_exptl_crystal.size_max                    ? 
_exptl_crystal.size_mid                    ? 
_exptl_crystal.size_min                    ? 
_exptl_crystal.size_rad                    ? 
_exptl_crystal.colour_lustre               ? 
_exptl_crystal.colour_modifier             ? 
_exptl_crystal.colour_primary              ? 
_exptl_crystal.density_meas                ? 
_exptl_crystal.density_meas_esd            ? 
_exptl_crystal.density_meas_gt             ? 
_exptl_crystal.density_meas_lt             ? 
_exptl_crystal.density_meas_temp           ? 
_exptl_crystal.density_meas_temp_esd       ? 
_exptl_crystal.density_meas_temp_gt        ? 
_exptl_crystal.density_meas_temp_lt        ? 
_exptl_crystal.pdbx_crystal_image_url      ? 
_exptl_crystal.pdbx_crystal_image_format   ? 
_exptl_crystal.pdbx_mosaicity              ? 
_exptl_crystal.pdbx_mosaicity_esd          ? 
# 
_exptl_crystal_grow.apparatus       ? 
_exptl_crystal_grow.atmosphere      ? 
_exptl_crystal_grow.crystal_id      1 
_exptl_crystal_grow.details         ? 
_exptl_crystal_grow.method          'VAPOR DIFFUSION, SITTING DROP' 
_exptl_crystal_grow.method_ref      ? 
_exptl_crystal_grow.pH              ? 
_exptl_crystal_grow.pressure        ? 
_exptl_crystal_grow.pressure_esd    ? 
_exptl_crystal_grow.seeding         ? 
_exptl_crystal_grow.seeding_ref     ? 
_exptl_crystal_grow.temp            298 
_exptl_crystal_grow.temp_details    'temperature gradient generated from 60 to 25 C at 0.3 degrees per hour' 
_exptl_crystal_grow.temp_esd        ? 
_exptl_crystal_grow.time            ? 
_exptl_crystal_grow.pdbx_details    
;0.5 mL of 0.05 M Cacodylate pH 6.5 with 36 mM MgCl2, 2.25 mM spermine, and 5% PEG 400 was added to the reservoir with 2 uL added to the drop containing 4 uL of DNA stock
;
_exptl_crystal_grow.pdbx_pH_range   ? 
# 
_diffrn.ambient_environment              ? 
_diffrn.ambient_temp                     100 
_diffrn.ambient_temp_details             ? 
_diffrn.ambient_temp_esd                 ? 
_diffrn.crystal_id                       1 
_diffrn.crystal_support                  ? 
_diffrn.crystal_treatment                ? 
_diffrn.details                          ? 
_diffrn.id                               1 
_diffrn.ambient_pressure                 ? 
_diffrn.ambient_pressure_esd             ? 
_diffrn.ambient_pressure_gt              ? 
_diffrn.ambient_pressure_lt              ? 
_diffrn.ambient_temp_gt                  ? 
_diffrn.ambient_temp_lt                  ? 
_diffrn.pdbx_serial_crystal_experiment   N 
# 
_diffrn_detector.details                      ? 
_diffrn_detector.detector                     PIXEL 
_diffrn_detector.diffrn_id                    1 
_diffrn_detector.type                         'DECTRIS PILATUS3 6M' 
_diffrn_detector.area_resol_mean              ? 
_diffrn_detector.dtime                        ? 
_diffrn_detector.pdbx_frames_total            ? 
_diffrn_detector.pdbx_collection_time_total   ? 
_diffrn_detector.pdbx_collection_date         2018-09-15 
_diffrn_detector.pdbx_frequency               ? 
# 
_diffrn_radiation.collimation                      ? 
_diffrn_radiation.diffrn_id                        1 
_diffrn_radiation.filter_edge                      ? 
_diffrn_radiation.inhomogeneity                    ? 
_diffrn_radiation.monochromator                    ? 
_diffrn_radiation.polarisn_norm                    ? 
_diffrn_radiation.polarisn_ratio                   ? 
_diffrn_radiation.probe                            ? 
_diffrn_radiation.type                             ? 
_diffrn_radiation.xray_symbol                      ? 
_diffrn_radiation.wavelength_id                    1 
_diffrn_radiation.pdbx_monochromatic_or_laue_m_l   M 
_diffrn_radiation.pdbx_wavelength_list             ? 
_diffrn_radiation.pdbx_wavelength                  ? 
_diffrn_radiation.pdbx_diffrn_protocol             'SINGLE WAVELENGTH' 
_diffrn_radiation.pdbx_analyzer                    ? 
_diffrn_radiation.pdbx_scattering_type             x-ray 
# 
_diffrn_radiation_wavelength.id           1 
_diffrn_radiation_wavelength.wavelength   1 
_diffrn_radiation_wavelength.wt           1.0 
# 
_diffrn_source.current                     ? 
_diffrn_source.details                     ? 
_diffrn_source.diffrn_id                   1 
_diffrn_source.power                       ? 
_diffrn_source.size                        ? 
_diffrn_source.source                      SYNCHROTRON 
_diffrn_source.target                      ? 
_diffrn_source.type                        'ALS BEAMLINE 5.0.2' 
_diffrn_source.voltage                     ? 
_diffrn_source.take-off_angle              ? 
_diffrn_source.pdbx_wavelength_list        1 
_diffrn_source.pdbx_wavelength             ? 
_diffrn_source.pdbx_synchrotron_beamline   5.0.2 
_diffrn_source.pdbx_synchrotron_site       ALS 
# 
_reflns.B_iso_Wilson_estimate            93.990 
_reflns.entry_id                         7JIP 
_reflns.data_reduction_details           ? 
_reflns.data_reduction_method            ? 
_reflns.d_resolution_high                3.150 
_reflns.d_resolution_low                 50.000 
_reflns.details                          ? 
_reflns.limit_h_max                      ? 
_reflns.limit_h_min                      ? 
_reflns.limit_k_max                      ? 
_reflns.limit_k_min                      ? 
_reflns.limit_l_max                      ? 
_reflns.limit_l_min                      ? 
_reflns.number_all                       ? 
_reflns.number_obs                       3586 
_reflns.observed_criterion               ? 
_reflns.observed_criterion_F_max         ? 
_reflns.observed_criterion_F_min         ? 
_reflns.observed_criterion_I_max         ? 
_reflns.observed_criterion_I_min         ? 
_reflns.observed_criterion_sigma_F       ? 
_reflns.observed_criterion_sigma_I       ? 
_reflns.percent_possible_obs             89.000 
_reflns.R_free_details                   ? 
_reflns.Rmerge_F_all                     ? 
_reflns.Rmerge_F_obs                     ? 
_reflns.Friedel_coverage                 ? 
_reflns.number_gt                        ? 
_reflns.threshold_expression             ? 
_reflns.pdbx_redundancy                  9.300 
_reflns.pdbx_Rmerge_I_obs                0.076 
_reflns.pdbx_Rmerge_I_all                ? 
_reflns.pdbx_Rsym_value                  ? 
_reflns.pdbx_netI_over_av_sigmaI         ? 
_reflns.pdbx_netI_over_sigmaI            5.500 
_reflns.pdbx_res_netI_over_av_sigmaI_2   ? 
_reflns.pdbx_res_netI_over_sigmaI_2      ? 
_reflns.pdbx_chi_squared                 0.864 
_reflns.pdbx_scaling_rejects             ? 
_reflns.pdbx_d_res_high_opt              ? 
_reflns.pdbx_d_res_low_opt               ? 
_reflns.pdbx_d_res_opt_method            ? 
_reflns.phase_calculation_details        ? 
_reflns.pdbx_Rrim_I_all                  0.080 
_reflns.pdbx_Rpim_I_all                  0.025 
_reflns.pdbx_d_opt                       ? 
_reflns.pdbx_number_measured_all         ? 
_reflns.pdbx_diffrn_id                   1 
_reflns.pdbx_ordinal                     1 
_reflns.pdbx_CC_half                     0.997 
_reflns.pdbx_CC_star                     ? 
_reflns.pdbx_R_split                     ? 
# 
loop_
_reflns_shell.d_res_high 
_reflns_shell.d_res_low 
_reflns_shell.meanI_over_sigI_all 
_reflns_shell.meanI_over_sigI_obs 
_reflns_shell.number_measured_all 
_reflns_shell.number_measured_obs 
_reflns_shell.number_possible 
_reflns_shell.number_unique_all 
_reflns_shell.number_unique_obs 
_reflns_shell.percent_possible_all 
_reflns_shell.percent_possible_obs 
_reflns_shell.Rmerge_F_all 
_reflns_shell.Rmerge_F_obs 
_reflns_shell.Rmerge_I_all 
_reflns_shell.Rmerge_I_obs 
_reflns_shell.meanI_over_sigI_gt 
_reflns_shell.meanI_over_uI_all 
_reflns_shell.meanI_over_uI_gt 
_reflns_shell.number_measured_gt 
_reflns_shell.number_unique_gt 
_reflns_shell.percent_possible_gt 
_reflns_shell.Rmerge_F_gt 
_reflns_shell.Rmerge_I_gt 
_reflns_shell.pdbx_redundancy 
_reflns_shell.pdbx_Rsym_value 
_reflns_shell.pdbx_chi_squared 
_reflns_shell.pdbx_netI_over_sigmaI_all 
_reflns_shell.pdbx_netI_over_sigmaI_obs 
_reflns_shell.pdbx_Rrim_I_all 
_reflns_shell.pdbx_Rpim_I_all 
_reflns_shell.pdbx_rejects 
_reflns_shell.pdbx_ordinal 
_reflns_shell.pdbx_diffrn_id 
_reflns_shell.pdbx_CC_half 
_reflns_shell.pdbx_CC_star 
_reflns_shell.pdbx_R_split 
3.150 3.200  ? ? ? ? ? ? 102 52.000  ? ? ? ? 0.290 ? ? ? ? ? ? ? ? 6.300  ? 0.497 ? ? 0.311 0.110 ? 1  1 0.974 ? ? 
3.200 3.260  ? ? ? ? ? ? 109 55.300  ? ? ? ? 0.452 ? ? ? ? ? ? ? ? 6.300  ? 0.468 ? ? 0.485 0.168 ? 2  1 0.921 ? ? 
3.260 3.330  ? ? ? ? ? ? 147 68.400  ? ? ? ? 0.342 ? ? ? ? ? ? ? ? 7.100  ? 0.562 ? ? 0.365 0.123 ? 3  1 0.976 ? ? 
3.330 3.390  ? ? ? ? ? ? 136 71.200  ? ? ? ? 0.317 ? ? ? ? ? ? ? ? 7.800  ? 0.531 ? ? 0.337 0.112 ? 4  1 0.983 ? ? 
3.390 3.470  ? ? ? ? ? ? 151 73.700  ? ? ? ? 0.340 ? ? ? ? ? ? ? ? 8.400  ? 0.501 ? ? 0.361 0.116 ? 5  1 0.977 ? ? 
3.470 3.550  ? ? ? ? ? ? 169 82.800  ? ? ? ? 0.331 ? ? ? ? ? ? ? ? 8.400  ? 0.461 ? ? 0.350 0.113 ? 6  1 0.977 ? ? 
3.550 3.640  ? ? ? ? ? ? 183 91.500  ? ? ? ? 0.547 ? ? ? ? ? ? ? ? 7.900  ? 0.457 ? ? 0.582 0.194 ? 7  1 0.935 ? ? 
3.640 3.730  ? ? ? ? ? ? 195 92.900  ? ? ? ? 0.671 ? ? ? ? ? ? ? ? 8.200  ? 0.458 ? ? 0.713 0.236 ? 8  1 0.871 ? ? 
3.730 3.840  ? ? ? ? ? ? 187 93.500  ? ? ? ? 0.827 ? ? ? ? ? ? ? ? 8.000  ? 0.476 ? ? 0.880 0.299 ? 9  1 0.788 ? ? 
3.840 3.970  ? ? ? ? ? ? 192 99.500  ? ? ? ? 0.509 ? ? ? ? ? ? ? ? 9.200  ? 0.492 ? ? 0.537 0.171 ? 10 1 0.917 ? ? 
3.970 4.110  ? ? ? ? ? ? 196 98.500  ? ? ? ? 0.393 ? ? ? ? ? ? ? ? 9.500  ? 0.508 ? ? 0.414 0.130 ? 11 1 0.963 ? ? 
4.110 4.270  ? ? ? ? ? ? 206 100.000 ? ? ? ? 0.304 ? ? ? ? ? ? ? ? 10.500 ? 0.523 ? ? 0.319 0.096 ? 12 1 0.971 ? ? 
4.270 4.470  ? ? ? ? ? ? 197 100.000 ? ? ? ? 0.270 ? ? ? ? ? ? ? ? 10.500 ? 0.512 ? ? 0.283 0.086 ? 13 1 0.982 ? ? 
4.470 4.700  ? ? ? ? ? ? 203 100.000 ? ? ? ? 0.244 ? ? ? ? ? ? ? ? 10.600 ? 0.532 ? ? 0.256 0.078 ? 14 1 0.980 ? ? 
4.700 5.000  ? ? ? ? ? ? 198 100.000 ? ? ? ? 0.173 ? ? ? ? ? ? ? ? 10.100 ? 0.592 ? ? 0.182 0.058 ? 15 1 0.993 ? ? 
5.000 5.380  ? ? ? ? ? ? 204 100.000 ? ? ? ? 0.105 ? ? ? ? ? ? ? ? 10.200 ? 0.935 ? ? 0.111 0.035 ? 16 1 0.997 ? ? 
5.380 5.930  ? ? ? ? ? ? 205 100.000 ? ? ? ? 0.089 ? ? ? ? ? ? ? ? 11.100 ? 1.313 ? ? 0.093 0.028 ? 17 1 0.996 ? ? 
5.930 6.780  ? ? ? ? ? ? 201 100.000 ? ? ? ? 0.079 ? ? ? ? ? ? ? ? 10.900 ? 1.307 ? ? 0.083 0.025 ? 18 1 0.996 ? ? 
6.780 8.540  ? ? ? ? ? ? 199 100.000 ? ? ? ? 0.071 ? ? ? ? ? ? ? ? 10.000 ? 1.839 ? ? 0.075 0.024 ? 19 1 0.998 ? ? 
8.540 50.000 ? ? ? ? ? ? 206 100.000 ? ? ? ? 0.056 ? ? ? ? ? ? ? ? 10.600 ? 2.614 ? ? 0.059 0.018 ? 20 1 0.999 ? ? 
# 
_refine.aniso_B[1][1]                            ? 
_refine.aniso_B[1][2]                            ? 
_refine.aniso_B[1][3]                            ? 
_refine.aniso_B[2][2]                            ? 
_refine.aniso_B[2][3]                            ? 
_refine.aniso_B[3][3]                            ? 
_refine.B_iso_max                                220.900 
_refine.B_iso_mean                               121.5000 
_refine.B_iso_min                                80.240 
_refine.correlation_coeff_Fo_to_Fc               ? 
_refine.correlation_coeff_Fo_to_Fc_free          ? 
_refine.details                                  ? 
_refine.diff_density_max                         ? 
_refine.diff_density_max_esd                     ? 
_refine.diff_density_min                         ? 
_refine.diff_density_min_esd                     ? 
_refine.diff_density_rms                         ? 
_refine.diff_density_rms_esd                     ? 
_refine.entry_id                                 7JIP 
_refine.pdbx_refine_id                           'X-RAY DIFFRACTION' 
_refine.ls_abs_structure_details                 ? 
_refine.ls_abs_structure_Flack                   ? 
_refine.ls_abs_structure_Flack_esd               ? 
_refine.ls_abs_structure_Rogers                  ? 
_refine.ls_abs_structure_Rogers_esd              ? 
_refine.ls_d_res_high                            3.1630 
_refine.ls_d_res_low                             44.0570 
_refine.ls_extinction_coef                       ? 
_refine.ls_extinction_coef_esd                   ? 
_refine.ls_extinction_expression                 ? 
_refine.ls_extinction_method                     ? 
_refine.ls_goodness_of_fit_all                   ? 
_refine.ls_goodness_of_fit_all_esd               ? 
_refine.ls_goodness_of_fit_obs                   ? 
_refine.ls_goodness_of_fit_obs_esd               ? 
_refine.ls_hydrogen_treatment                    ? 
_refine.ls_matrix_type                           ? 
_refine.ls_number_constraints                    ? 
_refine.ls_number_parameters                     ? 
_refine.ls_number_reflns_all                     ? 
_refine.ls_number_reflns_obs                     3580 
_refine.ls_number_reflns_R_free                  368 
_refine.ls_number_reflns_R_work                  3212 
_refine.ls_number_restraints                     ? 
_refine.ls_percent_reflns_obs                    88.9200 
_refine.ls_percent_reflns_R_free                 10.2800 
_refine.ls_R_factor_all                          ? 
_refine.ls_R_factor_obs                          0.2164 
_refine.ls_R_factor_R_free                       0.2361 
_refine.ls_R_factor_R_free_error                 ? 
_refine.ls_R_factor_R_free_error_details         ? 
_refine.ls_R_factor_R_work                       0.2140 
_refine.ls_R_Fsqd_factor_obs                     ? 
_refine.ls_R_I_factor_obs                        ? 
_refine.ls_redundancy_reflns_all                 ? 
_refine.ls_redundancy_reflns_obs                 ? 
_refine.ls_restrained_S_all                      ? 
_refine.ls_restrained_S_obs                      ? 
_refine.ls_shift_over_esd_max                    ? 
_refine.ls_shift_over_esd_mean                   ? 
_refine.ls_structure_factor_coef                 ? 
_refine.ls_weighting_details                     ? 
_refine.ls_weighting_scheme                      ? 
_refine.ls_wR_factor_all                         ? 
_refine.ls_wR_factor_obs                         ? 
_refine.ls_wR_factor_R_free                      ? 
_refine.ls_wR_factor_R_work                      ? 
_refine.occupancy_max                            ? 
_refine.occupancy_min                            ? 
_refine.solvent_model_details                    'FLAT BULK SOLVENT MODEL' 
_refine.solvent_model_param_bsol                 ? 
_refine.solvent_model_param_ksol                 ? 
_refine.pdbx_R_complete                          ? 
_refine.ls_R_factor_gt                           ? 
_refine.ls_goodness_of_fit_gt                    ? 
_refine.ls_goodness_of_fit_ref                   ? 
_refine.ls_shift_over_su_max                     ? 
_refine.ls_shift_over_su_max_lt                  ? 
_refine.ls_shift_over_su_mean                    ? 
_refine.ls_shift_over_su_mean_lt                 ? 
_refine.pdbx_ls_sigma_I                          ? 
_refine.pdbx_ls_sigma_F                          2.010 
_refine.pdbx_ls_sigma_Fsqd                       ? 
_refine.pdbx_data_cutoff_high_absF               ? 
_refine.pdbx_data_cutoff_high_rms_absF           ? 
_refine.pdbx_data_cutoff_low_absF                ? 
_refine.pdbx_isotropic_thermal_model             ? 
_refine.pdbx_ls_cross_valid_method               THROUGHOUT 
_refine.pdbx_method_to_determine_struct          'MOLECULAR REPLACEMENT' 
_refine.pdbx_starting_model                      6XNA 
_refine.pdbx_stereochemistry_target_values       ML 
_refine.pdbx_R_Free_selection_details            ? 
_refine.pdbx_stereochem_target_val_spec_case     ? 
_refine.pdbx_overall_ESU_R                       ? 
_refine.pdbx_overall_ESU_R_Free                  ? 
_refine.pdbx_solvent_vdw_probe_radii             1.1100 
_refine.pdbx_solvent_ion_probe_radii             ? 
_refine.pdbx_solvent_shrinkage_radii             0.9000 
_refine.pdbx_real_space_R                        ? 
_refine.pdbx_density_correlation                 ? 
_refine.pdbx_pd_number_of_powder_patterns        ? 
_refine.pdbx_pd_number_of_points                 ? 
_refine.pdbx_pd_meas_number_of_points            ? 
_refine.pdbx_pd_proc_ls_prof_R_factor            ? 
_refine.pdbx_pd_proc_ls_prof_wR_factor           ? 
_refine.pdbx_pd_Marquardt_correlation_coeff      ? 
_refine.pdbx_pd_Fsqrd_R_factor                   ? 
_refine.pdbx_pd_ls_matrix_band_width             ? 
_refine.pdbx_overall_phase_error                 43.4600 
_refine.pdbx_overall_SU_R_free_Cruickshank_DPI   ? 
_refine.pdbx_overall_SU_R_free_Blow_DPI          ? 
_refine.pdbx_overall_SU_R_Blow_DPI               ? 
_refine.pdbx_TLS_residual_ADP_flag               ? 
_refine.pdbx_diffrn_id                           1 
_refine.overall_SU_B                             ? 
_refine.overall_SU_ML                            0.2200 
_refine.overall_SU_R_Cruickshank_DPI             ? 
_refine.overall_SU_R_free                        ? 
_refine.overall_FOM_free_R_set                   ? 
_refine.overall_FOM_work_R_set                   ? 
_refine.pdbx_average_fsc_overall                 ? 
_refine.pdbx_average_fsc_work                    ? 
_refine.pdbx_average_fsc_free                    ? 
# 
_refine_hist.pdbx_refine_id                   'X-RAY DIFFRACTION' 
_refine_hist.cycle_id                         final 
_refine_hist.details                          ? 
_refine_hist.d_res_high                       3.1630 
_refine_hist.d_res_low                        44.0570 
_refine_hist.number_atoms_solvent             0 
_refine_hist.number_atoms_total               856 
_refine_hist.number_reflns_all                ? 
_refine_hist.number_reflns_obs                ? 
_refine_hist.number_reflns_R_free             ? 
_refine_hist.number_reflns_R_work             ? 
_refine_hist.R_factor_all                     ? 
_refine_hist.R_factor_obs                     ? 
_refine_hist.R_factor_R_free                  ? 
_refine_hist.R_factor_R_work                  ? 
_refine_hist.pdbx_number_residues_total       42 
_refine_hist.pdbx_B_iso_mean_ligand           192.30 
_refine_hist.pdbx_B_iso_mean_solvent          ? 
_refine_hist.pdbx_number_atoms_protein        0 
_refine_hist.pdbx_number_atoms_nucleic_acid   855 
_refine_hist.pdbx_number_atoms_ligand         1 
_refine_hist.pdbx_number_atoms_lipid          ? 
_refine_hist.pdbx_number_atoms_carb           ? 
_refine_hist.pdbx_pseudo_atom_details         ? 
# 
loop_
_refine_ls_restr.pdbx_refine_id 
_refine_ls_restr.criterion 
_refine_ls_restr.dev_ideal 
_refine_ls_restr.dev_ideal_target 
_refine_ls_restr.number 
_refine_ls_restr.rejects 
_refine_ls_restr.type 
_refine_ls_restr.weight 
_refine_ls_restr.pdbx_restraint_function 
'X-RAY DIFFRACTION' ? 0.005  ? 956  ? f_bond_d           ? ? 
'X-RAY DIFFRACTION' ? 0.658  ? 1467 ? f_angle_d          ? ? 
'X-RAY DIFFRACTION' ? 0.032  ? 166  ? f_chiral_restr     ? ? 
'X-RAY DIFFRACTION' ? 0.004  ? 42   ? f_plane_restr      ? ? 
'X-RAY DIFFRACTION' ? 33.850 ? 406  ? f_dihedral_angle_d ? ? 
# 
loop_
_refine_ls_shell.pdbx_refine_id 
_refine_ls_shell.d_res_high 
_refine_ls_shell.d_res_low 
_refine_ls_shell.number_reflns_all 
_refine_ls_shell.number_reflns_obs 
_refine_ls_shell.number_reflns_R_free 
_refine_ls_shell.number_reflns_R_work 
_refine_ls_shell.percent_reflns_obs 
_refine_ls_shell.percent_reflns_R_free 
_refine_ls_shell.R_factor_all 
_refine_ls_shell.R_factor_obs 
_refine_ls_shell.R_factor_R_free 
_refine_ls_shell.R_factor_R_free_error 
_refine_ls_shell.R_factor_R_work 
_refine_ls_shell.redundancy_reflns_all 
_refine_ls_shell.redundancy_reflns_obs 
_refine_ls_shell.wR_factor_all 
_refine_ls_shell.wR_factor_obs 
_refine_ls_shell.wR_factor_R_free 
_refine_ls_shell.wR_factor_R_work 
_refine_ls_shell.pdbx_R_complete 
_refine_ls_shell.pdbx_total_number_of_bins_used 
_refine_ls_shell.pdbx_phase_error 
_refine_ls_shell.pdbx_fsc_work 
_refine_ls_shell.pdbx_fsc_free 
'X-RAY DIFFRACTION' 3.1634 3.6209 . . 98  839  70.0000  . . . 0.3090 0.0000 0.2787 . . . . . . . . . . . 
'X-RAY DIFFRACTION' 3.6209 4.5612 . . 132 1183 97.0000  . . . 0.3545 0.0000 0.3643 . . . . . . . . . . . 
'X-RAY DIFFRACTION' 4.5612 44.057 . . 138 1190 100.0000 . . . 0.2024 0.0000 0.1709 . . . . . . . . . . . 
# 
_struct.entry_id                     7JIP 
_struct.title                        
;Self-assembly of a 3D DNA crystal lattice (4x6 scramble junction version) containing the J22 immobile Holliday junction with R3 symmetry
;
_struct.pdbx_model_details           ? 
_struct.pdbx_formula_weight          ? 
_struct.pdbx_formula_weight_method   ? 
_struct.pdbx_model_type_details      ? 
_struct.pdbx_CASP_flag               N 
# 
_struct_keywords.entry_id        7JIP 
_struct_keywords.text            
'Structural DNA nanotechnology, immobile Holliday junctions, 3D DNA self-assembly, designer DNA crystals, DNA' 
_struct_keywords.pdbx_keywords   DNA 
# 
loop_
_struct_asym.id 
_struct_asym.pdbx_blank_PDB_chainid_flag 
_struct_asym.pdbx_modified 
_struct_asym.entity_id 
_struct_asym.details 
A N N 1 ? 
B N N 2 ? 
C N N 3 ? 
D N N 4 ? 
E N N 5 ? 
# 
loop_
_struct_conn.id 
_struct_conn.conn_type_id 
_struct_conn.pdbx_leaving_atom_flag 
_struct_conn.pdbx_PDB_id 
_struct_conn.ptnr1_label_asym_id 
_struct_conn.ptnr1_label_comp_id 
_struct_conn.ptnr1_label_seq_id 
_struct_conn.ptnr1_label_atom_id 
_struct_conn.pdbx_ptnr1_label_alt_id 
_struct_conn.pdbx_ptnr1_PDB_ins_code 
_struct_conn.pdbx_ptnr1_standard_comp_id 
_struct_conn.ptnr1_symmetry 
_struct_conn.ptnr2_label_asym_id 
_struct_conn.ptnr2_label_comp_id 
_struct_conn.ptnr2_label_seq_id 
_struct_conn.ptnr2_label_atom_id 
_struct_conn.pdbx_ptnr2_label_alt_id 
_struct_conn.pdbx_ptnr2_PDB_ins_code 
_struct_conn.ptnr1_auth_asym_id 
_struct_conn.ptnr1_auth_comp_id 
_struct_conn.ptnr1_auth_seq_id 
_struct_conn.ptnr2_auth_asym_id 
_struct_conn.ptnr2_auth_comp_id 
_struct_conn.ptnr2_auth_seq_id 
_struct_conn.ptnr2_symmetry 
_struct_conn.pdbx_ptnr3_label_atom_id 
_struct_conn.pdbx_ptnr3_label_seq_id 
_struct_conn.pdbx_ptnr3_label_comp_id 
_struct_conn.pdbx_ptnr3_label_asym_id 
_struct_conn.pdbx_ptnr3_label_alt_id 
_struct_conn.pdbx_ptnr3_PDB_ins_code 
_struct_conn.details 
_struct_conn.pdbx_dist_value 
_struct_conn.pdbx_value_order 
_struct_conn.pdbx_role 
hydrog1  hydrog ? ? A DA 3  N1 ? ? ? 1_555 D DT 15 N3 ? ? A DA 3  D DT 16 1_555 ? ? ? ? ? ? WATSON-CRICK ? ? ? 
hydrog2  hydrog ? ? A DA 3  N6 ? ? ? 1_555 D DT 15 O4 ? ? A DA 3  D DT 16 1_555 ? ? ? ? ? ? WATSON-CRICK ? ? ? 
hydrog3  hydrog ? ? A DC 4  N3 ? ? ? 1_555 D DG 14 N1 ? ? A DC 4  D DG 15 1_555 ? ? ? ? ? ? WATSON-CRICK ? ? ? 
hydrog4  hydrog ? ? A DC 4  N4 ? ? ? 1_555 D DG 14 O6 ? ? A DC 4  D DG 15 1_555 ? ? ? ? ? ? WATSON-CRICK ? ? ? 
hydrog5  hydrog ? ? A DC 4  O2 ? ? ? 1_555 D DG 14 N2 ? ? A DC 4  D DG 15 1_555 ? ? ? ? ? ? WATSON-CRICK ? ? ? 
hydrog6  hydrog ? ? A DG 5  N1 ? ? ? 1_555 D DC 13 N3 ? ? A DG 5  D DC 14 1_555 ? ? ? ? ? ? WATSON-CRICK ? ? ? 
hydrog7  hydrog ? ? A DG 5  N2 ? ? ? 1_555 D DC 13 O2 ? ? A DG 5  D DC 14 1_555 ? ? ? ? ? ? WATSON-CRICK ? ? ? 
hydrog8  hydrog ? ? A DG 5  O6 ? ? ? 1_555 D DC 13 N4 ? ? A DG 5  D DC 14 1_555 ? ? ? ? ? ? WATSON-CRICK ? ? ? 
hydrog9  hydrog ? ? A DA 6  N1 ? ? ? 1_555 D DT 12 N3 ? ? A DA 6  D DT 13 1_555 ? ? ? ? ? ? WATSON-CRICK ? ? ? 
hydrog10 hydrog ? ? A DA 6  N6 ? ? ? 1_555 D DT 12 O4 ? ? A DA 6  D DT 13 1_555 ? ? ? ? ? ? WATSON-CRICK ? ? ? 
hydrog11 hydrog ? ? A DC 7  N3 ? ? ? 1_555 D DG 11 N1 ? ? A DC 7  D DG 12 1_555 ? ? ? ? ? ? WATSON-CRICK ? ? ? 
hydrog12 hydrog ? ? A DC 7  N4 ? ? ? 1_555 D DG 11 O6 ? ? A DC 7  D DG 12 1_555 ? ? ? ? ? ? WATSON-CRICK ? ? ? 
hydrog13 hydrog ? ? A DC 7  O2 ? ? ? 1_555 D DG 11 N2 ? ? A DC 7  D DG 12 1_555 ? ? ? ? ? ? WATSON-CRICK ? ? ? 
hydrog14 hydrog ? ? A DA 8  N1 ? ? ? 1_555 D DT 10 N3 ? ? A DA 8  D DT 11 1_555 ? ? ? ? ? ? WATSON-CRICK ? ? ? 
hydrog15 hydrog ? ? A DA 8  N6 ? ? ? 1_555 D DT 10 O4 ? ? A DA 8  D DT 11 1_555 ? ? ? ? ? ? WATSON-CRICK ? ? ? 
hydrog16 hydrog ? ? A DC 9  N3 ? ? ? 1_555 D DG 9  N1 ? ? A DC 9  D DG 10 1_555 ? ? ? ? ? ? WATSON-CRICK ? ? ? 
hydrog17 hydrog ? ? A DC 9  N4 ? ? ? 1_555 D DG 9  O6 ? ? A DC 9  D DG 10 1_555 ? ? ? ? ? ? WATSON-CRICK ? ? ? 
hydrog18 hydrog ? ? A DC 9  O2 ? ? ? 1_555 D DG 9  N2 ? ? A DC 9  D DG 10 1_555 ? ? ? ? ? ? WATSON-CRICK ? ? ? 
hydrog19 hydrog ? ? A DT 10 N3 ? ? ? 1_555 C DA 3  N1 ? ? A DT 10 C DA 2  1_555 ? ? ? ? ? ? 'DT-DA PAIR' ? ? ? 
hydrog20 hydrog ? ? A DG 11 N1 ? ? ? 1_555 C DC 2  N3 ? ? A DG 11 C DC 1  1_555 ? ? ? ? ? ? WATSON-CRICK ? ? ? 
hydrog21 hydrog ? ? A DG 11 N2 ? ? ? 1_555 C DC 2  O2 ? ? A DG 11 C DC 1  1_555 ? ? ? ? ? ? WATSON-CRICK ? ? ? 
hydrog22 hydrog ? ? A DG 11 O6 ? ? ? 1_555 C DC 2  N4 ? ? A DG 11 C DC 1  1_555 ? ? ? ? ? ? WATSON-CRICK ? ? ? 
hydrog23 hydrog ? ? A DA 12 N1 ? ? ? 1_555 C DT 1  N3 ? ? A DA 12 C DT 0  1_555 ? ? ? ? ? ? WATSON-CRICK ? ? ? 
hydrog24 hydrog ? ? A DA 12 N6 ? ? ? 1_555 C DT 1  O4 ? ? A DA 12 C DT 0  1_555 ? ? ? ? ? ? WATSON-CRICK ? ? ? 
hydrog25 hydrog ? ? B DC 1  N3 ? ? ? 1_555 C DG 6  N1 ? ? B DC 12 C DG 5  1_555 ? ? ? ? ? ? WATSON-CRICK ? ? ? 
hydrog26 hydrog ? ? B DC 1  N4 ? ? ? 1_555 C DG 6  O6 ? ? B DC 12 C DG 5  1_555 ? ? ? ? ? ? WATSON-CRICK ? ? ? 
hydrog27 hydrog ? ? B DC 1  O2 ? ? ? 1_555 C DG 6  N2 ? ? B DC 12 C DG 5  1_555 ? ? ? ? ? ? WATSON-CRICK ? ? ? 
hydrog28 hydrog ? ? B DG 2  N1 ? ? ? 1_555 C DC 5  N3 ? ? B DG 13 C DC 4  1_555 ? ? ? ? ? ? WATSON-CRICK ? ? ? 
hydrog29 hydrog ? ? B DG 2  N2 ? ? ? 1_555 C DC 5  O2 ? ? B DG 13 C DC 4  1_555 ? ? ? ? ? ? WATSON-CRICK ? ? ? 
hydrog30 hydrog ? ? B DG 2  O6 ? ? ? 1_555 C DC 5  N4 ? ? B DG 13 C DC 4  1_555 ? ? ? ? ? ? WATSON-CRICK ? ? ? 
hydrog31 hydrog ? ? B DG 3  N1 ? ? ? 1_555 C DC 4  N3 ? ? B DG 14 C DC 3  1_555 ? ? ? ? ? ? WATSON-CRICK ? ? ? 
hydrog32 hydrog ? ? B DG 3  N2 ? ? ? 1_555 C DC 4  O2 ? ? B DG 14 C DC 3  1_555 ? ? ? ? ? ? WATSON-CRICK ? ? ? 
hydrog33 hydrog ? ? B DG 3  O6 ? ? ? 1_555 C DC 4  N4 ? ? B DG 14 C DC 3  1_555 ? ? ? ? ? ? WATSON-CRICK ? ? ? 
hydrog34 hydrog ? ? B DC 4  N3 ? ? ? 1_555 D DG 8  N1 ? ? B DC 15 D DG 9  1_555 ? ? ? ? ? ? WATSON-CRICK ? ? ? 
hydrog35 hydrog ? ? B DC 4  N4 ? ? ? 1_555 D DG 8  O6 ? ? B DC 15 D DG 9  1_555 ? ? ? ? ? ? WATSON-CRICK ? ? ? 
hydrog36 hydrog ? ? B DC 4  O2 ? ? ? 1_555 D DG 8  N2 ? ? B DC 15 D DG 9  1_555 ? ? ? ? ? ? WATSON-CRICK ? ? ? 
hydrog37 hydrog ? ? B DG 5  N1 ? ? ? 1_555 D DC 7  N3 ? ? B DG 16 D DC 8  1_555 ? ? ? ? ? ? WATSON-CRICK ? ? ? 
hydrog38 hydrog ? ? B DG 5  N2 ? ? ? 1_555 D DC 7  O2 ? ? B DG 16 D DC 8  1_555 ? ? ? ? ? ? WATSON-CRICK ? ? ? 
hydrog39 hydrog ? ? B DG 5  O6 ? ? ? 1_555 D DC 7  N4 ? ? B DG 16 D DC 8  1_555 ? ? ? ? ? ? WATSON-CRICK ? ? ? 
hydrog40 hydrog ? ? B DA 6  N1 ? ? ? 1_555 D DT 6  N3 ? ? B DA 17 D DT 7  1_555 ? ? ? ? ? ? WATSON-CRICK ? ? ? 
hydrog41 hydrog ? ? B DA 6  N6 ? ? ? 1_555 D DT 6  O4 ? ? B DA 17 D DT 7  1_555 ? ? ? ? ? ? WATSON-CRICK ? ? ? 
hydrog42 hydrog ? ? B DC 7  N3 ? ? ? 1_555 D DG 5  N1 ? ? B DC 18 D DG 6  1_555 ? ? ? ? ? ? WATSON-CRICK ? ? ? 
hydrog43 hydrog ? ? B DC 7  N4 ? ? ? 1_555 D DG 5  O6 ? ? B DC 18 D DG 6  1_555 ? ? ? ? ? ? WATSON-CRICK ? ? ? 
hydrog44 hydrog ? ? B DC 7  O2 ? ? ? 1_555 D DG 5  N2 ? ? B DC 18 D DG 6  1_555 ? ? ? ? ? ? WATSON-CRICK ? ? ? 
hydrog45 hydrog ? ? B DT 8  N3 ? ? ? 1_555 D DA 4  N1 ? ? B DT 19 D DA 5  1_555 ? ? ? ? ? ? WATSON-CRICK ? ? ? 
hydrog46 hydrog ? ? B DT 8  O4 ? ? ? 1_555 D DA 4  N6 ? ? B DT 19 D DA 5  1_555 ? ? ? ? ? ? WATSON-CRICK ? ? ? 
hydrog47 hydrog ? ? B DC 9  O2 ? ? ? 1_555 D DG 3  N2 ? ? B DC 20 D DG 4  1_555 ? ? ? ? ? ? 'DC-DG PAIR' ? ? ? 
# 
_struct_conn_type.id          hydrog 
_struct_conn_type.criteria    ? 
_struct_conn_type.reference   ? 
# 
_atom_sites.entry_id                    7JIP 
_atom_sites.Cartn_transf_matrix[1][1]   ? 
_atom_sites.Cartn_transf_matrix[1][2]   ? 
_atom_sites.Cartn_transf_matrix[1][3]   ? 
_atom_sites.Cartn_transf_matrix[2][1]   ? 
_atom_sites.Cartn_transf_matrix[2][2]   ? 
_atom_sites.Cartn_transf_matrix[2][3]   ? 
_atom_sites.Cartn_transf_matrix[3][1]   ? 
_atom_sites.Cartn_transf_matrix[3][2]   ? 
_atom_sites.Cartn_transf_matrix[3][3]   ? 
_atom_sites.Cartn_transf_vector[1]      ? 
_atom_sites.Cartn_transf_vector[2]      ? 
_atom_sites.Cartn_transf_vector[3]      ? 
_atom_sites.fract_transf_matrix[1][1]   0.00197518 
_atom_sites.fract_transf_matrix[1][2]   0.00977648 
_atom_sites.fract_transf_matrix[1][3]   -0.00221312 
_atom_sites.fract_transf_matrix[2][1]   -0.00724037 
_atom_sites.fract_transf_matrix[2][2]   0.00584631 
_atom_sites.fract_transf_matrix[2][3]   -0.00421721 
_atom_sites.fract_transf_matrix[3][1]   -0.00634292 
_atom_sites.fract_transf_matrix[3][2]   0.00546015 
_atom_sites.fract_transf_matrix[3][3]   0.01845930 
_atom_sites.fract_transf_vector[1]      0.327542 
_atom_sites.fract_transf_vector[2]      0.159613 
_atom_sites.fract_transf_vector[3]      -0.084030 
_atom_sites.solution_primary            ? 
_atom_sites.solution_secondary          ? 
_atom_sites.solution_hydrogens          ? 
_atom_sites.special_details             ? 
# 
loop_
_atom_type.symbol 
AS 
C  
N  
O  
P  
# 
loop_
_atom_site.group_PDB 
_atom_site.id 
_atom_site.type_symbol 
_atom_site.label_atom_id 
_atom_site.label_alt_id 
_atom_site.label_comp_id 
_atom_site.label_asym_id 
_atom_site.label_entity_id 
_atom_site.label_seq_id 
_atom_site.pdbx_PDB_ins_code 
_atom_site.Cartn_x 
_atom_site.Cartn_y 
_atom_site.Cartn_z 
_atom_site.occupancy 
_atom_site.B_iso_or_equiv 
_atom_site.pdbx_formal_charge 
_atom_site.auth_seq_id 
_atom_site.auth_comp_id 
_atom_site.auth_asym_id 
_atom_site.auth_atom_id 
_atom_site.pdbx_PDB_model_num 
ATOM   1   O  "O5'" . DG  A 1 1  ? -16.934 -6.489  18.721  1.00 150.69 ? 1   DG  A "O5'" 1 
ATOM   2   C  "C5'" . DG  A 1 1  ? -17.897 -7.463  19.113  1.00 142.66 ? 1   DG  A "C5'" 1 
ATOM   3   C  "C4'" . DG  A 1 1  ? -18.732 -7.898  17.925  1.00 137.58 ? 1   DG  A "C4'" 1 
ATOM   4   O  "O4'" . DG  A 1 1  ? -19.768 -6.933  17.685  1.00 129.75 ? 1   DG  A "O4'" 1 
ATOM   5   C  "C3'" . DG  A 1 1  ? -17.973 -7.969  16.615  1.00 139.55 ? 1   DG  A "C3'" 1 
ATOM   6   O  "O3'" . DG  A 1 1  ? -17.404 -9.259  16.462  1.00 148.84 ? 1   DG  A "O3'" 1 
ATOM   7   C  "C2'" . DG  A 1 1  ? -19.051 -7.695  15.555  1.00 132.63 ? 1   DG  A "C2'" 1 
ATOM   8   C  "C1'" . DG  A 1 1  ? -20.203 -7.067  16.354  1.00 125.30 ? 1   DG  A "C1'" 1 
ATOM   9   N  N9    . DG  A 1 1  ? -20.631 -5.753  15.874  1.00 117.16 ? 1   DG  A N9    1 
ATOM   10  C  C8    . DG  A 1 1  ? -20.770 -4.608  16.625  1.00 117.22 ? 1   DG  A C8    1 
ATOM   11  N  N7    . DG  A 1 1  ? -21.184 -3.581  15.937  1.00 115.25 ? 1   DG  A N7    1 
ATOM   12  C  C5    . DG  A 1 1  ? -21.334 -4.072  14.647  1.00 115.99 ? 1   DG  A C5    1 
ATOM   13  C  C6    . DG  A 1 1  ? -21.758 -3.415  13.468  1.00 114.18 ? 1   DG  A C6    1 
ATOM   14  O  O6    . DG  A 1 1  ? -22.094 -2.228  13.326  1.00 111.21 ? 1   DG  A O6    1 
ATOM   15  N  N1    . DG  A 1 1  ? -21.769 -4.279  12.374  1.00 114.22 ? 1   DG  A N1    1 
ATOM   16  C  C2    . DG  A 1 1  ? -21.410 -5.607  12.413  1.00 118.14 ? 1   DG  A C2    1 
ATOM   17  N  N2    . DG  A 1 1  ? -21.494 -6.277  11.254  1.00 118.63 ? 1   DG  A N2    1 
ATOM   18  N  N3    . DG  A 1 1  ? -21.018 -6.240  13.514  1.00 117.80 ? 1   DG  A N3    1 
ATOM   19  C  C4    . DG  A 1 1  ? -21.000 -5.412  14.591  1.00 116.55 ? 1   DG  A C4    1 
ATOM   20  P  P     . DA  A 1 2  ? -15.929 -9.417  15.847  1.00 155.41 ? 2   DA  A P     1 
ATOM   21  O  OP1   . DA  A 1 2  ? -15.494 -10.811 16.104  1.00 152.24 ? 2   DA  A OP1   1 
ATOM   22  O  OP2   . DA  A 1 2  ? -15.119 -8.276  16.331  1.00 144.94 ? 2   DA  A OP2   1 
ATOM   23  O  "O5'" . DA  A 1 2  ? -16.143 -9.210  14.275  1.00 145.96 ? 2   DA  A "O5'" 1 
ATOM   24  C  "C5'" . DA  A 1 2  ? -17.071 -10.020 13.567  1.00 142.25 ? 2   DA  A "C5'" 1 
ATOM   25  C  "C4'" . DA  A 1 2  ? -17.277 -9.503  12.153  1.00 144.25 ? 2   DA  A "C4'" 1 
ATOM   26  O  "O4'" . DA  A 1 2  ? -17.996 -8.244  12.194  1.00 140.07 ? 2   DA  A "O4'" 1 
ATOM   27  C  "C3'" . DA  A 1 2  ? -15.998 -9.236  11.365  1.00 145.32 ? 2   DA  A "C3'" 1 
ATOM   28  O  "O3'" . DA  A 1 2  ? -16.178 -9.607  10.002  1.00 149.05 ? 2   DA  A "O3'" 1 
ATOM   29  C  "C2'" . DA  A 1 2  ? -15.804 -7.731  11.518  1.00 139.34 ? 2   DA  A "C2'" 1 
ATOM   30  C  "C1'" . DA  A 1 2  ? -17.240 -7.231  11.568  1.00 132.74 ? 2   DA  A "C1'" 1 
ATOM   31  N  N9    . DA  A 1 2  ? -17.402 -6.015  12.349  1.00 127.83 ? 2   DA  A N9    1 
ATOM   32  C  C8    . DA  A 1 2  ? -17.083 -5.834  13.665  1.00 127.38 ? 2   DA  A C8    1 
ATOM   33  N  N7    . DA  A 1 2  ? -17.351 -4.632  14.113  1.00 124.06 ? 2   DA  A N7    1 
ATOM   34  C  C5    . DA  A 1 2  ? -17.882 -3.982  13.013  1.00 123.78 ? 2   DA  A C5    1 
ATOM   35  C  C6    . DA  A 1 2  ? -18.366 -2.673  12.825  1.00 122.19 ? 2   DA  A C6    1 
ATOM   36  N  N6    . DA  A 1 2  ? -18.387 -1.754  13.791  1.00 120.30 ? 2   DA  A N6    1 
ATOM   37  N  N1    . DA  A 1 2  ? -18.826 -2.345  11.601  1.00 122.82 ? 2   DA  A N1    1 
ATOM   38  C  C2    . DA  A 1 2  ? -18.804 -3.269  10.636  1.00 124.30 ? 2   DA  A C2    1 
ATOM   39  N  N3    . DA  A 1 2  ? -18.374 -4.528  10.693  1.00 126.10 ? 2   DA  A N3    1 
ATOM   40  C  C4    . DA  A 1 2  ? -17.924 -4.822  11.919  1.00 126.49 ? 2   DA  A C4    1 
ATOM   41  P  P     . DA  A 1 3  ? -14.905 -9.944  9.080   1.00 160.10 ? 3   DA  A P     1 
ATOM   42  O  OP1   . DA  A 1 3  ? -15.236 -11.154 8.299   1.00 158.69 ? 3   DA  A OP1   1 
ATOM   43  O  OP2   . DA  A 1 3  ? -13.697 -9.953  9.934   1.00 155.64 ? 3   DA  A OP2   1 
ATOM   44  O  "O5'" . DA  A 1 3  ? -14.815 -8.697  8.084   1.00 146.96 ? 3   DA  A "O5'" 1 
ATOM   45  C  "C5'" . DA  A 1 3  ? -15.738 -8.588  7.018   1.00 146.00 ? 3   DA  A "C5'" 1 
ATOM   46  C  "C4'" . DA  A 1 3  ? -15.830 -7.158  6.533   1.00 144.86 ? 3   DA  A "C4'" 1 
ATOM   47  O  "O4'" . DA  A 1 3  ? -16.145 -6.281  7.641   1.00 143.37 ? 3   DA  A "O4'" 1 
ATOM   48  C  "C3'" . DA  A 1 3  ? -14.551 -6.601  5.898   1.00 143.33 ? 3   DA  A "C3'" 1 
ATOM   49  O  "O3'" . DA  A 1 3  ? -14.849 -6.118  4.593   1.00 143.36 ? 3   DA  A "O3'" 1 
ATOM   50  C  "C2'" . DA  A 1 3  ? -14.130 -5.465  6.845   1.00 141.93 ? 3   DA  A "C2'" 1 
ATOM   51  C  "C1'" . DA  A 1 3  ? -15.465 -5.067  7.451   1.00 139.66 ? 3   DA  A "C1'" 1 
ATOM   52  N  N9    . DA  A 1 3  ? -15.369 -4.385  8.743   1.00 135.63 ? 3   DA  A N9    1 
ATOM   53  C  C8    . DA  A 1 3  ? -14.933 -4.916  9.925   1.00 134.85 ? 3   DA  A C8    1 
ATOM   54  N  N7    . DA  A 1 3  ? -14.977 -4.075  10.931  1.00 131.17 ? 3   DA  A N7    1 
ATOM   55  C  C5    . DA  A 1 3  ? -15.484 -2.913  10.372  1.00 131.84 ? 3   DA  A C5    1 
ATOM   56  C  C6    . DA  A 1 3  ? -15.775 -1.646  10.916  1.00 131.97 ? 3   DA  A C6    1 
ATOM   57  N  N6    . DA  A 1 3  ? -15.582 -1.338  12.198  1.00 128.45 ? 3   DA  A N6    1 
ATOM   58  N  N1    . DA  A 1 3  ? -16.273 -0.707  10.088  1.00 129.95 ? 3   DA  A N1    1 
ATOM   59  C  C2    . DA  A 1 3  ? -16.466 -1.019  8.804   1.00 130.17 ? 3   DA  A C2    1 
ATOM   60  N  N3    . DA  A 1 3  ? -16.232 -2.172  8.178   1.00 132.20 ? 3   DA  A N3    1 
ATOM   61  C  C4    . DA  A 1 3  ? -15.737 -3.087  9.027   1.00 133.29 ? 3   DA  A C4    1 
ATOM   62  P  P     . DC  A 1 4  ? -13.680 -5.928  3.508   1.00 146.33 ? 4   DC  A P     1 
ATOM   63  O  OP1   . DC  A 1 4  ? -14.163 -6.441  2.206   1.00 144.61 ? 4   DC  A OP1   1 
ATOM   64  O  OP2   . DC  A 1 4  ? -12.444 -6.482  4.099   1.00 147.62 ? 4   DC  A OP2   1 
ATOM   65  O  "O5'" . DC  A 1 4  ? -13.518 -4.344  3.404   1.00 143.87 ? 4   DC  A "O5'" 1 
ATOM   66  C  "C5'" . DC  A 1 4  ? -14.648 -3.541  3.111   1.00 142.40 ? 4   DC  A "C5'" 1 
ATOM   67  C  "C4'" . DC  A 1 4  ? -14.318 -2.072  3.280   1.00 142.95 ? 4   DC  A "C4'" 1 
ATOM   68  O  "O4'" . DC  A 1 4  ? -14.389 -1.715  4.684   1.00 142.77 ? 4   DC  A "O4'" 1 
ATOM   69  C  "C3'" . DC  A 1 4  ? -12.920 -1.664  2.805   1.00 140.87 ? 4   DC  A "C3'" 1 
ATOM   70  O  "O3'" . DC  A 1 4  ? -13.003 -0.445  2.074   1.00 142.50 ? 4   DC  A "O3'" 1 
ATOM   71  C  "C2'" . DC  A 1 4  ? -12.147 -1.488  4.113   1.00 139.11 ? 4   DC  A "C2'" 1 
ATOM   72  C  "C1'" . DC  A 1 4  ? -13.244 -0.977  5.029   1.00 136.18 ? 4   DC  A "C1'" 1 
ATOM   73  N  N1    . DC  A 1 4  ? -12.980 -1.181  6.475   1.00 133.47 ? 4   DC  A N1    1 
ATOM   74  C  C2    . DC  A 1 4  ? -13.238 -0.138  7.370   1.00 129.90 ? 4   DC  A C2    1 
ATOM   75  O  O2    . DC  A 1 4  ? -13.672 0.938   6.935   1.00 129.03 ? 4   DC  A O2    1 
ATOM   76  N  N3    . DC  A 1 4  ? -13.002 -0.333  8.689   1.00 129.94 ? 4   DC  A N3    1 
ATOM   77  C  C4    . DC  A 1 4  ? -12.534 -1.506  9.118   1.00 133.87 ? 4   DC  A C4    1 
ATOM   78  N  N4    . DC  A 1 4  ? -12.317 -1.648  10.429  1.00 133.50 ? 4   DC  A N4    1 
ATOM   79  C  C5    . DC  A 1 4  ? -12.267 -2.586  8.221   1.00 135.25 ? 4   DC  A C5    1 
ATOM   80  C  C6    . DC  A 1 4  ? -12.503 -2.381  6.920   1.00 134.83 ? 4   DC  A C6    1 
ATOM   81  P  P     . DG  A 1 5  ? -11.891 -0.067  0.976   1.00 150.14 ? 5   DG  A P     1 
ATOM   82  O  OP1   . DG  A 1 5  ? -12.516 -0.147  -0.364  1.00 146.27 ? 5   DG  A OP1   1 
ATOM   83  O  OP2   . DG  A 1 5  ? -10.684 -0.875  1.247   1.00 144.36 ? 5   DG  A OP2   1 
ATOM   84  O  "O5'" . DG  A 1 5  ? -11.562 1.463   1.303   1.00 144.29 ? 5   DG  A "O5'" 1 
ATOM   85  C  "C5'" . DG  A 1 5  ? -12.628 2.398   1.432   1.00 141.35 ? 5   DG  A "C5'" 1 
ATOM   86  C  "C4'" . DG  A 1 5  ? -12.238 3.566   2.322   1.00 145.29 ? 5   DG  A "C4'" 1 
ATOM   87  O  "O4'" . DG  A 1 5  ? -12.137 3.123   3.702   1.00 143.36 ? 5   DG  A "O4'" 1 
ATOM   88  C  "C3'" . DG  A 1 5  ? -10.903 4.228   1.991   1.00 142.04 ? 5   DG  A "C3'" 1 
ATOM   89  O  "O3'" . DG  A 1 5  ? -11.008 5.632   2.161   1.00 139.37 ? 5   DG  A "O3'" 1 
ATOM   90  C  "C2'" . DG  A 1 5  ? -9.954  3.613   3.016   1.00 136.60 ? 5   DG  A "C2'" 1 
ATOM   91  C  "C1'" . DG  A 1 5  ? -10.870 3.465   4.221   1.00 131.47 ? 5   DG  A "C1'" 1 
ATOM   92  N  N9    . DG  A 1 5  ? -10.455 2.412   5.145   1.00 126.68 ? 5   DG  A N9    1 
ATOM   93  C  C8    . DG  A 1 5  ? -10.029 1.149   4.818   1.00 131.69 ? 5   DG  A C8    1 
ATOM   94  N  N7    . DG  A 1 5  ? -9.723  0.418   5.854   1.00 129.09 ? 5   DG  A N7    1 
ATOM   95  C  C5    . DG  A 1 5  ? -9.963  1.248   6.940   1.00 128.95 ? 5   DG  A C5    1 
ATOM   96  C  C6    . DG  A 1 5  ? -9.812  1.002   8.325   1.00 127.53 ? 5   DG  A C6    1 
ATOM   97  O  O6    . DG  A 1 5  ? -9.421  -0.035  8.884   1.00 125.20 ? 5   DG  A O6    1 
ATOM   98  N  N1    . DG  A 1 5  ? -10.164 2.113   9.088   1.00 126.85 ? 5   DG  A N1    1 
ATOM   99  C  C2    . DG  A 1 5  ? -10.607 3.309   8.575   1.00 128.16 ? 5   DG  A C2    1 
ATOM   100 N  N2    . DG  A 1 5  ? -10.900 4.266   9.467   1.00 130.92 ? 5   DG  A N2    1 
ATOM   101 N  N3    . DG  A 1 5  ? -10.755 3.553   7.277   1.00 124.92 ? 5   DG  A N3    1 
ATOM   102 C  C4    . DG  A 1 5  ? -10.414 2.481   6.522   1.00 127.39 ? 5   DG  A C4    1 
ATOM   103 P  P     . DA  A 1 6  ? -10.153 6.625   1.235   1.00 148.09 ? 6   DA  A P     1 
ATOM   104 O  OP1   . DA  A 1 6  ? -11.066 7.222   0.240   1.00 147.96 ? 6   DA  A OP1   1 
ATOM   105 O  OP2   . DA  A 1 6  ? -8.957  5.886   0.777   1.00 146.15 ? 6   DA  A OP2   1 
ATOM   106 O  "O5'" . DA  A 1 6  ? -9.692  7.771   2.241   1.00 144.03 ? 6   DA  A "O5'" 1 
ATOM   107 C  "C5'" . DA  A 1 6  ? -10.634 8.350   3.119   1.00 139.49 ? 6   DA  A "C5'" 1 
ATOM   108 C  "C4'" . DA  A 1 6  ? -9.961  8.764   4.407   1.00 140.34 ? 6   DA  A "C4'" 1 
ATOM   109 O  "O4'" . DA  A 1 6  ? -9.764  7.597   5.244   1.00 136.65 ? 6   DA  A "O4'" 1 
ATOM   110 C  "C3'" . DA  A 1 6  ? -8.581  9.404   4.225   1.00 138.84 ? 6   DA  A "C3'" 1 
ATOM   111 O  "O3'" . DA  A 1 6  ? -8.527  10.639  4.920   1.00 140.94 ? 6   DA  A "O3'" 1 
ATOM   112 C  "C2'" . DA  A 1 6  ? -7.612  8.373   4.813   1.00 136.33 ? 6   DA  A "C2'" 1 
ATOM   113 C  "C1'" . DA  A 1 6  ? -8.486  7.652   5.825   1.00 130.45 ? 6   DA  A "C1'" 1 
ATOM   114 N  N9    . DA  A 1 6  ? -8.042  6.285   6.111   1.00 124.43 ? 6   DA  A N9    1 
ATOM   115 C  C8    . DA  A 1 6  ? -7.728  5.312   5.203   1.00 124.90 ? 6   DA  A C8    1 
ATOM   116 N  N7    . DA  A 1 6  ? -7.357  4.176   5.747   1.00 120.95 ? 6   DA  A N7    1 
ATOM   117 C  C5    . DA  A 1 6  ? -7.431  4.419   7.107   1.00 122.90 ? 6   DA  A C5    1 
ATOM   118 C  C6    . DA  A 1 6  ? -7.164  3.610   8.231   1.00 118.48 ? 6   DA  A C6    1 
ATOM   119 N  N6    . DA  A 1 6  ? -6.752  2.342   8.141   1.00 115.70 ? 6   DA  A N6    1 
ATOM   120 N  N1    . DA  A 1 6  ? -7.338  4.156   9.450   1.00 121.57 ? 6   DA  A N1    1 
ATOM   121 C  C2    . DA  A 1 6  ? -7.750  5.426   9.535   1.00 124.86 ? 6   DA  A C2    1 
ATOM   122 N  N3    . DA  A 1 6  ? -8.033  6.285   8.553   1.00 124.71 ? 6   DA  A N3    1 
ATOM   123 C  C4    . DA  A 1 6  ? -7.851  5.713   7.353   1.00 124.89 ? 6   DA  A C4    1 
ATOM   124 P  P     . DC  A 1 7  ? -7.162  11.487  4.964   1.00 156.35 ? 7   DC  A P     1 
ATOM   125 O  OP1   . DC  A 1 7  ? -7.521  12.905  5.184   1.00 152.94 ? 7   DC  A OP1   1 
ATOM   126 O  OP2   . DC  A 1 7  ? -6.365  11.111  3.776   1.00 157.10 ? 7   DC  A OP2   1 
ATOM   127 O  "O5'" . DC  A 1 7  ? -6.421  10.938  6.271   1.00 145.11 ? 7   DC  A "O5'" 1 
ATOM   128 C  "C5'" . DC  A 1 7  ? -7.165  10.750  7.474   1.00 141.14 ? 7   DC  A "C5'" 1 
ATOM   129 C  "C4'" . DC  A 1 7  ? -6.337  10.042  8.534   1.00 135.82 ? 7   DC  A "C4'" 1 
ATOM   130 O  "O4'" . DC  A 1 7  ? -6.226  8.641   8.220   1.00 132.47 ? 7   DC  A "O4'" 1 
ATOM   131 C  "C3'" . DC  A 1 7  ? -4.899  10.545  8.685   1.00 135.03 ? 7   DC  A "C3'" 1 
ATOM   132 O  "O3'" . DC  A 1 7  ? -4.768  11.280  9.886   1.00 140.18 ? 7   DC  A "O3'" 1 
ATOM   133 C  "C2'" . DC  A 1 7  ? -4.042  9.268   8.719   1.00 131.77 ? 7   DC  A "C2'" 1 
ATOM   134 C  "C1'" . DC  A 1 7  ? -5.073  8.155   8.849   1.00 127.67 ? 7   DC  A "C1'" 1 
ATOM   135 N  N1    . DC  A 1 7  ? -4.658  6.892   8.182   1.00 120.49 ? 7   DC  A N1    1 
ATOM   136 C  C2    . DC  A 1 7  ? -4.295  5.783   8.957   1.00 118.70 ? 7   DC  A C2    1 
ATOM   137 O  O2    . DC  A 1 7  ? -4.336  5.867   10.192  1.00 118.49 ? 7   DC  A O2    1 
ATOM   138 N  N3    . DC  A 1 7  ? -3.913  4.643   8.329   1.00 113.64 ? 7   DC  A N3    1 
ATOM   139 C  C4    . DC  A 1 7  ? -3.883  4.592   6.996   1.00 112.07 ? 7   DC  A C4    1 
ATOM   140 N  N4    . DC  A 1 7  ? -3.500  3.447   6.422   1.00 105.13 ? 7   DC  A N4    1 
ATOM   141 C  C5    . DC  A 1 7  ? -4.244  5.713   6.191   1.00 112.55 ? 7   DC  A C5    1 
ATOM   142 C  C6    . DC  A 1 7  ? -4.619  6.831   6.821   1.00 117.68 ? 7   DC  A C6    1 
ATOM   143 P  P     . DA  A 1 8  ? -3.654  12.431  10.006  1.00 148.17 ? 8   DA  A P     1 
ATOM   144 O  OP1   . DA  A 1 8  ? -3.968  13.240  11.203  1.00 147.59 ? 8   DA  A OP1   1 
ATOM   145 O  OP2   . DA  A 1 8  ? -3.550  13.092  8.686   1.00 147.63 ? 8   DA  A OP2   1 
ATOM   146 O  "O5'" . DA  A 1 8  ? -2.296  11.632  10.286  1.00 134.21 ? 8   DA  A "O5'" 1 
ATOM   147 C  "C5'" . DA  A 1 8  ? -1.723  11.642  11.591  1.00 134.14 ? 8   DA  A "C5'" 1 
ATOM   148 C  "C4'" . DA  A 1 8  ? -1.904  10.300  12.266  1.00 133.57 ? 8   DA  A "C4'" 1 
ATOM   149 O  "O4'" . DA  A 1 8  ? -2.036  9.284   11.262  1.00 125.96 ? 8   DA  A "O4'" 1 
ATOM   150 C  "C3'" . DA  A 1 8  ? -0.728  9.858   13.132  1.00 133.83 ? 8   DA  A "C3'" 1 
ATOM   151 O  "O3'" . DA  A 1 8  ? -1.023  10.075  14.507  1.00 140.93 ? 8   DA  A "O3'" 1 
ATOM   152 C  "C2'" . DA  A 1 8  ? -0.555  8.360   12.821  1.00 124.86 ? 8   DA  A "C2'" 1 
ATOM   153 C  "C1'" . DA  A 1 8  ? -1.675  8.060   11.832  1.00 122.41 ? 8   DA  A "C1'" 1 
ATOM   154 N  N9    . DA  A 1 8  ? -1.303  7.142   10.756  1.00 118.09 ? 8   DA  A N9    1 
ATOM   155 C  C8    . DA  A 1 8  ? -1.361  7.393   9.415   1.00 115.21 ? 8   DA  A C8    1 
ATOM   156 N  N7    . DA  A 1 8  ? -0.988  6.383   8.668   1.00 110.81 ? 8   DA  A N7    1 
ATOM   157 C  C5    . DA  A 1 8  ? -0.662  5.394   9.580   1.00 108.75 ? 8   DA  A C5    1 
ATOM   158 C  C6    . DA  A 1 8  ? -0.193  4.075   9.421   1.00 107.40 ? 8   DA  A C6    1 
ATOM   159 N  N6    . DA  A 1 8  ? 0.035   3.515   8.229   1.00 105.80 ? 8   DA  A N6    1 
ATOM   160 N  N1    . DA  A 1 8  ? 0.035   3.353   10.537  1.00 107.38 ? 8   DA  A N1    1 
ATOM   161 C  C2    . DA  A 1 8  ? -0.192  3.919   11.728  1.00 108.45 ? 8   DA  A C2    1 
ATOM   162 N  N3    . DA  A 1 8  ? -0.635  5.147   12.004  1.00 107.77 ? 8   DA  A N3    1 
ATOM   163 C  C4    . DA  A 1 8  ? -0.849  5.843   10.874  1.00 111.79 ? 8   DA  A C4    1 
ATOM   164 P  P     . DC  A 1 9  ? 0.166   10.114  15.587  1.00 147.45 ? 9   DC  A P     1 
ATOM   165 O  OP1   . DC  A 1 9  ? -0.383  10.637  16.858  1.00 150.79 ? 9   DC  A OP1   1 
ATOM   166 O  OP2   . DC  A 1 9  ? 1.324   10.778  14.947  1.00 143.46 ? 9   DC  A OP2   1 
ATOM   167 O  "O5'" . DC  A 1 9  ? 0.551   8.576   15.789  1.00 133.64 ? 9   DC  A "O5'" 1 
ATOM   168 C  "C5'" . DC  A 1 9  ? 1.794   8.230   16.378  1.00 135.45 ? 9   DC  A "C5'" 1 
ATOM   169 C  "C4'" . DC  A 1 9  ? 1.991   6.725   16.377  1.00 133.40 ? 9   DC  A "C4'" 1 
ATOM   170 O  "O4'" . DC  A 1 9  ? 1.593   6.178   15.087  1.00 131.39 ? 9   DC  A "O4'" 1 
ATOM   171 C  "C3'" . DC  A 1 9  ? 3.430   6.261   16.581  1.00 135.53 ? 9   DC  A "C3'" 1 
ATOM   172 O  "O3'" . DC  A 1 9  ? 3.423   4.986   17.239  1.00 142.48 ? 9   DC  A "O3'" 1 
ATOM   173 C  "C2'" . DC  A 1 9  ? 3.921   6.151   15.145  1.00 129.68 ? 9   DC  A "C2'" 1 
ATOM   174 C  "C1'" . DC  A 1 9  ? 2.701   5.518   14.504  1.00 124.75 ? 9   DC  A "C1'" 1 
ATOM   175 N  N1    . DC  A 1 9  ? 2.632   5.675   13.023  1.00 118.42 ? 9   DC  A N1    1 
ATOM   176 C  C2    . DC  A 1 9  ? 2.827   4.560   12.201  1.00 112.05 ? 9   DC  A C2    1 
ATOM   177 O  O2    . DC  A 1 9  ? 3.056   3.461   12.719  1.00 115.87 ? 9   DC  A O2    1 
ATOM   178 N  N3    . DC  A 1 9  ? 2.751   4.716   10.855  1.00 105.78 ? 9   DC  A N3    1 
ATOM   179 C  C4    . DC  A 1 9  ? 2.494   5.917   10.334  1.00 109.76 ? 9   DC  A C4    1 
ATOM   180 N  N4    . DC  A 1 9  ? 2.434   6.022   9.002   1.00 107.33 ? 9   DC  A N4    1 
ATOM   181 C  C5    . DC  A 1 9  ? 2.295   7.066   11.156  1.00 112.44 ? 9   DC  A C5    1 
ATOM   182 C  C6    . DC  A 1 9  ? 2.375   6.899   12.481  1.00 117.68 ? 9   DC  A C6    1 
ATOM   183 P  P     . DT  A 1 10 ? 4.746   4.073   17.301  1.00 144.36 ? 10  DT  A P     1 
ATOM   184 O  OP1   . DT  A 1 10 ? 4.530   3.024   18.327  1.00 144.36 ? 10  DT  A OP1   1 
ATOM   185 O  OP2   . DT  A 1 10 ? 5.909   4.981   17.412  1.00 134.96 ? 10  DT  A OP2   1 
ATOM   186 O  "O5'" . DT  A 1 10 ? 4.794   3.365   15.865  1.00 138.07 ? 10  DT  A "O5'" 1 
ATOM   187 C  "C5'" . DT  A 1 10 ? 4.416   2.002   15.722  1.00 137.60 ? 10  DT  A "C5'" 1 
ATOM   188 C  "C4'" . DT  A 1 10 ? 5.608   1.153   15.306  1.00 140.86 ? 10  DT  A "C4'" 1 
ATOM   189 O  "O4'" . DT  A 1 10 ? 5.759   1.178   13.859  1.00 146.79 ? 10  DT  A "O4'" 1 
ATOM   190 C  "C3'" . DT  A 1 10 ? 6.952   1.602   15.869  1.00 139.73 ? 10  DT  A "C3'" 1 
ATOM   191 O  "O3'" . DT  A 1 10 ? 7.767   0.465   16.102  1.00 140.17 ? 10  DT  A "O3'" 1 
ATOM   192 C  "C2'" . DT  A 1 10 ? 7.510   2.469   14.740  1.00 134.40 ? 10  DT  A "C2'" 1 
ATOM   193 C  "C1'" . DT  A 1 10 ? 7.033   1.699   13.517  1.00 132.22 ? 10  DT  A "C1'" 1 
ATOM   194 N  N1    . DT  A 1 10 ? 6.882   2.529   12.269  1.00 121.89 ? 10  DT  A N1    1 
ATOM   195 C  C2    . DT  A 1 10 ? 7.210   1.970   11.053  1.00 115.39 ? 10  DT  A C2    1 
ATOM   196 O  O2    . DT  A 1 10 ? 7.640   0.835   10.931  1.00 116.02 ? 10  DT  A O2    1 
ATOM   197 N  N3    . DT  A 1 10 ? 7.021   2.791   9.974   1.00 111.87 ? 10  DT  A N3    1 
ATOM   198 C  C4    . DT  A 1 10 ? 6.540   4.087   9.982   1.00 115.85 ? 10  DT  A C4    1 
ATOM   199 O  O4    . DT  A 1 10 ? 6.409   4.744   8.954   1.00 112.66 ? 10  DT  A O4    1 
ATOM   200 C  C5    . DT  A 1 10 ? 6.211   4.617   11.287  1.00 118.83 ? 10  DT  A C5    1 
ATOM   201 C  C7    . DT  A 1 10 ? 5.688   6.019   11.421  1.00 114.82 ? 10  DT  A C7    1 
ATOM   202 C  C6    . DT  A 1 10 ? 6.391   3.820   12.356  1.00 122.27 ? 10  DT  A C6    1 
ATOM   203 P  P     . DG  A 1 11 ? 8.871   0.476   17.268  1.00 152.79 ? 11  DG  A P     1 
ATOM   204 O  OP1   . DG  A 1 11 ? 8.406   -0.436  18.340  1.00 151.78 ? 11  DG  A OP1   1 
ATOM   205 O  OP2   . DG  A 1 11 ? 9.160   1.896   17.581  1.00 149.49 ? 11  DG  A OP2   1 
ATOM   206 O  "O5'" . DG  A 1 11 ? 10.162  -0.156  16.564  1.00 145.62 ? 11  DG  A "O5'" 1 
ATOM   207 C  "C5'" . DG  A 1 11 ? 10.007  -1.098  15.502  1.00 142.53 ? 11  DG  A "C5'" 1 
ATOM   208 C  "C4'" . DG  A 1 11 ? 11.043  -0.858  14.416  1.00 137.61 ? 11  DG  A "C4'" 1 
ATOM   209 O  "O4'" . DG  A 1 11 ? 10.501  0.027   13.395  1.00 134.97 ? 11  DG  A "O4'" 1 
ATOM   210 C  "C3'" . DG  A 1 11 ? 12.335  -0.197  14.904  1.00 132.96 ? 11  DG  A "C3'" 1 
ATOM   211 O  "O3'" . DG  A 1 11 ? 13.460  -0.898  14.408  1.00 133.76 ? 11  DG  A "O3'" 1 
ATOM   212 C  "C2'" . DG  A 1 11 ? 12.257  1.216   14.325  1.00 128.20 ? 11  DG  A "C2'" 1 
ATOM   213 C  "C1'" . DG  A 1 11 ? 11.489  0.965   13.042  1.00 125.23 ? 11  DG  A "C1'" 1 
ATOM   214 N  N9    . DG  A 1 11 ? 10.856  2.169   12.497  1.00 116.09 ? 11  DG  A N9    1 
ATOM   215 C  C8    . DG  A 1 11 ? 10.325  3.218   13.212  1.00 119.44 ? 11  DG  A C8    1 
ATOM   216 N  N7    . DG  A 1 11 ? 9.835   4.167   12.462  1.00 117.94 ? 11  DG  A N7    1 
ATOM   217 C  C5    . DG  A 1 11 ? 10.067  3.731   11.164  1.00 114.90 ? 11  DG  A C5    1 
ATOM   218 C  C6    . DG  A 1 11 ? 9.756   4.350   9.926   1.00 108.89 ? 11  DG  A C6    1 
ATOM   219 O  O6    . DG  A 1 11 ? 9.195   5.439   9.732   1.00 110.56 ? 11  DG  A O6    1 
ATOM   220 N  N1    . DG  A 1 11 ? 10.161  3.572   8.844   1.00 103.70 ? 11  DG  A N1    1 
ATOM   221 C  C2    . DG  A 1 11 ? 10.790  2.354   8.945   1.00 104.41 ? 11  DG  A C2    1 
ATOM   222 N  N2    . DG  A 1 11 ? 11.106  1.752   7.790   1.00 99.18  ? 11  DG  A N2    1 
ATOM   223 N  N3    . DG  A 1 11 ? 11.090  1.762   10.098  1.00 104.33 ? 11  DG  A N3    1 
ATOM   224 C  C4    . DG  A 1 11 ? 10.700  2.506   11.164  1.00 112.06 ? 11  DG  A C4    1 
ATOM   225 P  P     . DA  A 1 12 ? 14.753  -1.069  15.345  1.00 143.96 ? 12  DA  A P     1 
ATOM   226 O  OP1   . DA  A 1 12 ? 14.530  -2.241  16.218  1.00 135.00 ? 12  DA  A OP1   1 
ATOM   227 O  OP2   . DA  A 1 12 ? 14.997  0.256   15.954  1.00 131.34 ? 12  DA  A OP2   1 
ATOM   228 O  "O5'" . DA  A 1 12 ? 15.950  -1.376  14.328  1.00 134.31 ? 12  DA  A "O5'" 1 
ATOM   229 C  "C5'" . DA  A 1 12 ? 15.818  -2.398  13.345  1.00 125.71 ? 12  DA  A "C5'" 1 
ATOM   230 C  "C4'" . DA  A 1 12 ? 16.319  -1.902  12.000  1.00 118.24 ? 12  DA  A "C4'" 1 
ATOM   231 O  "O4'" . DA  A 1 12 ? 15.349  -0.994  11.452  1.00 118.04 ? 12  DA  A "O4'" 1 
ATOM   232 C  "C3'" . DA  A 1 12 ? 17.630  -1.130  12.069  1.00 120.37 ? 12  DA  A "C3'" 1 
ATOM   233 O  "O3'" . DA  A 1 12 ? 18.707  -1.965  11.650  1.00 120.71 ? 12  DA  A "O3'" 1 
ATOM   234 C  "C2'" . DA  A 1 12 ? 17.444  0.070   11.125  1.00 114.89 ? 12  DA  A "C2'" 1 
ATOM   235 C  "C1'" . DA  A 1 12 ? 15.983  -0.010  10.677  1.00 110.01 ? 12  DA  A "C1'" 1 
ATOM   236 N  N9    . DA  A 1 12 ? 15.252  1.242   10.866  1.00 107.31 ? 12  DA  A N9    1 
ATOM   237 C  C8    . DA  A 1 12 ? 14.910  1.826   12.056  1.00 112.09 ? 12  DA  A C8    1 
ATOM   238 N  N7    . DA  A 1 12 ? 14.243  2.950   11.921  1.00 113.79 ? 12  DA  A N7    1 
ATOM   239 C  C5    . DA  A 1 12 ? 14.137  3.110   10.550  1.00 107.59 ? 12  DA  A C5    1 
ATOM   240 C  C6    . DA  A 1 12 ? 13.541  4.108   9.752   1.00 103.13 ? 12  DA  A C6    1 
ATOM   241 N  N6    . DA  A 1 12 ? 12.912  5.172   10.254  1.00 99.78  ? 12  DA  A N6    1 
ATOM   242 N  N1    . DA  A 1 12 ? 13.612  3.966   8.414   1.00 101.14 ? 12  DA  A N1    1 
ATOM   243 C  C2    . DA  A 1 12 ? 14.241  2.897   7.915   1.00 103.77 ? 12  DA  A C2    1 
ATOM   244 N  N3    . DA  A 1 12 ? 14.840  1.896   8.560   1.00 97.45  ? 12  DA  A N3    1 
ATOM   245 C  C4    . DA  A 1 12 ? 14.749  2.063   9.886   1.00 104.10 ? 12  DA  A C4    1 
ATOM   246 P  P     . DC  B 2 1  ? 21.911  -3.073  -8.460  1.00 138.74 ? 12  DC  B P     1 
ATOM   247 O  OP1   . DC  B 2 1  ? 22.782  -1.967  -8.914  1.00 138.84 ? 12  DC  B OP1   1 
ATOM   248 O  OP2   . DC  B 2 1  ? 22.340  -3.938  -7.337  1.00 124.15 ? 12  DC  B OP2   1 
ATOM   249 O  "O5'" . DC  B 2 1  ? 20.465  -2.481  -8.125  1.00 126.89 ? 12  DC  B "O5'" 1 
ATOM   250 C  "C5'" . DC  B 2 1  ? 19.352  -2.809  -8.950  1.00 124.48 ? 12  DC  B "C5'" 1 
ATOM   251 C  "C4'" . DC  B 2 1  ? 19.220  -4.313  -9.112  1.00 115.83 ? 12  DC  B "C4'" 1 
ATOM   252 O  "O4'" . DC  B 2 1  ? 18.782  -4.890  -7.872  1.00 104.92 ? 12  DC  B "O4'" 1 
ATOM   253 C  "C3'" . DC  B 2 1  ? 18.179  -4.750  -10.135 1.00 115.59 ? 12  DC  B "C3'" 1 
ATOM   254 O  "O3'" . DC  B 2 1  ? 18.797  -4.994  -11.395 1.00 117.52 ? 12  DC  B "O3'" 1 
ATOM   255 C  "C2'" . DC  B 2 1  ? 17.576  -6.034  -9.546  1.00 110.86 ? 12  DC  B "C2'" 1 
ATOM   256 C  "C1'" . DC  B 2 1  ? 18.193  -6.135  -8.150  1.00 103.81 ? 12  DC  B "C1'" 1 
ATOM   257 N  N1    . DC  B 2 1  ? 17.214  -6.456  -7.065  1.00 97.36  ? 12  DC  B N1    1 
ATOM   258 C  C2    . DC  B 2 1  ? 16.543  -7.691  -7.061  1.00 100.36 ? 12  DC  B C2    1 
ATOM   259 O  O2    . DC  B 2 1  ? 16.754  -8.502  -7.971  1.00 100.06 ? 12  DC  B O2    1 
ATOM   260 N  N3    . DC  B 2 1  ? 15.674  -7.961  -6.056  1.00 100.14 ? 12  DC  B N3    1 
ATOM   261 C  C4    . DC  B 2 1  ? 15.471  -7.066  -5.090  1.00 102.64 ? 12  DC  B C4    1 
ATOM   262 N  N4    . DC  B 2 1  ? 14.604  -7.376  -4.118  1.00 105.84 ? 12  DC  B N4    1 
ATOM   263 C  C5    . DC  B 2 1  ? 16.146  -5.811  -5.077  1.00 97.20  ? 12  DC  B C5    1 
ATOM   264 C  C6    . DC  B 2 1  ? 17.000  -5.552  -6.071  1.00 96.18  ? 12  DC  B C6    1 
ATOM   265 P  P     . DG  B 2 2  ? 18.138  -4.412  -12.738 1.00 127.88 ? 13  DG  B P     1 
ATOM   266 O  OP1   . DG  B 2 2  ? 19.125  -4.573  -13.826 1.00 127.52 ? 13  DG  B OP1   1 
ATOM   267 O  OP2   . DG  B 2 2  ? 17.599  -3.069  -12.428 1.00 125.85 ? 13  DG  B OP2   1 
ATOM   268 O  "O5'" . DG  B 2 2  ? 16.896  -5.382  -13.012 1.00 124.59 ? 13  DG  B "O5'" 1 
ATOM   269 C  "C5'" . DG  B 2 2  ? 17.116  -6.741  -13.386 1.00 123.87 ? 13  DG  B "C5'" 1 
ATOM   270 C  "C4'" . DG  B 2 2  ? 15.939  -7.611  -12.970 1.00 121.98 ? 13  DG  B "C4'" 1 
ATOM   271 O  "O4'" . DG  B 2 2  ? 15.699  -7.439  -11.557 1.00 116.14 ? 13  DG  B "O4'" 1 
ATOM   272 C  "C3'" . DG  B 2 2  ? 14.607  -7.285  -13.666 1.00 123.87 ? 13  DG  B "C3'" 1 
ATOM   273 O  "O3'" . DG  B 2 2  ? 14.203  -8.360  -14.516 1.00 125.64 ? 13  DG  B "O3'" 1 
ATOM   274 C  "C2'" . DG  B 2 2  ? 13.608  -7.068  -12.519 1.00 121.79 ? 13  DG  B "C2'" 1 
ATOM   275 C  "C1'" . DG  B 2 2  ? 14.336  -7.630  -11.304 1.00 112.74 ? 13  DG  B "C1'" 1 
ATOM   276 N  N9    . DG  B 2 2  ? 13.991  -6.947  -10.057 1.00 104.45 ? 13  DG  B N9    1 
ATOM   277 C  C8    . DG  B 2 2  ? 14.384  -5.691  -9.663  1.00 100.52 ? 13  DG  B C8    1 
ATOM   278 N  N7    . DG  B 2 2  ? 13.917  -5.342  -8.497  1.00 96.59  ? 13  DG  B N7    1 
ATOM   279 C  C5    . DG  B 2 2  ? 13.157  -6.434  -8.097  1.00 100.49 ? 13  DG  B C5    1 
ATOM   280 C  C6    . DG  B 2 2  ? 12.405  -6.639  -6.918  1.00 100.94 ? 13  DG  B C6    1 
ATOM   281 O  O6    . DG  B 2 2  ? 12.254  -5.868  -5.961  1.00 101.97 ? 13  DG  B O6    1 
ATOM   282 N  N1    . DG  B 2 2  ? 11.784  -7.887  -6.912  1.00 98.45  ? 13  DG  B N1    1 
ATOM   283 C  C2    . DG  B 2 2  ? 11.881  -8.820  -7.917  1.00 98.35  ? 13  DG  B C2    1 
ATOM   284 N  N2    . DG  B 2 2  ? 11.211  -9.969  -7.734  1.00 89.88  ? 13  DG  B N2    1 
ATOM   285 N  N3    . DG  B 2 2  ? 12.584  -8.638  -9.027  1.00 97.46  ? 13  DG  B N3    1 
ATOM   286 C  C4    . DG  B 2 2  ? 13.195  -7.429  -9.048  1.00 99.70  ? 13  DG  B C4    1 
ATOM   287 P  P     . DG  B 2 3  ? 12.994  -8.152  -15.558 1.00 132.94 ? 14  DG  B P     1 
ATOM   288 O  OP1   . DG  B 2 3  ? 13.194  -9.095  -16.680 1.00 136.56 ? 14  DG  B OP1   1 
ATOM   289 O  OP2   . DG  B 2 3  ? 12.870  -6.704  -15.831 1.00 126.86 ? 14  DG  B OP2   1 
ATOM   290 O  "O5'" . DG  B 2 3  ? 11.693  -8.583  -14.736 1.00 118.68 ? 14  DG  B "O5'" 1 
ATOM   291 C  "C5'" . DG  B 2 3  ? 11.588  -9.894  -14.216 1.00 120.22 ? 14  DG  B "C5'" 1 
ATOM   292 C  "C4'" . DG  B 2 3  ? 10.504  -9.953  -13.164 1.00 118.40 ? 14  DG  B "C4'" 1 
ATOM   293 O  "O4'" . DG  B 2 3  ? 10.885  -9.135  -12.050 1.00 116.00 ? 14  DG  B "O4'" 1 
ATOM   294 C  "C3'" . DG  B 2 3  ? 9.157   -9.401  -13.611 1.00 116.16 ? 14  DG  B "C3'" 1 
ATOM   295 O  "O3'" . DG  B 2 3  ? 8.317   -10.463 -14.059 1.00 121.23 ? 14  DG  B "O3'" 1 
ATOM   296 C  "C2'" . DG  B 2 3  ? 8.592   -8.716  -12.353 1.00 113.36 ? 14  DG  B "C2'" 1 
ATOM   297 C  "C1'" . DG  B 2 3  ? 9.728   -8.818  -11.330 1.00 107.68 ? 14  DG  B "C1'" 1 
ATOM   298 N  N9    . DG  B 2 3  ? 9.962   -7.582  -10.589 1.00 100.67 ? 14  DG  B N9    1 
ATOM   299 C  C8    . DG  B 2 3  ? 10.757  -6.526  -10.960 1.00 102.35 ? 14  DG  B C8    1 
ATOM   300 N  N7    . DG  B 2 3  ? 10.771  -5.555  -10.089 1.00 101.62 ? 14  DG  B N7    1 
ATOM   301 C  C5    . DG  B 2 3  ? 9.927   -5.994  -9.080  1.00 98.89  ? 14  DG  B C5    1 
ATOM   302 C  C6    . DG  B 2 3  ? 9.548   -5.365  -7.871  1.00 96.73  ? 14  DG  B C6    1 
ATOM   303 O  O6    . DG  B 2 3  ? 9.896   -4.256  -7.440  1.00 89.93  ? 14  DG  B O6    1 
ATOM   304 N  N1    . DG  B 2 3  ? 8.671   -6.157  -7.132  1.00 93.25  ? 14  DG  B N1    1 
ATOM   305 C  C2    . DG  B 2 3  ? 8.222   -7.400  -7.515  1.00 91.65  ? 14  DG  B C2    1 
ATOM   306 N  N2    . DG  B 2 3  ? 7.379   -8.015  -6.672  1.00 87.12  ? 14  DG  B N2    1 
ATOM   307 N  N3    . DG  B 2 3  ? 8.572   -7.998  -8.644  1.00 92.01  ? 14  DG  B N3    1 
ATOM   308 C  C4    . DG  B 2 3  ? 9.425   -7.242  -9.372  1.00 96.55  ? 14  DG  B C4    1 
ATOM   309 P  P     . DC  B 2 4  ? 6.904   -10.140 -14.755 1.00 128.88 ? 15  DC  B P     1 
ATOM   310 O  OP1   . DC  B 2 4  ? 6.509   -11.324 -15.547 1.00 125.64 ? 15  DC  B OP1   1 
ATOM   311 O  OP2   . DC  B 2 4  ? 7.000   -8.821  -15.416 1.00 122.85 ? 15  DC  B OP2   1 
ATOM   312 O  "O5'" . DC  B 2 4  ? 5.901   -10.020 -13.523 1.00 115.12 ? 15  DC  B "O5'" 1 
ATOM   313 C  "C5'" . DC  B 2 4  ? 5.664   -11.153 -12.711 1.00 113.11 ? 15  DC  B "C5'" 1 
ATOM   314 C  "C4'" . DC  B 2 4  ? 4.879   -10.763 -11.479 1.00 113.59 ? 15  DC  B "C4'" 1 
ATOM   315 O  "O4'" . DC  B 2 4  ? 5.647   -9.832  -10.707 1.00 111.85 ? 15  DC  B "O4'" 1 
ATOM   316 C  "C3'" . DC  B 2 4  ? 3.584   -10.025 -11.762 1.00 114.63 ? 15  DC  B "C3'" 1 
ATOM   317 O  "O3'" . DC  B 2 4  ? 2.515   -10.947 -11.908 1.00 122.17 ? 15  DC  B "O3'" 1 
ATOM   318 C  "C2'" . DC  B 2 4  ? 3.390   -9.147  -10.521 1.00 107.55 ? 15  DC  B "C2'" 1 
ATOM   319 C  "C1'" . DC  B 2 4  ? 4.764   -9.130  -9.862  1.00 103.95 ? 15  DC  B "C1'" 1 
ATOM   320 N  N1    . DC  B 2 4  ? 5.305   -7.768  -9.619  1.00 100.48 ? 15  DC  B N1    1 
ATOM   321 C  C2    . DC  B 2 4  ? 4.944   -7.085  -8.455  1.00 97.00  ? 15  DC  B C2    1 
ATOM   322 O  O2    . DC  B 2 4  ? 4.161   -7.622  -7.660  1.00 94.28  ? 15  DC  B O2    1 
ATOM   323 N  N3    . DC  B 2 4  ? 5.461   -5.851  -8.231  1.00 92.68  ? 15  DC  B N3    1 
ATOM   324 C  C4    . DC  B 2 4  ? 6.302   -5.311  -9.115  1.00 95.08  ? 15  DC  B C4    1 
ATOM   325 N  N4    . DC  B 2 4  ? 6.788   -4.094  -8.855  1.00 93.77  ? 15  DC  B N4    1 
ATOM   326 C  C5    . DC  B 2 4  ? 6.679   -5.993  -10.307 1.00 99.10  ? 15  DC  B C5    1 
ATOM   327 C  C6    . DC  B 2 4  ? 6.165   -7.209  -10.514 1.00 102.43 ? 15  DC  B C6    1 
ATOM   328 P  P     . DG  B 2 5  ? 1.201   -10.516 -12.725 1.00 125.36 ? 16  DG  B P     1 
ATOM   329 O  OP1   . DG  B 2 5  ? 0.928   -11.575 -13.722 1.00 124.10 ? 16  DG  B OP1   1 
ATOM   330 O  OP2   . DG  B 2 5  ? 1.421   -9.120  -13.163 1.00 108.91 ? 16  DG  B OP2   1 
ATOM   331 O  "O5'" . DG  B 2 5  ? 0.024   -10.501 -11.632 1.00 118.46 ? 16  DG  B "O5'" 1 
ATOM   332 C  "C5'" . DG  B 2 5  ? 0.302   -10.780 -10.263 1.00 116.47 ? 16  DG  B "C5'" 1 
ATOM   333 C  "C4'" . DG  B 2 5  ? -0.501  -9.872  -9.339  1.00 113.39 ? 16  DG  B "C4'" 1 
ATOM   334 O  "O4'" . DG  B 2 5  ? 0.289   -8.713  -8.959  1.00 109.80 ? 16  DG  B "O4'" 1 
ATOM   335 C  "C3'" . DG  B 2 5  ? -1.791  -9.313  -9.915  1.00 110.48 ? 16  DG  B "C3'" 1 
ATOM   336 O  "O3'" . DG  B 2 5  ? -2.736  -9.170  -8.867  1.00 114.56 ? 16  DG  B "O3'" 1 
ATOM   337 C  "C2'" . DG  B 2 5  ? -1.345  -7.957  -10.468 1.00 106.63 ? 16  DG  B "C2'" 1 
ATOM   338 C  "C1'" . DG  B 2 5  ? -0.335  -7.524  -9.416  1.00 100.77 ? 16  DG  B "C1'" 1 
ATOM   339 N  N9    . DG  B 2 5  ? 0.722   -6.645  -9.915  1.00 94.83  ? 16  DG  B N9    1 
ATOM   340 C  C8    . DG  B 2 5  ? 1.423   -6.773  -11.089 1.00 98.26  ? 16  DG  B C8    1 
ATOM   341 N  N7    . DG  B 2 5  ? 2.344   -5.863  -11.250 1.00 95.31  ? 16  DG  B N7    1 
ATOM   342 C  C5    . DG  B 2 5  ? 2.248   -5.076  -10.111 1.00 91.79  ? 16  DG  B C5    1 
ATOM   343 C  C6    . DG  B 2 5  ? 2.993   -3.933  -9.727  1.00 92.69  ? 16  DG  B C6    1 
ATOM   344 O  O6    . DG  B 2 5  ? 3.907   -3.368  -10.345 1.00 97.64  ? 16  DG  B O6    1 
ATOM   345 N  N1    . DG  B 2 5  ? 2.573   -3.433  -8.497  1.00 88.63  ? 16  DG  B N1    1 
ATOM   346 C  C2    . DG  B 2 5  ? 1.567   -3.976  -7.732  1.00 87.76  ? 16  DG  B C2    1 
ATOM   347 N  N2    . DG  B 2 5  ? 1.308   -3.356  -6.569  1.00 80.24  ? 16  DG  B N2    1 
ATOM   348 N  N3    . DG  B 2 5  ? 0.865   -5.052  -8.078  1.00 87.35  ? 16  DG  B N3    1 
ATOM   349 C  C4    . DG  B 2 5  ? 1.258   -5.546  -9.276  1.00 91.48  ? 16  DG  B C4    1 
ATOM   350 P  P     . DA  B 2 6  ? -4.218  -8.639  -9.167  1.00 120.14 ? 17  DA  B P     1 
ATOM   351 O  OP1   . DA  B 2 6  ? -5.084  -9.052  -8.038  1.00 115.01 ? 17  DA  B OP1   1 
ATOM   352 O  OP2   . DA  B 2 6  ? -4.573  -9.040  -10.547 1.00 123.44 ? 17  DA  B OP2   1 
ATOM   353 O  "O5'" . DA  B 2 6  ? -4.050  -7.055  -9.128  1.00 111.14 ? 17  DA  B "O5'" 1 
ATOM   354 C  "C5'" . DA  B 2 6  ? -5.172  -6.237  -8.940  1.00 114.43 ? 17  DA  B "C5'" 1 
ATOM   355 C  "C4'" . DA  B 2 6  ? -4.884  -5.183  -7.894  1.00 115.27 ? 17  DA  B "C4'" 1 
ATOM   356 O  "O4'" . DA  B 2 6  ? -3.486  -4.791  -7.976  1.00 109.02 ? 17  DA  B "O4'" 1 
ATOM   357 C  "C3'" . DA  B 2 6  ? -5.656  -3.894  -8.069  1.00 115.37 ? 17  DA  B "C3'" 1 
ATOM   358 O  "O3'" . DA  B 2 6  ? -5.711  -3.201  -6.827  1.00 122.23 ? 17  DA  B "O3'" 1 
ATOM   359 C  "C2'" . DA  B 2 6  ? -4.775  -3.164  -9.073  1.00 112.51 ? 17  DA  B "C2'" 1 
ATOM   360 C  "C1'" . DA  B 2 6  ? -3.391  -3.483  -8.517  1.00 106.22 ? 17  DA  B "C1'" 1 
ATOM   361 N  N9    . DA  B 2 6  ? -2.314  -3.468  -9.516  1.00 99.83  ? 17  DA  B N9    1 
ATOM   362 C  C8    . DA  B 2 6  ? -2.157  -4.324  -10.572 1.00 102.05 ? 17  DA  B C8    1 
ATOM   363 N  N7    . DA  B 2 6  ? -1.084  -4.087  -11.294 1.00 95.93  ? 17  DA  B N7    1 
ATOM   364 C  C5    . DA  B 2 6  ? -0.490  -3.007  -10.666 1.00 97.28  ? 17  DA  B C5    1 
ATOM   365 C  C6    . DA  B 2 6  ? 0.682   -2.271  -10.947 1.00 99.79  ? 17  DA  B C6    1 
ATOM   366 N  N6    . DA  B 2 6  ? 1.491   -2.539  -11.976 1.00 102.19 ? 17  DA  B N6    1 
ATOM   367 N  N1    . DA  B 2 6  ? 0.992   -1.252  -10.122 1.00 94.07  ? 17  DA  B N1    1 
ATOM   368 C  C2    . DA  B 2 6  ? 0.181   -0.988  -9.091  1.00 93.38  ? 17  DA  B C2    1 
ATOM   369 N  N3    . DA  B 2 6  ? -0.948  -1.601  -8.731  1.00 91.38  ? 17  DA  B N3    1 
ATOM   370 C  C4    . DA  B 2 6  ? -1.228  -2.613  -9.564  1.00 94.71  ? 17  DA  B C4    1 
ATOM   371 P  P     . DC  B 2 7  ? -6.919  -2.188  -6.522  1.00 133.83 ? 18  DC  B P     1 
ATOM   372 O  OP1   . DC  B 2 7  ? -6.485  -1.248  -5.465  1.00 130.17 ? 18  DC  B OP1   1 
ATOM   373 O  OP2   . DC  B 2 7  ? -8.136  -3.005  -6.311  1.00 126.45 ? 18  DC  B OP2   1 
ATOM   374 O  "O5'" . DC  B 2 7  ? -7.078  -1.374  -7.889  1.00 123.51 ? 18  DC  B "O5'" 1 
ATOM   375 C  "C5'" . DC  B 2 7  ? -7.341  0.017   -7.862  1.00 124.73 ? 18  DC  B "C5'" 1 
ATOM   376 C  "C4'" . DC  B 2 7  ? -6.048  0.808   -7.828  1.00 122.71 ? 18  DC  B "C4'" 1 
ATOM   377 O  "O4'" . DC  B 2 7  ? -5.022  0.103   -8.537  1.00 111.35 ? 18  DC  B "O4'" 1 
ATOM   378 C  "C3'" . DC  B 2 7  ? -6.119  2.159   -8.514  1.00 127.12 ? 18  DC  B "C3'" 1 
ATOM   379 O  "O3'" . DC  B 2 7  ? -6.489  3.146   -7.576  1.00 131.05 ? 18  DC  B "O3'" 1 
ATOM   380 C  "C2'" . DC  B 2 7  ? -4.690  2.381   -9.045  1.00 118.25 ? 18  DC  B "C2'" 1 
ATOM   381 C  "C1'" . DC  B 2 7  ? -4.009  1.029   -8.847  1.00 105.65 ? 18  DC  B "C1'" 1 
ATOM   382 N  N1    . DC  B 2 7  ? -3.219  0.522   -10.025 1.00 100.48 ? 18  DC  B N1    1 
ATOM   383 C  C2    . DC  B 2 7  ? -1.995  1.122   -10.358 1.00 103.89 ? 18  DC  B C2    1 
ATOM   384 O  O2    . DC  B 2 7  ? -1.599  2.092   -9.698  1.00 106.22 ? 18  DC  B O2    1 
ATOM   385 N  N3    . DC  B 2 7  ? -1.280  0.624   -11.402 1.00 104.28 ? 18  DC  B N3    1 
ATOM   386 C  C4    . DC  B 2 7  ? -1.743  -0.426  -12.087 1.00 103.38 ? 18  DC  B C4    1 
ATOM   387 N  N4    . DC  B 2 7  ? -1.007  -0.884  -13.107 1.00 104.17 ? 18  DC  B N4    1 
ATOM   388 C  C5    . DC  B 2 7  ? -2.980  -1.050  -11.757 1.00 101.45 ? 18  DC  B C5    1 
ATOM   389 C  C6    . DC  B 2 7  ? -3.673  -0.551  -10.728 1.00 102.69 ? 18  DC  B C6    1 
ATOM   390 P  P     . DT  B 2 8  ? -7.679  4.164   -7.920  1.00 146.85 ? 19  DT  B P     1 
ATOM   391 O  OP1   . DT  B 2 8  ? -8.499  4.330   -6.698  1.00 144.91 ? 19  DT  B OP1   1 
ATOM   392 O  OP2   . DT  B 2 8  ? -8.314  3.678   -9.168  1.00 139.82 ? 19  DT  B OP2   1 
ATOM   393 O  "O5'" . DT  B 2 8  ? -6.912  5.528   -8.235  1.00 137.83 ? 19  DT  B "O5'" 1 
ATOM   394 C  "C5'" . DT  B 2 8  ? -5.824  5.924   -7.415  1.00 130.84 ? 19  DT  B "C5'" 1 
ATOM   395 C  "C4'" . DT  B 2 8  ? -4.863  6.800   -8.191  1.00 136.90 ? 19  DT  B "C4'" 1 
ATOM   396 O  "O4'" . DT  B 2 8  ? -3.967  5.972   -8.984  1.00 132.42 ? 19  DT  B "O4'" 1 
ATOM   397 C  "C3'" . DT  B 2 8  ? -5.525  7.770   -9.171  1.00 142.85 ? 19  DT  B "C3'" 1 
ATOM   398 O  "O3'" . DT  B 2 8  ? -4.910  9.047   -9.050  1.00 148.24 ? 19  DT  B "O3'" 1 
ATOM   399 C  "C2'" . DT  B 2 8  ? -5.251  7.125   -10.531 1.00 137.43 ? 19  DT  B "C2'" 1 
ATOM   400 C  "C1'" . DT  B 2 8  ? -3.892  6.498   -10.289 1.00 128.91 ? 19  DT  B "C1'" 1 
ATOM   401 N  N1    . DT  B 2 8  ? -3.564  5.392   -11.246 1.00 117.63 ? 19  DT  B N1    1 
ATOM   402 C  C2    . DT  B 2 8  ? -2.328  5.361   -11.857 1.00 117.88 ? 19  DT  B C2    1 
ATOM   403 O  O2    . DT  B 2 8  ? -1.460  6.194   -11.658 1.00 119.79 ? 19  DT  B O2    1 
ATOM   404 N  N3    . DT  B 2 8  ? -2.140  4.304   -12.714 1.00 113.43 ? 19  DT  B N3    1 
ATOM   405 C  C4    . DT  B 2 8  ? -3.047  3.303   -13.015 1.00 109.47 ? 19  DT  B C4    1 
ATOM   406 O  O4    . DT  B 2 8  ? -2.789  2.394   -13.797 1.00 106.25 ? 19  DT  B O4    1 
ATOM   407 C  C5    . DT  B 2 8  ? -4.321  3.404   -12.346 1.00 107.62 ? 19  DT  B C5    1 
ATOM   408 C  C7    . DT  B 2 8  ? -5.385  2.377   -12.592 1.00 106.65 ? 19  DT  B C7    1 
ATOM   409 C  C6    . DT  B 2 8  ? -4.516  4.436   -11.515 1.00 111.02 ? 19  DT  B C6    1 
ATOM   410 P  P     . DC  B 2 9  ? -5.073  10.153  -10.204 1.00 154.11 ? 20  DC  B P     1 
ATOM   411 O  OP1   . DC  B 2 9  ? -4.713  11.458  -9.604  1.00 151.81 ? 20  DC  B OP1   1 
ATOM   412 O  OP2   . DC  B 2 9  ? -6.401  9.958   -10.830 1.00 144.74 ? 20  DC  B OP2   1 
ATOM   413 O  "O5'" . DC  B 2 9  ? -3.939  9.779   -11.270 1.00 139.94 ? 20  DC  B "O5'" 1 
ATOM   414 C  "C5'" . DC  B 2 9  ? -2.580  10.137  -11.027 1.00 139.22 ? 20  DC  B "C5'" 1 
ATOM   415 C  "C4'" . DC  B 2 9  ? -1.965  10.791  -12.254 1.00 139.94 ? 20  DC  B "C4'" 1 
ATOM   416 O  "O4'" . DC  B 2 9  ? -1.858  9.816   -13.319 1.00 135.58 ? 20  DC  B "O4'" 1 
ATOM   417 C  "C3'" . DC  B 2 9  ? -2.760  11.955  -12.836 1.00 141.22 ? 20  DC  B "C3'" 1 
ATOM   418 O  "O3'" . DC  B 2 9  ? -1.876  12.912  -13.413 1.00 145.21 ? 20  DC  B "O3'" 1 
ATOM   419 C  "C2'" . DC  B 2 9  ? -3.629  11.281  -13.896 1.00 133.99 ? 20  DC  B "C2'" 1 
ATOM   420 C  "C1'" . DC  B 2 9  ? -2.731  10.145  -14.384 1.00 128.81 ? 20  DC  B "C1'" 1 
ATOM   421 N  N1    . DC  B 2 9  ? -3.483  8.913   -14.767 1.00 120.89 ? 20  DC  B N1    1 
ATOM   422 C  C2    . DC  B 2 9  ? -2.895  7.983   -15.633 1.00 115.99 ? 20  DC  B C2    1 
ATOM   423 O  O2    . DC  B 2 9  ? -1.760  8.202   -16.071 1.00 113.63 ? 20  DC  B O2    1 
ATOM   424 N  N3    . DC  B 2 9  ? -3.588  6.867   -15.968 1.00 109.02 ? 20  DC  B N3    1 
ATOM   425 C  C4    . DC  B 2 9  ? -4.810  6.668   -15.475 1.00 114.90 ? 20  DC  B C4    1 
ATOM   426 N  N4    . DC  B 2 9  ? -5.456  5.555   -15.834 1.00 113.19 ? 20  DC  B N4    1 
ATOM   427 C  C5    . DC  B 2 9  ? -5.427  7.603   -14.590 1.00 119.37 ? 20  DC  B C5    1 
ATOM   428 C  C6    . DC  B 2 9  ? -4.734  8.698   -14.266 1.00 121.00 ? 20  DC  B C6    1 
ATOM   429 P  P     . DT  C 3 1  ? 9.746   12.239  2.461   1.00 136.49 ? 0   DT  C P     1 
ATOM   430 O  OP1   . DT  C 3 1  ? 10.279  13.267  1.537   1.00 123.42 ? 0   DT  C OP1   1 
ATOM   431 O  OP2   . DT  C 3 1  ? 8.320   11.855  2.412   1.00 142.78 ? 0   DT  C OP2   1 
ATOM   432 O  "O5'" . DT  C 3 1  ? 10.628  10.912  2.323   1.00 118.81 ? 0   DT  C "O5'" 1 
ATOM   433 C  "C5'" . DT  C 3 1  ? 11.817  10.927  1.537   1.00 116.92 ? 0   DT  C "C5'" 1 
ATOM   434 C  "C4'" . DT  C 3 1  ? 12.267  9.516   1.187   1.00 120.01 ? 0   DT  C "C4'" 1 
ATOM   435 O  "O4'" . DT  C 3 1  ? 12.748  8.850   2.381   1.00 121.22 ? 0   DT  C "O4'" 1 
ATOM   436 C  "C3'" . DT  C 3 1  ? 11.184  8.595   0.622   1.00 117.30 ? 0   DT  C "C3'" 1 
ATOM   437 O  "O3'" . DT  C 3 1  ? 11.773  7.675   -0.293  1.00 119.01 ? 0   DT  C "O3'" 1 
ATOM   438 C  "C2'" . DT  C 3 1  ? 10.695  7.876   1.872   1.00 116.32 ? 0   DT  C "C2'" 1 
ATOM   439 C  "C1'" . DT  C 3 1  ? 12.019  7.653   2.573   1.00 112.93 ? 0   DT  C "C1'" 1 
ATOM   440 N  N1    . DT  C 3 1  ? 11.924  7.406   4.036   1.00 106.96 ? 0   DT  C N1    1 
ATOM   441 C  C2    . DT  C 3 1  ? 12.590  6.327   4.568   1.00 108.83 ? 0   DT  C C2    1 
ATOM   442 O  O2    . DT  C 3 1  ? 13.230  5.541   3.894   1.00 112.59 ? 0   DT  C O2    1 
ATOM   443 N  N3    . DT  C 3 1  ? 12.475  6.193   5.924   1.00 104.34 ? 0   DT  C N3    1 
ATOM   444 C  C4    . DT  C 3 1  ? 11.779  7.017   6.789   1.00 103.82 ? 0   DT  C C4    1 
ATOM   445 O  O4    . DT  C 3 1  ? 11.732  6.808   7.997   1.00 101.65 ? 0   DT  C O4    1 
ATOM   446 C  C5    . DT  C 3 1  ? 11.111  8.139   6.168   1.00 102.25 ? 0   DT  C C5    1 
ATOM   447 C  C7    . DT  C 3 1  ? 10.325  9.102   7.006   1.00 97.99  ? 0   DT  C C7    1 
ATOM   448 C  C6    . DT  C 3 1  ? 11.218  8.282   4.835   1.00 104.42 ? 0   DT  C C6    1 
ATOM   449 P  P     . DC  C 3 2  ? 10.899  6.485   -0.930  1.00 133.67 ? 1   DC  C P     1 
ATOM   450 O  OP1   . DC  C 3 2  ? 11.603  6.057   -2.157  1.00 132.73 ? 1   DC  C OP1   1 
ATOM   451 O  OP2   . DC  C 3 2  ? 9.491   6.938   -0.989  1.00 124.82 ? 1   DC  C OP2   1 
ATOM   452 O  "O5'" . DC  C 3 2  ? 11.022  5.280   0.117   1.00 120.14 ? 1   DC  C "O5'" 1 
ATOM   453 C  "C5'" . DC  C 3 2  ? 11.940  4.218   -0.138  1.00 115.01 ? 1   DC  C "C5'" 1 
ATOM   454 C  "C4'" . DC  C 3 2  ? 11.653  3.025   0.757   1.00 117.73 ? 1   DC  C "C4'" 1 
ATOM   455 O  "O4'" . DC  C 3 2  ? 11.510  3.468   2.134   1.00 119.14 ? 1   DC  C "O4'" 1 
ATOM   456 C  "C3'" . DC  C 3 2  ? 10.377  2.247   0.429   1.00 114.99 ? 1   DC  C "C3'" 1 
ATOM   457 O  "O3'" . DC  C 3 2  ? 10.643  0.865   0.520   1.00 109.47 ? 1   DC  C "O3'" 1 
ATOM   458 C  "C2'" . DC  C 3 2  ? 9.406   2.691   1.519   1.00 111.12 ? 1   DC  C "C2'" 1 
ATOM   459 C  "C1'" . DC  C 3 2  ? 10.354  2.883   2.691   1.00 111.50 ? 1   DC  C "C1'" 1 
ATOM   460 N  N1    . DC  C 3 2  ? 9.813   3.795   3.757   1.00 105.94 ? 1   DC  C N1    1 
ATOM   461 C  C2    . DC  C 3 2  ? 10.077  3.525   5.111   1.00 102.45 ? 1   DC  C C2    1 
ATOM   462 O  O2    . DC  C 3 2  ? 10.765  2.541   5.409   1.00 99.03  ? 1   DC  C O2    1 
ATOM   463 N  N3    . DC  C 3 2  ? 9.574   4.360   6.057   1.00 101.61 ? 1   DC  C N3    1 
ATOM   464 C  C4    . DC  C 3 2  ? 8.837   5.414   5.700   1.00 102.38 ? 1   DC  C C4    1 
ATOM   465 N  N4    . DC  C 3 2  ? 8.363   6.205   6.670   1.00 100.72 ? 1   DC  C N4    1 
ATOM   466 C  C5    . DC  C 3 2  ? 8.552   5.702   4.330   1.00 105.10 ? 1   DC  C C5    1 
ATOM   467 C  C6    . DC  C 3 2  ? 9.053   4.873   3.403   1.00 107.56 ? 1   DC  C C6    1 
ATOM   468 P  P     . DA  C 3 3  ? 9.989   -0.149  -0.535  1.00 113.06 ? 2   DA  C P     1 
ATOM   469 O  OP1   . DA  C 3 3  ? 11.005  -1.151  -0.917  1.00 106.32 ? 2   DA  C OP1   1 
ATOM   470 O  OP2   . DA  C 3 3  ? 9.396   0.683   -1.603  1.00 122.39 ? 2   DA  C OP2   1 
ATOM   471 O  "O5'" . DA  C 3 3  ? 8.829   -0.867  0.302   1.00 107.78 ? 2   DA  C "O5'" 1 
ATOM   472 C  "C5'" . DA  C 3 3  ? 8.834   -2.281  0.442   1.00 108.71 ? 2   DA  C "C5'" 1 
ATOM   473 C  "C4'" . DA  C 3 3  ? 8.790   -2.678  1.901   1.00 109.59 ? 2   DA  C "C4'" 1 
ATOM   474 O  "O4'" . DA  C 3 3  ? 9.230   -1.564  2.711   1.00 107.57 ? 2   DA  C "O4'" 1 
ATOM   475 C  "C3'" . DA  C 3 3  ? 7.408   -2.995  2.434   1.00 106.00 ? 2   DA  C "C3'" 1 
ATOM   476 O  "O3'" . DA  C 3 3  ? 7.007   -4.340  2.108   1.00 105.38 ? 2   DA  C "O3'" 1 
ATOM   477 C  "C2'" . DA  C 3 3  ? 7.608   -2.788  3.925   1.00 105.40 ? 2   DA  C "C2'" 1 
ATOM   478 C  "C1'" . DA  C 3 3  ? 8.497   -1.545  3.926   1.00 103.45 ? 2   DA  C "C1'" 1 
ATOM   479 N  N9    . DA  C 3 3  ? 7.744   -0.299  3.996   1.00 96.12  ? 2   DA  C N9    1 
ATOM   480 C  C8    . DA  C 3 3  ? 7.218   0.410   2.950   1.00 100.16 ? 2   DA  C C8    1 
ATOM   481 N  N7    . DA  C 3 3  ? 6.588   1.501   3.315   1.00 101.16 ? 2   DA  C N7    1 
ATOM   482 C  C5    . DA  C 3 3  ? 6.707   1.508   4.696   1.00 98.61  ? 2   DA  C C5    1 
ATOM   483 C  C6    . DA  C 3 3  ? 6.251   2.407   5.681   1.00 95.58  ? 2   DA  C C6    1 
ATOM   484 N  N6    . DA  C 3 3  ? 5.552   3.514   5.399   1.00 94.43  ? 2   DA  C N6    1 
ATOM   485 N  N1    . DA  C 3 3  ? 6.540   2.122   6.969   1.00 98.09  ? 2   DA  C N1    1 
ATOM   486 C  C2    . DA  C 3 3  ? 7.242   1.012   7.244   1.00 98.57  ? 2   DA  C C2    1 
ATOM   487 N  N3    . DA  C 3 3  ? 7.723   0.093   6.403   1.00 94.72  ? 2   DA  C N3    1 
ATOM   488 C  C4    . DA  C 3 3  ? 7.418   0.405   5.132   1.00 97.57  ? 2   DA  C C4    1 
ATOM   489 P  P     . DC  C 3 4  ? 7.988   -5.603  2.304   1.00 116.96 ? 3   DC  C P     1 
ATOM   490 O  OP1   . DC  C 3 4  ? 8.433   -5.660  3.713   1.00 116.17 ? 3   DC  C OP1   1 
ATOM   491 O  OP2   . DC  C 3 4  ? 8.974   -5.629  1.200   1.00 107.96 ? 3   DC  C OP2   1 
ATOM   492 O  "O5'" . DC  C 3 4  ? 7.019   -6.849  2.069   1.00 115.95 ? 3   DC  C "O5'" 1 
ATOM   493 C  "C5'" . DC  C 3 4  ? 5.613   -6.641  1.967   1.00 114.73 ? 3   DC  C "C5'" 1 
ATOM   494 C  "C4'" . DC  C 3 4  ? 5.082   -7.212  0.669   1.00 110.60 ? 3   DC  C "C4'" 1 
ATOM   495 O  "O4'" . DC  C 3 4  ? 5.064   -6.191  -0.350  1.00 98.79  ? 3   DC  C "O4'" 1 
ATOM   496 C  "C3'" . DC  C 3 4  ? 5.930   -8.314  0.079   1.00 112.45 ? 3   DC  C "C3'" 1 
ATOM   497 O  "O3'" . DC  C 3 4  ? 5.602   -9.552  0.687   1.00 117.54 ? 3   DC  C "O3'" 1 
ATOM   498 C  "C2'" . DC  C 3 4  ? 5.512   -8.284  -1.386  1.00 105.35 ? 3   DC  C "C2'" 1 
ATOM   499 C  "C1'" . DC  C 3 4  ? 5.196   -6.805  -1.620  1.00 98.47  ? 3   DC  C "C1'" 1 
ATOM   500 N  N1    . DC  C 3 4  ? 6.240   -6.082  -2.397  1.00 93.97  ? 3   DC  C N1    1 
ATOM   501 C  C2    . DC  C 3 4  ? 6.394   -6.346  -3.763  1.00 94.99  ? 3   DC  C C2    1 
ATOM   502 O  O2    . DC  C 3 4  ? 5.664   -7.189  -4.305  1.00 98.54  ? 3   DC  C O2    1 
ATOM   503 N  N3    . DC  C 3 4  ? 7.341   -5.668  -4.459  1.00 90.11  ? 3   DC  C N3    1 
ATOM   504 C  C4    . DC  C 3 4  ? 8.109   -4.768  -3.843  1.00 89.72  ? 3   DC  C C4    1 
ATOM   505 N  N4    . DC  C 3 4  ? 9.031   -4.127  -4.573  1.00 90.88  ? 3   DC  C N4    1 
ATOM   506 C  C5    . DC  C 3 4  ? 7.965   -4.485  -2.453  1.00 93.82  ? 3   DC  C C5    1 
ATOM   507 C  C6    . DC  C 3 4  ? 7.026   -5.158  -1.776  1.00 95.13  ? 3   DC  C C6    1 
ATOM   508 P  P     . DC  C 3 5  ? 6.767   -10.579 1.096   1.00 117.43 ? 4   DC  C P     1 
ATOM   509 O  OP1   . DC  C 3 5  ? 6.638   -10.840 2.547   1.00 130.56 ? 4   DC  C OP1   1 
ATOM   510 O  OP2   . DC  C 3 5  ? 8.033   -10.049 0.540   1.00 114.41 ? 4   DC  C OP2   1 
ATOM   511 O  "O5'" . DC  C 3 5  ? 6.400   -11.920 0.307   1.00 117.43 ? 4   DC  C "O5'" 1 
ATOM   512 C  "C5'" . DC  C 3 5  ? 5.416   -11.898 -0.709  1.00 116.03 ? 4   DC  C "C5'" 1 
ATOM   513 C  "C4'" . DC  C 3 5  ? 6.045   -12.106 -2.074  1.00 113.28 ? 4   DC  C "C4'" 1 
ATOM   514 O  "O4'" . DC  C 3 5  ? 6.532   -10.855 -2.578  1.00 109.12 ? 4   DC  C "O4'" 1 
ATOM   515 C  "C3'" . DC  C 3 5  ? 7.270   -12.997 -2.088  1.00 114.51 ? 4   DC  C "C3'" 1 
ATOM   516 O  "O3'" . DC  C 3 5  ? 6.884   -14.358 -2.188  1.00 120.47 ? 4   DC  C "O3'" 1 
ATOM   517 C  "C2'" . DC  C 3 5  ? 8.012   -12.534 -3.349  1.00 107.47 ? 4   DC  C "C2'" 1 
ATOM   518 C  "C1'" . DC  C 3 5  ? 7.478   -11.118 -3.587  1.00 104.56 ? 4   DC  C "C1'" 1 
ATOM   519 N  N1    . DC  C 3 5  ? 8.531   -10.058 -3.556  1.00 99.78  ? 4   DC  C N1    1 
ATOM   520 C  C2    . DC  C 3 5  ? 9.204   -9.727  -4.735  1.00 99.32  ? 4   DC  C C2    1 
ATOM   521 O  O2    . DC  C 3 5  ? 8.918   -10.326 -5.777  1.00 104.91 ? 4   DC  C O2    1 
ATOM   522 N  N3    . DC  C 3 5  ? 10.151  -8.759  -4.703  1.00 94.08  ? 4   DC  C N3    1 
ATOM   523 C  C4    . DC  C 3 5  ? 10.428  -8.136  -3.558  1.00 96.72  ? 4   DC  C C4    1 
ATOM   524 N  N4    . DC  C 3 5  ? 11.370  -7.189  -3.575  1.00 101.29 ? 4   DC  C N4    1 
ATOM   525 C  C5    . DC  C 3 5  ? 9.752   -8.458  -2.344  1.00 96.97  ? 4   DC  C C5    1 
ATOM   526 C  C6    . DC  C 3 5  ? 8.819   -9.415  -2.389  1.00 96.57  ? 4   DC  C C6    1 
ATOM   527 P  P     . DG  C 3 6  ? 7.829   -15.508 -1.582  1.00 125.69 ? 5   DG  C P     1 
ATOM   528 O  OP1   . DG  C 3 6  ? 7.105   -16.110 -0.444  1.00 134.37 ? 5   DG  C OP1   1 
ATOM   529 O  OP2   . DG  C 3 6  ? 9.171   -14.934 -1.337  1.00 115.65 ? 5   DG  C OP2   1 
ATOM   530 O  "O5'" . DG  C 3 6  ? 7.955   -16.574 -2.772  1.00 122.83 ? 5   DG  C "O5'" 1 
ATOM   531 C  "C5'" . DG  C 3 6  ? 9.237   -16.869 -3.345  1.00 117.10 ? 5   DG  C "C5'" 1 
ATOM   532 C  "C4'" . DG  C 3 6  ? 9.541   -15.940 -4.509  1.00 114.88 ? 5   DG  C "C4'" 1 
ATOM   533 O  "O4'" . DG  C 3 6  ? 9.976   -14.660 -4.008  1.00 109.78 ? 5   DG  C "O4'" 1 
ATOM   534 C  "C3'" . DG  C 3 6  ? 10.655  -16.416 -5.451  1.00 111.60 ? 5   DG  C "C3'" 1 
ATOM   535 O  "O3'" . DG  C 3 6  ? 10.158  -16.527 -6.780  1.00 123.98 ? 5   DG  C "O3'" 1 
ATOM   536 C  "C2'" . DG  C 3 6  ? 11.736  -15.329 -5.337  1.00 105.13 ? 5   DG  C "C2'" 1 
ATOM   537 C  "C1'" . DG  C 3 6  ? 10.913  -14.135 -4.901  1.00 105.78 ? 5   DG  C "C1'" 1 
ATOM   538 N  N9    . DG  C 3 6  ? 11.670  -13.103 -4.207  1.00 100.52 ? 5   DG  C N9    1 
ATOM   539 C  C8    . DG  C 3 6  ? 11.616  -12.806 -2.868  1.00 98.70  ? 5   DG  C C8    1 
ATOM   540 N  N7    . DG  C 3 6  ? 12.395  -11.823 -2.521  1.00 100.17 ? 5   DG  C N7    1 
ATOM   541 C  C5    . DG  C 3 6  ? 13.001  -11.434 -3.707  1.00 99.16  ? 5   DG  C C5    1 
ATOM   542 C  C6    . DG  C 3 6  ? 13.941  -10.408 -3.951  1.00 100.54 ? 5   DG  C C6    1 
ATOM   543 O  O6    . DG  C 3 6  ? 14.446  -9.619  -3.137  1.00 104.56 ? 5   DG  C O6    1 
ATOM   544 N  N1    . DG  C 3 6  ? 14.302  -10.351 -5.293  1.00 99.40  ? 5   DG  C N1    1 
ATOM   545 C  C2    . DG  C 3 6  ? 13.810  -11.176 -6.277  1.00 100.51 ? 5   DG  C C2    1 
ATOM   546 N  N2    . DG  C 3 6  ? 14.275  -10.964 -7.516  1.00 103.27 ? 5   DG  C N2    1 
ATOM   547 N  N3    . DG  C 3 6  ? 12.922  -12.141 -6.062  1.00 102.27 ? 5   DG  C N3    1 
ATOM   548 C  C4    . DG  C 3 6  ? 12.564  -12.212 -4.757  1.00 100.74 ? 5   DG  C C4    1 
ATOM   549 O  "O5'" . DT  D 4 1  ? -10.980 -1.035  -22.566 1.00 135.12 ? 2   DT  D "O5'" 1 
ATOM   550 C  "C5'" . DT  D 4 1  ? -10.498 -2.027  -23.458 1.00 135.99 ? 2   DT  D "C5'" 1 
ATOM   551 C  "C4'" . DT  D 4 1  ? -9.506  -1.432  -24.436 1.00 132.87 ? 2   DT  D "C4'" 1 
ATOM   552 O  "O4'" . DT  D 4 1  ? -9.767  -0.027  -24.580 1.00 132.64 ? 2   DT  D "O4'" 1 
ATOM   553 C  "C3'" . DT  D 4 1  ? -8.056  -1.521  -24.006 1.00 133.25 ? 2   DT  D "C3'" 1 
ATOM   554 O  "O3'" . DT  D 4 1  ? -7.523  -2.775  -24.436 1.00 139.33 ? 2   DT  D "O3'" 1 
ATOM   555 C  "C2'" . DT  D 4 1  ? -7.411  -0.335  -24.728 1.00 129.97 ? 2   DT  D "C2'" 1 
ATOM   556 C  "C1'" . DT  D 4 1  ? -8.571  0.647   -24.905 1.00 128.91 ? 2   DT  D "C1'" 1 
ATOM   557 N  N1    . DT  D 4 1  ? -8.487  1.879   -24.065 1.00 126.12 ? 2   DT  D N1    1 
ATOM   558 C  C2    . DT  D 4 1  ? -7.520  2.815   -24.336 1.00 126.58 ? 2   DT  D C2    1 
ATOM   559 O  O2    . DT  D 4 1  ? -6.691  2.684   -25.221 1.00 127.69 ? 2   DT  D O2    1 
ATOM   560 N  N3    . DT  D 4 1  ? -7.547  3.919   -23.524 1.00 125.66 ? 2   DT  D N3    1 
ATOM   561 C  C4    . DT  D 4 1  ? -8.432  4.180   -22.493 1.00 124.95 ? 2   DT  D C4    1 
ATOM   562 O  O4    . DT  D 4 1  ? -8.372  5.207   -21.819 1.00 120.92 ? 2   DT  D O4    1 
ATOM   563 C  C5    . DT  D 4 1  ? -9.430  3.163   -22.265 1.00 124.96 ? 2   DT  D C5    1 
ATOM   564 C  C7    . DT  D 4 1  ? -10.443 3.335   -21.172 1.00 126.05 ? 2   DT  D C7    1 
ATOM   565 C  C6    . DT  D 4 1  ? -9.413  2.074   -23.056 1.00 125.73 ? 2   DT  D C6    1 
ATOM   566 P  P     . DC  D 4 2  ? -5.955  -2.968  -24.738 1.00 148.89 ? 3   DC  D P     1 
ATOM   567 O  OP1   . DC  D 4 2  ? -5.690  -2.434  -26.095 1.00 143.74 ? 3   DC  D OP1   1 
ATOM   568 O  OP2   . DC  D 4 2  ? -5.642  -4.388  -24.462 1.00 138.75 ? 3   DC  D OP2   1 
ATOM   569 O  "O5'" . DC  D 4 2  ? -5.219  -2.075  -23.629 1.00 139.30 ? 3   DC  D "O5'" 1 
ATOM   570 C  "C5'" . DC  D 4 2  ? -3.798  -2.012  -23.589 1.00 136.79 ? 3   DC  D "C5'" 1 
ATOM   571 C  "C4'" . DC  D 4 2  ? -3.264  -1.153  -24.720 1.00 137.45 ? 3   DC  D "C4'" 1 
ATOM   572 O  "O4'" . DC  D 4 2  ? -4.031  0.074   -24.791 1.00 133.85 ? 3   DC  D "O4'" 1 
ATOM   573 C  "C3'" . DC  D 4 2  ? -1.819  -0.717  -24.558 1.00 139.84 ? 3   DC  D "C3'" 1 
ATOM   574 O  "O3'" . DC  D 4 2  ? -1.220  -0.484  -25.831 1.00 144.14 ? 3   DC  D "O3'" 1 
ATOM   575 C  "C2'" . DC  D 4 2  ? -1.957  0.571   -23.761 1.00 134.06 ? 3   DC  D "C2'" 1 
ATOM   576 C  "C1'" . DC  D 4 2  ? -3.267  1.152   -24.283 1.00 132.33 ? 3   DC  D "C1'" 1 
ATOM   577 N  N1    . DC  D 4 2  ? -4.054  1.830   -23.222 1.00 127.07 ? 3   DC  D N1    1 
ATOM   578 C  C2    . DC  D 4 2  ? -3.758  3.153   -22.885 1.00 124.15 ? 3   DC  D C2    1 
ATOM   579 O  O2    . DC  D 4 2  ? -2.853  3.739   -23.487 1.00 125.23 ? 3   DC  D O2    1 
ATOM   580 N  N3    . DC  D 4 2  ? -4.480  3.759   -21.910 1.00 121.13 ? 3   DC  D N3    1 
ATOM   581 C  C4    . DC  D 4 2  ? -5.449  3.089   -21.285 1.00 119.65 ? 3   DC  D C4    1 
ATOM   582 N  N4    . DC  D 4 2  ? -6.134  3.724   -20.330 1.00 116.49 ? 3   DC  D N4    1 
ATOM   583 C  C5    . DC  D 4 2  ? -5.759  1.736   -21.613 1.00 120.40 ? 3   DC  D C5    1 
ATOM   584 C  C6    . DC  D 4 2  ? -5.042  1.152   -22.575 1.00 124.83 ? 3   DC  D C6    1 
ATOM   585 P  P     . DG  D 4 3  ? 0.328   -0.059  -25.930 1.00 153.67 ? 4   DG  D P     1 
ATOM   586 O  OP1   . DG  D 4 3  ? 0.379   1.379   -26.278 1.00 143.60 ? 4   DG  D OP1   1 
ATOM   587 O  OP2   . DG  D 4 3  ? 0.999   -1.036  -26.811 1.00 154.13 ? 4   DG  D OP2   1 
ATOM   588 O  "O5'" . DG  D 4 3  ? 0.883   -0.300  -24.446 1.00 144.80 ? 4   DG  D "O5'" 1 
ATOM   589 C  "C5'" . DG  D 4 3  ? 2.152   0.199   -24.064 1.00 139.44 ? 4   DG  D "C5'" 1 
ATOM   590 C  "C4'" . DG  D 4 3  ? 2.072   1.668   -23.680 1.00 136.54 ? 4   DG  D "C4'" 1 
ATOM   591 O  "O4'" . DG  D 4 3  ? 0.786   1.948   -23.060 1.00 130.84 ? 4   DG  D "O4'" 1 
ATOM   592 C  "C3'" . DG  D 4 3  ? 3.135   2.118   -22.678 1.00 135.74 ? 4   DG  D "C3'" 1 
ATOM   593 O  "O3'" . DG  D 4 3  ? 3.722   3.344   -23.085 1.00 140.76 ? 4   DG  D "O3'" 1 
ATOM   594 C  "C2'" . DG  D 4 3  ? 2.352   2.274   -21.382 1.00 127.25 ? 4   DG  D "C2'" 1 
ATOM   595 C  "C1'" . DG  D 4 3  ? 1.000   2.711   -21.899 1.00 124.67 ? 4   DG  D "C1'" 1 
ATOM   596 N  N9    . DG  D 4 3  ? -0.095  2.478   -20.958 1.00 118.30 ? 4   DG  D N9    1 
ATOM   597 C  C8    . DG  D 4 3  ? -0.826  1.325   -20.789 1.00 117.42 ? 4   DG  D C8    1 
ATOM   598 N  N7    . DG  D 4 3  ? -1.747  1.426   -19.869 1.00 111.17 ? 4   DG  D N7    1 
ATOM   599 C  C5    . DG  D 4 3  ? -1.608  2.723   -19.393 1.00 108.03 ? 4   DG  D C5    1 
ATOM   600 C  C6    . DG  D 4 3  ? -2.326  3.408   -18.384 1.00 102.56 ? 4   DG  D C6    1 
ATOM   601 O  O6    . DG  D 4 3  ? -3.259  2.987   -17.689 1.00 97.88  ? 4   DG  D O6    1 
ATOM   602 N  N1    . DG  D 4 3  ? -1.864  4.712   -18.214 1.00 102.64 ? 4   DG  D N1    1 
ATOM   603 C  C2    . DG  D 4 3  ? -0.835  5.279   -18.927 1.00 105.79 ? 4   DG  D C2    1 
ATOM   604 N  N2    . DG  D 4 3  ? -0.528  6.551   -18.628 1.00 98.97  ? 4   DG  D N2    1 
ATOM   605 N  N3    . DG  D 4 3  ? -0.160  4.649   -19.877 1.00 110.10 ? 4   DG  D N3    1 
ATOM   606 C  C4    . DG  D 4 3  ? -0.597  3.379   -20.053 1.00 112.62 ? 4   DG  D C4    1 
ATOM   607 P  P     . DA  D 4 4  ? 5.304   3.562   -22.904 1.00 152.75 ? 5   DA  D P     1 
ATOM   608 O  OP1   . DA  D 4 4  ? 5.857   3.928   -24.225 1.00 154.74 ? 5   DA  D OP1   1 
ATOM   609 O  OP2   . DA  D 4 4  ? 5.833   2.373   -22.195 1.00 143.73 ? 5   DA  D OP2   1 
ATOM   610 O  "O5'" . DA  D 4 4  ? 5.416   4.818   -21.917 1.00 142.94 ? 5   DA  D "O5'" 1 
ATOM   611 C  "C5'" . DA  D 4 4  ? 4.241   5.402   -21.376 1.00 143.30 ? 5   DA  D "C5'" 1 
ATOM   612 C  "C4'" . DA  D 4 4  ? 4.393   5.639   -19.882 1.00 130.47 ? 5   DA  D "C4'" 1 
ATOM   613 O  "O4'" . DA  D 4 4  ? 3.229   5.116   -19.187 1.00 123.20 ? 5   DA  D "O4'" 1 
ATOM   614 C  "C3'" . DA  D 4 4  ? 5.613   4.970   -19.230 1.00 129.08 ? 5   DA  D "C3'" 1 
ATOM   615 O  "O3'" . DA  D 4 4  ? 6.253   5.892   -18.351 1.00 132.11 ? 5   DA  D "O3'" 1 
ATOM   616 C  "C2'" . DA  D 4 4  ? 4.999   3.801   -18.462 1.00 120.29 ? 5   DA  D "C2'" 1 
ATOM   617 C  "C1'" . DA  D 4 4  ? 3.661   4.392   -18.063 1.00 113.20 ? 5   DA  D "C1'" 1 
ATOM   618 N  N9    . DA  D 4 4  ? 2.654   3.393   -17.721 1.00 108.63 ? 5   DA  D N9    1 
ATOM   619 C  C8    . DA  D 4 4  ? 2.527   2.137   -18.241 1.00 109.74 ? 5   DA  D C8    1 
ATOM   620 N  N7    . DA  D 4 4  ? 1.527   1.453   -17.740 1.00 103.64 ? 5   DA  D N7    1 
ATOM   621 C  C5    . DA  D 4 4  ? 0.968   2.317   -16.814 1.00 98.41  ? 5   DA  D C5    1 
ATOM   622 C  C6    . DA  D 4 4  ? -0.126  2.190   -15.938 1.00 96.48  ? 5   DA  D C6    1 
ATOM   623 N  N6    . DA  D 4 4  ? -0.876  1.085   -15.854 1.00 98.87  ? 5   DA  D N6    1 
ATOM   624 N  N1    . DA  D 4 4  ? -0.416  3.243   -15.142 1.00 93.06  ? 5   DA  D N1    1 
ATOM   625 C  C2    . DA  D 4 4  ? 0.335   4.348   -15.233 1.00 96.43  ? 5   DA  D C2    1 
ATOM   626 N  N3    . DA  D 4 4  ? 1.389   4.581   -16.014 1.00 95.95  ? 5   DA  D N3    1 
ATOM   627 C  C4    . DA  D 4 4  ? 1.649   3.519   -16.793 1.00 101.69 ? 5   DA  D C4    1 
ATOM   628 P  P     . DG  D 4 5  ? 7.773   5.657   -17.882 1.00 137.35 ? 6   DG  D P     1 
ATOM   629 O  OP1   . DG  D 4 5  ? 8.623   6.635   -18.592 1.00 139.49 ? 6   DG  D OP1   1 
ATOM   630 O  OP2   . DG  D 4 5  ? 8.073   4.213   -17.988 1.00 126.97 ? 6   DG  D OP2   1 
ATOM   631 O  "O5'" . DG  D 4 5  ? 7.754   6.034   -16.331 1.00 129.87 ? 6   DG  D "O5'" 1 
ATOM   632 C  "C5'" . DG  D 4 5  ? 6.999   5.242   -15.429 1.00 121.28 ? 6   DG  D "C5'" 1 
ATOM   633 C  "C4'" . DG  D 4 5  ? 6.267   6.112   -14.426 1.00 117.40 ? 6   DG  D "C4'" 1 
ATOM   634 O  "O4'" . DG  D 4 5  ? 4.845   6.042   -14.676 1.00 116.98 ? 6   DG  D "O4'" 1 
ATOM   635 C  "C3'" . DG  D 4 5  ? 6.490   5.724   -12.967 1.00 118.23 ? 6   DG  D "C3'" 1 
ATOM   636 O  "O3'" . DG  D 4 5  ? 7.293   6.709   -12.341 1.00 123.13 ? 6   DG  D "O3'" 1 
ATOM   637 C  "C2'" . DG  D 4 5  ? 5.090   5.675   -12.348 1.00 111.76 ? 6   DG  D "C2'" 1 
ATOM   638 C  "C1'" . DG  D 4 5  ? 4.160   5.560   -13.544 1.00 106.47 ? 6   DG  D "C1'" 1 
ATOM   639 N  N9    . DG  D 4 5  ? 3.674   4.206   -13.825 1.00 98.93  ? 6   DG  D N9    1 
ATOM   640 C  C8    . DG  D 4 5  ? 4.122   3.351   -14.804 1.00 101.52 ? 6   DG  D C8    1 
ATOM   641 N  N7    . DG  D 4 5  ? 3.479   2.215   -14.837 1.00 92.15  ? 6   DG  D N7    1 
ATOM   642 C  C5    . DG  D 4 5  ? 2.534   2.328   -13.827 1.00 93.88  ? 6   DG  D C5    1 
ATOM   643 C  C6    . DG  D 4 5  ? 1.547   1.407   -13.395 1.00 97.04  ? 6   DG  D C6    1 
ATOM   644 O  O6    . DG  D 4 5  ? 1.307   0.272   -13.837 1.00 97.42  ? 6   DG  D O6    1 
ATOM   645 N  N1    . DG  D 4 5  ? 0.798   1.918   -12.338 1.00 96.88  ? 6   DG  D N1    1 
ATOM   646 C  C2    . DG  D 4 5  ? 0.979   3.160   -11.773 1.00 100.23 ? 6   DG  D C2    1 
ATOM   647 N  N2    . DG  D 4 5  ? 0.158   3.475   -10.761 1.00 98.50  ? 6   DG  D N2    1 
ATOM   648 N  N3    . DG  D 4 5  ? 1.899   4.032   -12.169 1.00 98.54  ? 6   DG  D N3    1 
ATOM   649 C  C4    . DG  D 4 5  ? 2.641   3.549   -13.194 1.00 97.31  ? 6   DG  D C4    1 
ATOM   650 P  P     . DT  D 4 6  ? 8.221   6.322   -11.092 1.00 130.02 ? 7   DT  D P     1 
ATOM   651 O  OP1   . DT  D 4 6  ? 9.028   7.517   -10.760 1.00 124.14 ? 7   DT  D OP1   1 
ATOM   652 O  OP2   . DT  D 4 6  ? 8.911   5.056   -11.425 1.00 123.74 ? 7   DT  D OP2   1 
ATOM   653 O  "O5'" . DT  D 4 6  ? 7.176   6.049   -9.908  1.00 116.77 ? 7   DT  D "O5'" 1 
ATOM   654 C  "C5'" . DT  D 4 6  ? 6.344   7.113   -9.437  1.00 118.63 ? 7   DT  D "C5'" 1 
ATOM   655 C  "C4'" . DT  D 4 6  ? 5.293   6.601   -8.472  1.00 113.81 ? 7   DT  D "C4'" 1 
ATOM   656 O  "O4'" . DT  D 4 6  ? 4.444   5.640   -9.144  1.00 110.30 ? 7   DT  D "O4'" 1 
ATOM   657 C  "C3'" . DT  D 4 6  ? 5.854   5.896   -7.236  1.00 111.49 ? 7   DT  D "C3'" 1 
ATOM   658 O  "O3'" . DT  D 4 6  ? 5.370   6.519   -6.043  1.00 113.71 ? 7   DT  D "O3'" 1 
ATOM   659 C  "C2'" . DT  D 4 6  ? 5.366   4.451   -7.365  1.00 110.06 ? 7   DT  D "C2'" 1 
ATOM   660 C  "C1'" . DT  D 4 6  ? 4.151   4.583   -8.266  1.00 102.15 ? 7   DT  D "C1'" 1 
ATOM   661 N  N1    . DT  D 4 6  ? 3.902   3.375   -9.086  1.00 98.51  ? 7   DT  D N1    1 
ATOM   662 C  C2    . DT  D 4 6  ? 2.850   2.549   -8.775  1.00 97.92  ? 7   DT  D C2    1 
ATOM   663 O  O2    . DT  D 4 6  ? 2.093   2.753   -7.845  1.00 99.25  ? 7   DT  D O2    1 
ATOM   664 N  N3    . DT  D 4 6  ? 2.710   1.465   -9.602  1.00 97.02  ? 7   DT  D N3    1 
ATOM   665 C  C4    . DT  D 4 6  ? 3.503   1.133   -10.684 1.00 98.11  ? 7   DT  D C4    1 
ATOM   666 O  O4    . DT  D 4 6  ? 3.300   0.133   -11.369 1.00 101.70 ? 7   DT  D O4    1 
ATOM   667 C  C5    . DT  D 4 6  ? 4.590   2.044   -10.950 1.00 95.62  ? 7   DT  D C5    1 
ATOM   668 C  C7    . DT  D 4 6  ? 5.519   1.794   -12.092 1.00 96.02  ? 7   DT  D C7    1 
ATOM   669 C  C6    . DT  D 4 6  ? 4.734   3.105   -10.145 1.00 100.06 ? 7   DT  D C6    1 
ATOM   670 P  P     . DC  D 4 7  ? 6.045   6.167   -4.627  1.00 122.64 ? 8   DC  D P     1 
ATOM   671 O  OP1   . DC  D 4 7  ? 5.852   7.318   -3.712  1.00 113.16 ? 8   DC  D OP1   1 
ATOM   672 O  OP2   . DC  D 4 7  ? 7.418   5.700   -4.914  1.00 115.55 ? 8   DC  D OP2   1 
ATOM   673 O  "O5'" . DC  D 4 7  ? 5.203   4.906   -4.109  1.00 116.02 ? 8   DC  D "O5'" 1 
ATOM   674 C  "C5'" . DC  D 4 7  ? 3.807   5.034   -3.894  1.00 109.81 ? 8   DC  D "C5'" 1 
ATOM   675 C  "C4'" . DC  D 4 7  ? 3.174   3.694   -3.562  1.00 109.93 ? 8   DC  D "C4'" 1 
ATOM   676 O  "O4'" . DC  D 4 7  ? 3.119   2.859   -4.750  1.00 107.88 ? 8   DC  D "O4'" 1 
ATOM   677 C  "C3'" . DC  D 4 7  ? 3.897   2.858   -2.498  1.00 107.35 ? 8   DC  D "C3'" 1 
ATOM   678 O  "O3'" . DC  D 4 7  ? 2.935   2.290   -1.620  1.00 109.38 ? 8   DC  D "O3'" 1 
ATOM   679 C  "C2'" . DC  D 4 7  ? 4.582   1.774   -3.334  1.00 104.64 ? 8   DC  D "C2'" 1 
ATOM   680 C  "C1'" . DC  D 4 7  ? 3.529   1.559   -4.404  1.00 98.54  ? 8   DC  D "C1'" 1 
ATOM   681 N  N1    . DC  D 4 7  ? 4.012   0.852   -5.649  1.00 92.45  ? 8   DC  D N1    1 
ATOM   682 C  C2    . DC  D 4 7  ? 3.321   -0.279  -6.117  1.00 91.84  ? 8   DC  D C2    1 
ATOM   683 O  O2    . DC  D 4 7  ? 2.336   -0.685  -5.488  1.00 90.31  ? 8   DC  D O2    1 
ATOM   684 N  N3    . DC  D 4 7  ? 3.753   -0.898  -7.245  1.00 89.97  ? 8   DC  D N3    1 
ATOM   685 C  C4    . DC  D 4 7  ? 4.819   -0.429  -7.896  1.00 95.24  ? 8   DC  D C4    1 
ATOM   686 N  N4    . DC  D 4 7  ? 5.208   -1.072  -9.004  1.00 97.48  ? 8   DC  D N4    1 
ATOM   687 C  C5    . DC  D 4 7  ? 5.534   0.723   -7.440  1.00 97.09  ? 8   DC  D C5    1 
ATOM   688 C  C6    . DC  D 4 7  ? 5.100   1.323   -6.323  1.00 95.44  ? 8   DC  D C6    1 
ATOM   689 P  P     . DG  D 4 8  ? 3.211   2.217   -0.040  1.00 109.23 ? 9   DG  D P     1 
ATOM   690 O  OP1   . DG  D 4 8  ? 2.067   2.854   0.646   1.00 110.43 ? 9   DG  D OP1   1 
ATOM   691 O  OP2   . DG  D 4 8  ? 4.573   2.734   0.203   1.00 112.89 ? 9   DG  D OP2   1 
ATOM   692 O  "O5'" . DG  D 4 8  ? 3.183   0.653   0.279   1.00 104.95 ? 9   DG  D "O5'" 1 
ATOM   693 C  "C5'" . DG  D 4 8  ? 1.954   -0.045  0.251   1.00 109.32 ? 9   DG  D "C5'" 1 
ATOM   694 C  "C4'" . DG  D 4 8  ? 2.170   -1.459  -0.234  1.00 108.24 ? 9   DG  D "C4'" 1 
ATOM   695 O  "O4'" . DG  D 4 8  ? 2.760   -1.426  -1.546  1.00 107.86 ? 9   DG  D "O4'" 1 
ATOM   696 C  "C3'" . DG  D 4 8  ? 3.128   -2.289  0.630   1.00 104.32 ? 9   DG  D "C3'" 1 
ATOM   697 O  "O3'" . DG  D 4 8  ? 2.424   -3.349  1.237   1.00 106.79 ? 9   DG  D "O3'" 1 
ATOM   698 C  "C2'" . DG  D 4 8  ? 4.188   -2.810  -0.352  1.00 101.78 ? 9   DG  D "C2'" 1 
ATOM   699 C  "C1'" . DG  D 4 8  ? 3.530   -2.581  -1.700  1.00 97.65  ? 9   DG  D "C1'" 1 
ATOM   700 N  N9    . DG  D 4 8  ? 4.482   -2.374  -2.774  1.00 90.38  ? 9   DG  D N9    1 
ATOM   701 C  C8    . DG  D 4 8  ? 5.470   -1.425  -2.836  1.00 93.65  ? 9   DG  D C8    1 
ATOM   702 N  N7    . DG  D 4 8  ? 6.177   -1.487  -3.928  1.00 91.14  ? 9   DG  D N7    1 
ATOM   703 C  C5    . DG  D 4 8  ? 5.622   -2.550  -4.628  1.00 92.57  ? 9   DG  D C5    1 
ATOM   704 C  C6    . DG  D 4 8  ? 5.970   -3.095  -5.883  1.00 93.43  ? 9   DG  D C6    1 
ATOM   705 O  O6    . DG  D 4 8  ? 6.868   -2.734  -6.655  1.00 95.34  ? 9   DG  D O6    1 
ATOM   706 N  N1    . DG  D 4 8  ? 5.150   -4.170  -6.220  1.00 87.09  ? 9   DG  D N1    1 
ATOM   707 C  C2    . DG  D 4 8  ? 4.124   -4.653  -5.441  1.00 88.31  ? 9   DG  D C2    1 
ATOM   708 N  N2    . DG  D 4 8  ? 3.443   -5.703  -5.933  1.00 86.10  ? 9   DG  D N2    1 
ATOM   709 N  N3    . DG  D 4 8  ? 3.793   -4.149  -4.262  1.00 86.13  ? 9   DG  D N3    1 
ATOM   710 C  C4    . DG  D 4 8  ? 4.583   -3.104  -3.922  1.00 88.82  ? 9   DG  D C4    1 
ATOM   711 P  P     . DG  D 4 9  ? 1.658   -3.109  2.628   1.00 117.22 ? 10  DG  D P     1 
ATOM   712 O  OP1   . DG  D 4 9  ? 0.270   -3.588  2.442   1.00 120.02 ? 10  DG  D OP1   1 
ATOM   713 O  OP2   . DG  D 4 9  ? 1.907   -1.713  3.052   1.00 110.95 ? 10  DG  D OP2   1 
ATOM   714 O  "O5'" . DG  D 4 9  ? 2.400   -4.085  3.655   1.00 114.17 ? 10  DG  D "O5'" 1 
ATOM   715 C  "C5'" . DG  D 4 9  ? 3.816   -4.095  3.737   1.00 114.58 ? 10  DG  D "C5'" 1 
ATOM   716 C  "C4'" . DG  D 4 9  ? 4.279   -3.747  5.140   1.00 113.39 ? 10  DG  D "C4'" 1 
ATOM   717 O  "O4'" . DG  D 4 9  ? 4.710   -2.378  5.171   1.00 99.95  ? 10  DG  D "O4'" 1 
ATOM   718 C  "C3'" . DG  D 4 9  ? 3.211   -3.832  6.214   1.00 115.43 ? 10  DG  D "C3'" 1 
ATOM   719 O  "O3'" . DG  D 4 9  ? 3.153   -5.148  6.708   1.00 108.86 ? 10  DG  D "O3'" 1 
ATOM   720 C  "C2'" . DG  D 4 9  ? 3.726   -2.864  7.282   1.00 110.16 ? 10  DG  D "C2'" 1 
ATOM   721 C  "C1'" . DG  D 4 9  ? 4.587   -1.877  6.486   1.00 98.61  ? 10  DG  D "C1'" 1 
ATOM   722 N  N9    . DG  D 4 9  ? 4.045   -0.520  6.416   1.00 95.51  ? 10  DG  D N9    1 
ATOM   723 C  C8    . DG  D 4 9  ? 3.626   0.139   5.290   1.00 96.91  ? 10  DG  D C8    1 
ATOM   724 N  N7    . DG  D 4 9  ? 3.204   1.351   5.521   1.00 93.27  ? 10  DG  D N7    1 
ATOM   725 C  C5    . DG  D 4 9  ? 3.356   1.511   6.889   1.00 95.83  ? 10  DG  D C5    1 
ATOM   726 C  C6    . DG  D 4 9  ? 3.065   2.625   7.711   1.00 100.59 ? 10  DG  D C6    1 
ATOM   727 O  O6    . DG  D 4 9  ? 2.598   3.723   7.378   1.00 107.70 ? 10  DG  D O6    1 
ATOM   728 N  N1    . DG  D 4 9  ? 3.366   2.374   9.045   1.00 101.96 ? 10  DG  D N1    1 
ATOM   729 C  C2    . DG  D 4 9  ? 3.885   1.193   9.520   1.00 108.12 ? 10  DG  D C2    1 
ATOM   730 N  N2    . DG  D 4 9  ? 4.113   1.133   10.839  1.00 112.29 ? 10  DG  D N2    1 
ATOM   731 N  N3    . DG  D 4 9  ? 4.165   0.142   8.759   1.00 102.62 ? 10  DG  D N3    1 
ATOM   732 C  C4    . DG  D 4 9  ? 3.876   0.371   7.459   1.00 98.28  ? 10  DG  D C4    1 
ATOM   733 P  P     . DT  D 4 10 ? 1.740   -5.816  7.063   1.00 114.31 ? 11  DT  D P     1 
ATOM   734 O  OP1   . DT  D 4 10 ? 1.883   -7.277  6.856   1.00 120.08 ? 11  DT  D OP1   1 
ATOM   735 O  OP2   . DT  D 4 10 ? 0.684   -5.063  6.353   1.00 119.38 ? 11  DT  D OP2   1 
ATOM   736 O  "O5'" . DT  D 4 10 ? 1.568   -5.494  8.612   1.00 106.70 ? 11  DT  D "O5'" 1 
ATOM   737 C  "C5'" . DT  D 4 10 ? 2.642   -5.749  9.494   1.00 108.71 ? 11  DT  D "C5'" 1 
ATOM   738 C  "C4'" . DT  D 4 10 ? 2.572   -4.838  10.698  1.00 112.38 ? 11  DT  D "C4'" 1 
ATOM   739 O  "O4'" . DT  D 4 10 ? 2.519   -3.460  10.254  1.00 110.46 ? 11  DT  D "O4'" 1 
ATOM   740 C  "C3'" . DT  D 4 10 ? 1.344   -5.044  11.586  1.00 117.34 ? 11  DT  D "C3'" 1 
ATOM   741 O  "O3'" . DT  D 4 10 ? 1.732   -5.019  12.962  1.00 123.19 ? 11  DT  D "O3'" 1 
ATOM   742 C  "C2'" . DT  D 4 10 ? 0.455   -3.854  11.225  1.00 111.37 ? 11  DT  D "C2'" 1 
ATOM   743 C  "C1'" . DT  D 4 10 ? 1.499   -2.794  10.951  1.00 105.17 ? 11  DT  D "C1'" 1 
ATOM   744 N  N1    . DT  D 4 10 ? 1.020   -1.680  10.109  1.00 104.39 ? 11  DT  D N1    1 
ATOM   745 C  C2    . DT  D 4 10 ? 0.772   -0.463  10.690  1.00 108.98 ? 11  DT  D C2    1 
ATOM   746 O  O2    . DT  D 4 10 ? 0.910   -0.254  11.881  1.00 112.10 ? 11  DT  D O2    1 
ATOM   747 N  N3    . DT  D 4 10 ? 0.348   0.509   9.825   1.00 103.54 ? 11  DT  D N3    1 
ATOM   748 C  C4    . DT  D 4 10 ? 0.158   0.385   8.463   1.00 103.65 ? 11  DT  D C4    1 
ATOM   749 O  O4    . DT  D 4 10 ? -0.228  1.319   7.766   1.00 104.36 ? 11  DT  D O4    1 
ATOM   750 C  C5    . DT  D 4 10 ? 0.444   -0.921  7.916   1.00 103.38 ? 11  DT  D C5    1 
ATOM   751 C  C7    . DT  D 4 10 ? 0.275   -1.178  6.450   1.00 100.80 ? 11  DT  D C7    1 
ATOM   752 C  C6    . DT  D 4 10 ? 0.856   -1.879  8.756   1.00 102.91 ? 11  DT  D C6    1 
ATOM   753 P  P     . DG  D 4 11 ? 0.621   -5.117  14.121  1.00 133.53 ? 12  DG  D P     1 
ATOM   754 O  OP1   . DG  D 4 11 ? 1.262   -5.688  15.327  1.00 130.80 ? 12  DG  D OP1   1 
ATOM   755 O  OP2   . DG  D 4 11 ? -0.574  -5.775  13.551  1.00 128.51 ? 12  DG  D OP2   1 
ATOM   756 O  "O5'" . DG  D 4 11 ? 0.230   -3.597  14.422  1.00 123.27 ? 12  DG  D "O5'" 1 
ATOM   757 C  "C5'" . DG  D 4 11 ? -0.899  -3.319  15.240  1.00 123.90 ? 12  DG  D "C5'" 1 
ATOM   758 C  "C4'" . DG  D 4 11 ? -1.109  -1.826  15.397  1.00 124.39 ? 12  DG  D "C4'" 1 
ATOM   759 O  "O4'" . DG  D 4 11 ? -1.014  -1.187  14.097  1.00 121.41 ? 12  DG  D "O4'" 1 
ATOM   760 C  "C3'" . DG  D 4 11 ? -2.480  -1.428  15.951  1.00 133.48 ? 12  DG  D "C3'" 1 
ATOM   761 O  "O3'" . DG  D 4 11 ? -2.356  -0.273  16.787  1.00 141.89 ? 12  DG  D "O3'" 1 
ATOM   762 C  "C2'" . DG  D 4 11 ? -3.251  -1.092  14.684  1.00 130.31 ? 12  DG  D "C2'" 1 
ATOM   763 C  "C1'" . DG  D 4 11 ? -2.161  -0.395  13.903  1.00 123.01 ? 12  DG  D "C1'" 1 
ATOM   764 N  N9    . DG  D 4 11 ? -2.421  -0.284  12.475  1.00 117.02 ? 12  DG  D N9    1 
ATOM   765 C  C8    . DG  D 4 11 ? -2.405  -1.293  11.544  1.00 115.58 ? 12  DG  D C8    1 
ATOM   766 N  N7    . DG  D 4 11 ? -2.668  -0.882  10.333  1.00 110.33 ? 12  DG  D N7    1 
ATOM   767 C  C5    . DG  D 4 11 ? -2.867  0.483   10.473  1.00 112.15 ? 12  DG  D C5    1 
ATOM   768 C  C6    . DG  D 4 11 ? -3.184  1.463   9.503   1.00 113.03 ? 12  DG  D C6    1 
ATOM   769 O  O6    . DG  D 4 11 ? -3.357  1.310   8.286   1.00 114.19 ? 12  DG  D O6    1 
ATOM   770 N  N1    . DG  D 4 11 ? -3.299  2.729   10.070  1.00 109.38 ? 12  DG  D N1    1 
ATOM   771 C  C2    . DG  D 4 11 ? -3.134  3.008   11.406  1.00 113.79 ? 12  DG  D C2    1 
ATOM   772 N  N2    . DG  D 4 11 ? -3.283  4.288   11.771  1.00 112.83 ? 12  DG  D N2    1 
ATOM   773 N  N3    . DG  D 4 11 ? -2.831  2.098   12.322  1.00 115.06 ? 12  DG  D N3    1 
ATOM   774 C  C4    . DG  D 4 11 ? -2.716  0.864   11.787  1.00 112.92 ? 12  DG  D C4    1 
ATOM   775 P  P     . DT  D 4 12 ? -2.702  -0.348  18.356  1.00 150.86 ? 13  DT  D P     1 
ATOM   776 O  OP1   . DT  D 4 12 ? -2.241  0.911   18.984  1.00 153.64 ? 13  DT  D OP1   1 
ATOM   777 O  OP2   . DT  D 4 12 ? -2.181  -1.643  18.849  1.00 134.08 ? 13  DT  D OP2   1 
ATOM   778 O  "O5'" . DT  D 4 12 ? -4.305  -0.396  18.414  1.00 147.64 ? 13  DT  D "O5'" 1 
ATOM   779 C  "C5'" . DT  D 4 12 ? -5.086  0.236   17.404  1.00 143.19 ? 13  DT  D "C5'" 1 
ATOM   780 C  "C4'" . DT  D 4 12 ? -4.954  1.739   17.466  1.00 145.74 ? 13  DT  D "C4'" 1 
ATOM   781 O  "O4'" . DT  D 4 12 ? -4.606  2.241   16.147  1.00 140.23 ? 13  DT  D "O4'" 1 
ATOM   782 C  "C3'" . DT  D 4 12 ? -6.241  2.451   17.817  1.00 152.29 ? 13  DT  D "C3'" 1 
ATOM   783 O  "O3'" . DT  D 4 12 ? -5.956  3.742   18.325  1.00 157.65 ? 13  DT  D "O3'" 1 
ATOM   784 C  "C2'" . DT  D 4 12 ? -6.919  2.521   16.457  1.00 149.82 ? 13  DT  D "C2'" 1 
ATOM   785 C  "C1'" . DT  D 4 12 ? -5.738  2.869   15.564  1.00 142.65 ? 13  DT  D "C1'" 1 
ATOM   786 N  N1    . DT  D 4 12 ? -5.878  2.390   14.152  1.00 138.09 ? 13  DT  D N1    1 
ATOM   787 C  C2    . DT  D 4 12 ? -6.019  3.312   13.140  1.00 136.65 ? 13  DT  D C2    1 
ATOM   788 O  O2    . DT  D 4 12 ? -6.045  4.515   13.330  1.00 139.31 ? 13  DT  D O2    1 
ATOM   789 N  N3    . DT  D 4 12 ? -6.130  2.773   11.885  1.00 131.28 ? 13  DT  D N3    1 
ATOM   790 C  C4    . DT  D 4 12 ? -6.112  1.433   11.545  1.00 126.67 ? 13  DT  D C4    1 
ATOM   791 O  O4    . DT  D 4 12 ? -6.218  1.046   10.384  1.00 121.40 ? 13  DT  D O4    1 
ATOM   792 C  C5    . DT  D 4 12 ? -5.960  0.519   12.651  1.00 128.95 ? 13  DT  D C5    1 
ATOM   793 C  C7    . DT  D 4 12 ? -5.930  -0.961  12.403  1.00 125.28 ? 13  DT  D C7    1 
ATOM   794 C  C6    . DT  D 4 12 ? -5.852  1.035   13.888  1.00 133.74 ? 13  DT  D C6    1 
ATOM   795 P  P     . DC  D 4 13 ? -6.968  4.432   19.363  1.00 173.64 ? 14  DC  D P     1 
ATOM   796 O  OP1   . DC  D 4 13 ? -6.957  5.889   19.103  1.00 182.34 ? 14  DC  D OP1   1 
ATOM   797 O  OP2   . DC  D 4 13 ? -6.631  3.928   20.714  1.00 176.81 ? 14  DC  D OP2   1 
ATOM   798 O  "O5'" . DC  D 4 13 ? -8.393  3.827   18.952  1.00 167.91 ? 14  DC  D "O5'" 1 
ATOM   799 C  "C5'" . DC  D 4 13 ? -9.568  4.624   19.038  1.00 168.41 ? 14  DC  D "C5'" 1 
ATOM   800 C  "C4'" . DC  D 4 13 ? -9.785  5.415   17.756  1.00 167.71 ? 14  DC  D "C4'" 1 
ATOM   801 O  "O4'" . DC  D 4 13 ? -9.307  4.653   16.618  1.00 161.64 ? 14  DC  D "O4'" 1 
ATOM   802 C  "C3'" . DC  D 4 13 ? -11.247 5.769   17.451  1.00 168.97 ? 14  DC  D "C3'" 1 
ATOM   803 O  "O3'" . DC  D 4 13 ? -11.391 7.172   17.269  1.00 175.08 ? 14  DC  D "O3'" 1 
ATOM   804 C  "C2'" . DC  D 4 13 ? -11.552 5.007   16.160  1.00 164.03 ? 14  DC  D "C2'" 1 
ATOM   805 C  "C1'" . DC  D 4 13 ? -10.174 4.873   15.536  1.00 160.26 ? 14  DC  D "C1'" 1 
ATOM   806 N  N1    . DC  D 4 13 ? -10.058 3.727   14.574  1.00 153.84 ? 14  DC  D N1    1 
ATOM   807 C  C2    . DC  D 4 13 ? -10.088 3.970   13.196  1.00 148.12 ? 14  DC  D C2    1 
ATOM   808 O  O2    . DC  D 4 13 ? -10.207 5.133   12.793  1.00 149.18 ? 14  DC  D O2    1 
ATOM   809 N  N3    . DC  D 4 13 ? -9.983  2.922   12.339  1.00 142.30 ? 14  DC  D N3    1 
ATOM   810 C  C4    . DC  D 4 13 ? -9.855  1.683   12.814  1.00 142.39 ? 14  DC  D C4    1 
ATOM   811 N  N4    . DC  D 4 13 ? -9.755  0.682   11.933  1.00 137.14 ? 14  DC  D N4    1 
ATOM   812 C  C5    . DC  D 4 13 ? -9.824  1.416   14.212  1.00 147.16 ? 14  DC  D C5    1 
ATOM   813 C  C6    . DC  D 4 13 ? -9.934  2.455   15.046  1.00 152.07 ? 14  DC  D C6    1 
ATOM   814 P  P     . DG  D 4 14 ? -12.831 7.862   17.467  1.00 185.48 ? 15  DG  D P     1 
ATOM   815 O  OP1   . DG  D 4 14 ? -12.600 9.296   17.754  1.00 205.02 ? 15  DG  D OP1   1 
ATOM   816 O  OP2   . DG  D 4 14 ? -13.577 7.033   18.441  1.00 186.42 ? 15  DG  D OP2   1 
ATOM   817 O  "O5'" . DG  D 4 14 ? -13.536 7.735   16.030  1.00 179.62 ? 15  DG  D "O5'" 1 
ATOM   818 C  "C5'" . DG  D 4 14 ? -13.394 8.775   15.056  1.00 175.29 ? 15  DG  D "C5'" 1 
ATOM   819 C  "C4'" . DG  D 4 14 ? -13.907 8.321   13.694  1.00 174.56 ? 15  DG  D "C4'" 1 
ATOM   820 O  "O4'" . DG  D 4 14 ? -13.257 7.093   13.324  1.00 167.38 ? 15  DG  D "O4'" 1 
ATOM   821 C  "C3'" . DG  D 4 14 ? -15.395 8.015   13.631  1.00 171.39 ? 15  DG  D "C3'" 1 
ATOM   822 O  "O3'" . DG  D 4 14 ? -16.113 9.192   13.258  1.00 177.89 ? 15  DG  D "O3'" 1 
ATOM   823 C  "C2'" . DG  D 4 14 ? -15.500 6.929   12.550  1.00 162.49 ? 15  DG  D "C2'" 1 
ATOM   824 C  "C1'" . DG  D 4 14 ? -14.083 6.367   12.439  1.00 158.90 ? 15  DG  D "C1'" 1 
ATOM   825 N  N9    . DG  D 4 14 ? -13.979 4.951   12.778  1.00 150.23 ? 15  DG  D N9    1 
ATOM   826 C  C8    . DG  D 4 14 ? -13.937 4.403   14.037  1.00 150.48 ? 15  DG  D C8    1 
ATOM   827 N  N7    . DG  D 4 14 ? -13.817 3.104   14.036  1.00 144.49 ? 15  DG  D N7    1 
ATOM   828 C  C5    . DG  D 4 14 ? -13.782 2.768   12.690  1.00 143.54 ? 15  DG  D C5    1 
ATOM   829 C  C6    . DG  D 4 14 ? -13.669 1.503   12.069  1.00 139.23 ? 15  DG  D C6    1 
ATOM   830 O  O6    . DG  D 4 14 ? -13.574 0.390   12.607  1.00 139.36 ? 15  DG  D O6    1 
ATOM   831 N  N1    . DG  D 4 14 ? -13.672 1.608   10.681  1.00 136.71 ? 15  DG  D N1    1 
ATOM   832 C  C2    . DG  D 4 14 ? -13.772 2.790   9.982   1.00 137.47 ? 15  DG  D C2    1 
ATOM   833 N  N2    . DG  D 4 14 ? -13.758 2.691   8.646   1.00 134.59 ? 15  DG  D N2    1 
ATOM   834 N  N3    . DG  D 4 14 ? -13.879 3.982   10.551  1.00 140.63 ? 15  DG  D N3    1 
ATOM   835 C  C4    . DG  D 4 14 ? -13.878 3.896   11.903  1.00 145.25 ? 15  DG  D C4    1 
ATOM   836 P  P     . DT  D 4 15 ? -17.637 9.099   12.750  1.00 195.23 ? 16  DT  D P     1 
ATOM   837 O  OP1   . DT  D 4 15 ? -18.240 10.437  12.935  1.00 220.90 ? 16  DT  D OP1   1 
ATOM   838 O  OP2   . DT  D 4 15 ? -18.269 7.923   13.389  1.00 184.49 ? 16  DT  D OP2   1 
ATOM   839 O  "O5'" . DT  D 4 15 ? -17.506 8.809   11.179  1.00 183.57 ? 16  DT  D "O5'" 1 
ATOM   840 C  "C5'" . DT  D 4 15 ? -18.657 8.459   10.416  1.00 175.25 ? 16  DT  D "C5'" 1 
ATOM   841 C  "C4'" . DT  D 4 15 ? -18.257 7.753   9.130   1.00 170.45 ? 16  DT  D "C4'" 1 
ATOM   842 O  "O4'" . DT  D 4 15 ? -17.415 6.613   9.447   1.00 167.74 ? 16  DT  D "O4'" 1 
ATOM   843 C  "C3'" . DT  D 4 15 ? -19.417 7.196   8.315   1.00 165.80 ? 16  DT  D "C3'" 1 
ATOM   844 O  "O3'" . DT  D 4 15 ? -19.105 7.249   6.926   1.00 172.27 ? 16  DT  D "O3'" 1 
ATOM   845 C  "C2'" . DT  D 4 15 ? -19.510 5.759   8.813   1.00 149.31 ? 16  DT  D "C2'" 1 
ATOM   846 C  "C1'" . DT  D 4 15 ? -18.041 5.418   9.017   1.00 150.16 ? 16  DT  D "C1'" 1 
ATOM   847 N  N1    . DT  D 4 15 ? -17.810 4.366   10.049  1.00 144.87 ? 16  DT  D N1    1 
ATOM   848 C  C2    . DT  D 4 15 ? -17.572 3.072   9.650   1.00 138.63 ? 16  DT  D C2    1 
ATOM   849 O  O2    . DT  D 4 15 ? -17.542 2.728   8.484   1.00 136.82 ? 16  DT  D O2    1 
ATOM   850 N  N3    . DT  D 4 15 ? -17.370 2.184   10.675  1.00 136.28 ? 16  DT  D N3    1 
ATOM   851 C  C4    . DT  D 4 15 ? -17.383 2.457   12.031  1.00 136.63 ? 16  DT  D C4    1 
ATOM   852 O  O4    . DT  D 4 15 ? -17.190 1.590   12.879  1.00 134.20 ? 16  DT  D O4    1 
ATOM   853 C  C5    . DT  D 4 15 ? -17.636 3.835   12.378  1.00 140.71 ? 16  DT  D C5    1 
ATOM   854 C  C7    . DT  D 4 15 ? -17.674 4.251   13.816  1.00 145.82 ? 16  DT  D C7    1 
ATOM   855 C  C6    . DT  D 4 15 ? -17.835 4.712   11.381  1.00 146.16 ? 16  DT  D C6    1 
HETATM 856 AS AS    . CAC E 5 .  ? 12.452  -9.696  1.068   1.00 192.30 ? 101 CAC C AS    1 
# 
loop_
_pdbx_poly_seq_scheme.asym_id 
_pdbx_poly_seq_scheme.entity_id 
_pdbx_poly_seq_scheme.seq_id 
_pdbx_poly_seq_scheme.mon_id 
_pdbx_poly_seq_scheme.ndb_seq_num 
_pdbx_poly_seq_scheme.pdb_seq_num 
_pdbx_poly_seq_scheme.auth_seq_num 
_pdbx_poly_seq_scheme.pdb_mon_id 
_pdbx_poly_seq_scheme.auth_mon_id 
_pdbx_poly_seq_scheme.pdb_strand_id 
_pdbx_poly_seq_scheme.pdb_ins_code 
_pdbx_poly_seq_scheme.hetero 
A 1 1  DG 1  1  1  DG DG A . n 
A 1 2  DA 2  2  2  DA DA A . n 
A 1 3  DA 3  3  3  DA DA A . n 
A 1 4  DC 4  4  4  DC DC A . n 
A 1 5  DG 5  5  5  DG DG A . n 
A 1 6  DA 6  6  6  DA DA A . n 
A 1 7  DC 7  7  7  DC DC A . n 
A 1 8  DA 8  8  8  DA DA A . n 
A 1 9  DC 9  9  9  DC DC A . n 
A 1 10 DT 10 10 10 DT DT A . n 
A 1 11 DG 11 11 11 DG DG A . n 
A 1 12 DA 12 12 12 DA DA A . n 
B 2 1  DC 1  12 12 DC DC B . n 
B 2 2  DG 2  13 13 DG DG B . n 
B 2 3  DG 3  14 14 DG DG B . n 
B 2 4  DC 4  15 15 DC DC B . n 
B 2 5  DG 5  16 16 DG DG B . n 
B 2 6  DA 6  17 17 DA DA B . n 
B 2 7  DC 7  18 18 DC DC B . n 
B 2 8  DT 8  19 19 DT DT B . n 
B 2 9  DC 9  20 20 DC DC B . n 
C 3 1  DT 1  0  0  DT DT C . n 
C 3 2  DC 2  1  1  DC DC C . n 
C 3 3  DA 3  2  2  DA DA C . n 
C 3 4  DC 4  3  3  DC DC C . n 
C 3 5  DC 5  4  4  DC DC C . n 
C 3 6  DG 6  5  5  DG DG C . n 
D 4 1  DT 1  2  2  DT DT D . n 
D 4 2  DC 2  3  3  DC DC D . n 
D 4 3  DG 3  4  4  DG DG D . n 
D 4 4  DA 4  5  5  DA DA D . n 
D 4 5  DG 5  6  6  DG DG D . n 
D 4 6  DT 6  7  7  DT DT D . n 
D 4 7  DC 7  8  8  DC DC D . n 
D 4 8  DG 8  9  9  DG DG D . n 
D 4 9  DG 9  10 10 DG DG D . n 
D 4 10 DT 10 11 11 DT DT D . n 
D 4 11 DG 11 12 12 DG DG D . n 
D 4 12 DT 12 13 13 DT DT D . n 
D 4 13 DC 13 14 14 DC DC D . n 
D 4 14 DG 14 15 15 DG DG D . n 
D 4 15 DT 15 16 16 DT DT D . n 
# 
_pdbx_nonpoly_scheme.asym_id         E 
_pdbx_nonpoly_scheme.entity_id       5 
_pdbx_nonpoly_scheme.mon_id          CAC 
_pdbx_nonpoly_scheme.ndb_seq_num     1 
_pdbx_nonpoly_scheme.pdb_seq_num     101 
_pdbx_nonpoly_scheme.auth_seq_num    1 
_pdbx_nonpoly_scheme.pdb_mon_id      CAC 
_pdbx_nonpoly_scheme.auth_mon_id     AS 
_pdbx_nonpoly_scheme.pdb_strand_id   C 
_pdbx_nonpoly_scheme.pdb_ins_code    . 
# 
_pdbx_struct_assembly.id                   1 
_pdbx_struct_assembly.details              author_and_software_defined_assembly 
_pdbx_struct_assembly.method_details       PISA 
_pdbx_struct_assembly.oligomeric_details   tetrameric 
_pdbx_struct_assembly.oligomeric_count     4 
# 
_pdbx_struct_assembly_gen.assembly_id       1 
_pdbx_struct_assembly_gen.oper_expression   1 
_pdbx_struct_assembly_gen.asym_id_list      A,B,C,D,E 
# 
loop_
_pdbx_struct_assembly_prop.biol_id 
_pdbx_struct_assembly_prop.type 
_pdbx_struct_assembly_prop.value 
_pdbx_struct_assembly_prop.details 
1 'ABSA (A^2)' 2480 ? 
1 MORE         -9   ? 
1 'SSA (A^2)'  7920 ? 
# 
_pdbx_struct_oper_list.id                   1 
_pdbx_struct_oper_list.type                 'identity operation' 
_pdbx_struct_oper_list.name                 1_555 
_pdbx_struct_oper_list.symmetry_operation   x,y,z 
_pdbx_struct_oper_list.matrix[1][1]         1.0000000000 
_pdbx_struct_oper_list.matrix[1][2]         0.0000000000 
_pdbx_struct_oper_list.matrix[1][3]         0.0000000000 
_pdbx_struct_oper_list.vector[1]            0.0000000000 
_pdbx_struct_oper_list.matrix[2][1]         0.0000000000 
_pdbx_struct_oper_list.matrix[2][2]         1.0000000000 
_pdbx_struct_oper_list.matrix[2][3]         0.0000000000 
_pdbx_struct_oper_list.vector[2]            0.0000000000 
_pdbx_struct_oper_list.matrix[3][1]         0.0000000000 
_pdbx_struct_oper_list.matrix[3][2]         0.0000000000 
_pdbx_struct_oper_list.matrix[3][3]         1.0000000000 
_pdbx_struct_oper_list.vector[3]            0.0000000000 
# 
loop_
_pdbx_audit_revision_history.ordinal 
_pdbx_audit_revision_history.data_content_type 
_pdbx_audit_revision_history.major_revision 
_pdbx_audit_revision_history.minor_revision 
_pdbx_audit_revision_history.revision_date 
1 'Structure model' 1 0 2021-07-14 
2 'Structure model' 1 1 2022-07-06 
3 'Structure model' 1 2 2023-10-18 
# 
_pdbx_audit_revision_details.ordinal             1 
_pdbx_audit_revision_details.revision_ordinal    1 
_pdbx_audit_revision_details.data_content_type   'Structure model' 
_pdbx_audit_revision_details.provider            repository 
_pdbx_audit_revision_details.type                'Initial release' 
_pdbx_audit_revision_details.description         ? 
_pdbx_audit_revision_details.details             ? 
# 
loop_
_pdbx_audit_revision_group.ordinal 
_pdbx_audit_revision_group.revision_ordinal 
_pdbx_audit_revision_group.data_content_type 
_pdbx_audit_revision_group.group 
1 2 'Structure model' 'Database references'    
2 3 'Structure model' 'Data collection'        
3 3 'Structure model' 'Refinement description' 
# 
loop_
_pdbx_audit_revision_category.ordinal 
_pdbx_audit_revision_category.revision_ordinal 
_pdbx_audit_revision_category.data_content_type 
_pdbx_audit_revision_category.category 
1 2 'Structure model' citation                      
2 2 'Structure model' citation_author               
3 2 'Structure model' database_2                    
4 3 'Structure model' chem_comp_atom                
5 3 'Structure model' chem_comp_bond                
6 3 'Structure model' pdbx_initial_refinement_model 
# 
loop_
_pdbx_audit_revision_item.ordinal 
_pdbx_audit_revision_item.revision_ordinal 
_pdbx_audit_revision_item.data_content_type 
_pdbx_audit_revision_item.item 
1  2 'Structure model' '_citation.country'                   
2  2 'Structure model' '_citation.journal_abbrev'            
3  2 'Structure model' '_citation.journal_id_CSD'            
4  2 'Structure model' '_citation.journal_id_ISSN'           
5  2 'Structure model' '_citation.journal_volume'            
6  2 'Structure model' '_citation.page_first'                
7  2 'Structure model' '_citation.page_last'                 
8  2 'Structure model' '_citation.pdbx_database_id_DOI'      
9  2 'Structure model' '_citation.pdbx_database_id_PubMed'   
10 2 'Structure model' '_citation.title'                     
11 2 'Structure model' '_citation.year'                      
12 2 'Structure model' '_database_2.pdbx_DOI'                
13 2 'Structure model' '_database_2.pdbx_database_accession' 
# 
loop_
_software.citation_id 
_software.classification 
_software.compiler_name 
_software.compiler_version 
_software.contact_author 
_software.contact_author_email 
_software.date 
_software.description 
_software.dependencies 
_software.hardware 
_software.language 
_software.location 
_software.mods 
_software.name 
_software.os 
_software.os_version 
_software.type 
_software.version 
_software.pdbx_ordinal 
? 'data reduction'  ? ? ? ? ? ? ? ? ? ? ? HKL-2000    ? ? ? .           1 
? 'data scaling'    ? ? ? ? ? ? ? ? ? ? ? HKL-2000    ? ? ? .           2 
? refinement        ? ? ? ? ? ? ? ? ? ? ? PHENIX      ? ? ? 1.11.1_2575 3 
? 'data extraction' ? ? ? ? ? ? ? ? ? ? ? PDB_EXTRACT ? ? ? 3.25        4 
? phasing           ? ? ? ? ? ? ? ? ? ? ? PHASER      ? ? ? .           5 
# 
_pdbx_entry_details.entry_id                 7JIP 
_pdbx_entry_details.has_ligand_of_interest   N 
_pdbx_entry_details.compound_details         ? 
_pdbx_entry_details.source_details           ? 
_pdbx_entry_details.nonpolymer_details       ? 
_pdbx_entry_details.sequence_details         ? 
# 
loop_
_pdbx_unobs_or_zero_occ_atoms.id 
_pdbx_unobs_or_zero_occ_atoms.PDB_model_num 
_pdbx_unobs_or_zero_occ_atoms.polymer_flag 
_pdbx_unobs_or_zero_occ_atoms.occupancy_flag 
_pdbx_unobs_or_zero_occ_atoms.auth_asym_id 
_pdbx_unobs_or_zero_occ_atoms.auth_comp_id 
_pdbx_unobs_or_zero_occ_atoms.auth_seq_id 
_pdbx_unobs_or_zero_occ_atoms.PDB_ins_code 
_pdbx_unobs_or_zero_occ_atoms.auth_atom_id 
_pdbx_unobs_or_zero_occ_atoms.label_alt_id 
_pdbx_unobs_or_zero_occ_atoms.label_asym_id 
_pdbx_unobs_or_zero_occ_atoms.label_comp_id 
_pdbx_unobs_or_zero_occ_atoms.label_seq_id 
_pdbx_unobs_or_zero_occ_atoms.label_atom_id 
1 1 N 1 C CAC 101 ? O1 ? E CAC 1 O1 
2 1 N 1 C CAC 101 ? O2 ? E CAC 1 O2 
3 1 N 1 C CAC 101 ? C1 ? E CAC 1 C1 
4 1 N 1 C CAC 101 ? C2 ? E CAC 1 C2 
# 
loop_
_chem_comp_atom.comp_id 
_chem_comp_atom.atom_id 
_chem_comp_atom.type_symbol 
_chem_comp_atom.pdbx_aromatic_flag 
_chem_comp_atom.pdbx_stereo_config 
_chem_comp_atom.pdbx_ordinal 
CAC AS     AS N N 1   
CAC O1     O  N N 2   
CAC O2     O  N N 3   
CAC C1     C  N N 4   
CAC C2     C  N N 5   
CAC H11    H  N N 6   
CAC H12    H  N N 7   
CAC H13    H  N N 8   
CAC H21    H  N N 9   
CAC H22    H  N N 10  
CAC H23    H  N N 11  
DA  OP3    O  N N 12  
DA  P      P  N N 13  
DA  OP1    O  N N 14  
DA  OP2    O  N N 15  
DA  "O5'"  O  N N 16  
DA  "C5'"  C  N N 17  
DA  "C4'"  C  N R 18  
DA  "O4'"  O  N N 19  
DA  "C3'"  C  N S 20  
DA  "O3'"  O  N N 21  
DA  "C2'"  C  N N 22  
DA  "C1'"  C  N R 23  
DA  N9     N  Y N 24  
DA  C8     C  Y N 25  
DA  N7     N  Y N 26  
DA  C5     C  Y N 27  
DA  C6     C  Y N 28  
DA  N6     N  N N 29  
DA  N1     N  Y N 30  
DA  C2     C  Y N 31  
DA  N3     N  Y N 32  
DA  C4     C  Y N 33  
DA  HOP3   H  N N 34  
DA  HOP2   H  N N 35  
DA  "H5'"  H  N N 36  
DA  "H5''" H  N N 37  
DA  "H4'"  H  N N 38  
DA  "H3'"  H  N N 39  
DA  "HO3'" H  N N 40  
DA  "H2'"  H  N N 41  
DA  "H2''" H  N N 42  
DA  "H1'"  H  N N 43  
DA  H8     H  N N 44  
DA  H61    H  N N 45  
DA  H62    H  N N 46  
DA  H2     H  N N 47  
DC  OP3    O  N N 48  
DC  P      P  N N 49  
DC  OP1    O  N N 50  
DC  OP2    O  N N 51  
DC  "O5'"  O  N N 52  
DC  "C5'"  C  N N 53  
DC  "C4'"  C  N R 54  
DC  "O4'"  O  N N 55  
DC  "C3'"  C  N S 56  
DC  "O3'"  O  N N 57  
DC  "C2'"  C  N N 58  
DC  "C1'"  C  N R 59  
DC  N1     N  N N 60  
DC  C2     C  N N 61  
DC  O2     O  N N 62  
DC  N3     N  N N 63  
DC  C4     C  N N 64  
DC  N4     N  N N 65  
DC  C5     C  N N 66  
DC  C6     C  N N 67  
DC  HOP3   H  N N 68  
DC  HOP2   H  N N 69  
DC  "H5'"  H  N N 70  
DC  "H5''" H  N N 71  
DC  "H4'"  H  N N 72  
DC  "H3'"  H  N N 73  
DC  "HO3'" H  N N 74  
DC  "H2'"  H  N N 75  
DC  "H2''" H  N N 76  
DC  "H1'"  H  N N 77  
DC  H41    H  N N 78  
DC  H42    H  N N 79  
DC  H5     H  N N 80  
DC  H6     H  N N 81  
DG  OP3    O  N N 82  
DG  P      P  N N 83  
DG  OP1    O  N N 84  
DG  OP2    O  N N 85  
DG  "O5'"  O  N N 86  
DG  "C5'"  C  N N 87  
DG  "C4'"  C  N R 88  
DG  "O4'"  O  N N 89  
DG  "C3'"  C  N S 90  
DG  "O3'"  O  N N 91  
DG  "C2'"  C  N N 92  
DG  "C1'"  C  N R 93  
DG  N9     N  Y N 94  
DG  C8     C  Y N 95  
DG  N7     N  Y N 96  
DG  C5     C  Y N 97  
DG  C6     C  N N 98  
DG  O6     O  N N 99  
DG  N1     N  N N 100 
DG  C2     C  N N 101 
DG  N2     N  N N 102 
DG  N3     N  N N 103 
DG  C4     C  Y N 104 
DG  HOP3   H  N N 105 
DG  HOP2   H  N N 106 
DG  "H5'"  H  N N 107 
DG  "H5''" H  N N 108 
DG  "H4'"  H  N N 109 
DG  "H3'"  H  N N 110 
DG  "HO3'" H  N N 111 
DG  "H2'"  H  N N 112 
DG  "H2''" H  N N 113 
DG  "H1'"  H  N N 114 
DG  H8     H  N N 115 
DG  H1     H  N N 116 
DG  H21    H  N N 117 
DG  H22    H  N N 118 
DT  OP3    O  N N 119 
DT  P      P  N N 120 
DT  OP1    O  N N 121 
DT  OP2    O  N N 122 
DT  "O5'"  O  N N 123 
DT  "C5'"  C  N N 124 
DT  "C4'"  C  N R 125 
DT  "O4'"  O  N N 126 
DT  "C3'"  C  N S 127 
DT  "O3'"  O  N N 128 
DT  "C2'"  C  N N 129 
DT  "C1'"  C  N R 130 
DT  N1     N  N N 131 
DT  C2     C  N N 132 
DT  O2     O  N N 133 
DT  N3     N  N N 134 
DT  C4     C  N N 135 
DT  O4     O  N N 136 
DT  C5     C  N N 137 
DT  C7     C  N N 138 
DT  C6     C  N N 139 
DT  HOP3   H  N N 140 
DT  HOP2   H  N N 141 
DT  "H5'"  H  N N 142 
DT  "H5''" H  N N 143 
DT  "H4'"  H  N N 144 
DT  "H3'"  H  N N 145 
DT  "HO3'" H  N N 146 
DT  "H2'"  H  N N 147 
DT  "H2''" H  N N 148 
DT  "H1'"  H  N N 149 
DT  H3     H  N N 150 
DT  H71    H  N N 151 
DT  H72    H  N N 152 
DT  H73    H  N N 153 
DT  H6     H  N N 154 
# 
loop_
_chem_comp_bond.comp_id 
_chem_comp_bond.atom_id_1 
_chem_comp_bond.atom_id_2 
_chem_comp_bond.value_order 
_chem_comp_bond.pdbx_aromatic_flag 
_chem_comp_bond.pdbx_stereo_config 
_chem_comp_bond.pdbx_ordinal 
CAC AS    O1     doub N N 1   
CAC AS    O2     sing N N 2   
CAC AS    C1     sing N N 3   
CAC AS    C2     sing N N 4   
CAC C1    H11    sing N N 5   
CAC C1    H12    sing N N 6   
CAC C1    H13    sing N N 7   
CAC C2    H21    sing N N 8   
CAC C2    H22    sing N N 9   
CAC C2    H23    sing N N 10  
DA  OP3   P      sing N N 11  
DA  OP3   HOP3   sing N N 12  
DA  P     OP1    doub N N 13  
DA  P     OP2    sing N N 14  
DA  P     "O5'"  sing N N 15  
DA  OP2   HOP2   sing N N 16  
DA  "O5'" "C5'"  sing N N 17  
DA  "C5'" "C4'"  sing N N 18  
DA  "C5'" "H5'"  sing N N 19  
DA  "C5'" "H5''" sing N N 20  
DA  "C4'" "O4'"  sing N N 21  
DA  "C4'" "C3'"  sing N N 22  
DA  "C4'" "H4'"  sing N N 23  
DA  "O4'" "C1'"  sing N N 24  
DA  "C3'" "O3'"  sing N N 25  
DA  "C3'" "C2'"  sing N N 26  
DA  "C3'" "H3'"  sing N N 27  
DA  "O3'" "HO3'" sing N N 28  
DA  "C2'" "C1'"  sing N N 29  
DA  "C2'" "H2'"  sing N N 30  
DA  "C2'" "H2''" sing N N 31  
DA  "C1'" N9     sing N N 32  
DA  "C1'" "H1'"  sing N N 33  
DA  N9    C8     sing Y N 34  
DA  N9    C4     sing Y N 35  
DA  C8    N7     doub Y N 36  
DA  C8    H8     sing N N 37  
DA  N7    C5     sing Y N 38  
DA  C5    C6     sing Y N 39  
DA  C5    C4     doub Y N 40  
DA  C6    N6     sing N N 41  
DA  C6    N1     doub Y N 42  
DA  N6    H61    sing N N 43  
DA  N6    H62    sing N N 44  
DA  N1    C2     sing Y N 45  
DA  C2    N3     doub Y N 46  
DA  C2    H2     sing N N 47  
DA  N3    C4     sing Y N 48  
DC  OP3   P      sing N N 49  
DC  OP3   HOP3   sing N N 50  
DC  P     OP1    doub N N 51  
DC  P     OP2    sing N N 52  
DC  P     "O5'"  sing N N 53  
DC  OP2   HOP2   sing N N 54  
DC  "O5'" "C5'"  sing N N 55  
DC  "C5'" "C4'"  sing N N 56  
DC  "C5'" "H5'"  sing N N 57  
DC  "C5'" "H5''" sing N N 58  
DC  "C4'" "O4'"  sing N N 59  
DC  "C4'" "C3'"  sing N N 60  
DC  "C4'" "H4'"  sing N N 61  
DC  "O4'" "C1'"  sing N N 62  
DC  "C3'" "O3'"  sing N N 63  
DC  "C3'" "C2'"  sing N N 64  
DC  "C3'" "H3'"  sing N N 65  
DC  "O3'" "HO3'" sing N N 66  
DC  "C2'" "C1'"  sing N N 67  
DC  "C2'" "H2'"  sing N N 68  
DC  "C2'" "H2''" sing N N 69  
DC  "C1'" N1     sing N N 70  
DC  "C1'" "H1'"  sing N N 71  
DC  N1    C2     sing N N 72  
DC  N1    C6     sing N N 73  
DC  C2    O2     doub N N 74  
DC  C2    N3     sing N N 75  
DC  N3    C4     doub N N 76  
DC  C4    N4     sing N N 77  
DC  C4    C5     sing N N 78  
DC  N4    H41    sing N N 79  
DC  N4    H42    sing N N 80  
DC  C5    C6     doub N N 81  
DC  C5    H5     sing N N 82  
DC  C6    H6     sing N N 83  
DG  OP3   P      sing N N 84  
DG  OP3   HOP3   sing N N 85  
DG  P     OP1    doub N N 86  
DG  P     OP2    sing N N 87  
DG  P     "O5'"  sing N N 88  
DG  OP2   HOP2   sing N N 89  
DG  "O5'" "C5'"  sing N N 90  
DG  "C5'" "C4'"  sing N N 91  
DG  "C5'" "H5'"  sing N N 92  
DG  "C5'" "H5''" sing N N 93  
DG  "C4'" "O4'"  sing N N 94  
DG  "C4'" "C3'"  sing N N 95  
DG  "C4'" "H4'"  sing N N 96  
DG  "O4'" "C1'"  sing N N 97  
DG  "C3'" "O3'"  sing N N 98  
DG  "C3'" "C2'"  sing N N 99  
DG  "C3'" "H3'"  sing N N 100 
DG  "O3'" "HO3'" sing N N 101 
DG  "C2'" "C1'"  sing N N 102 
DG  "C2'" "H2'"  sing N N 103 
DG  "C2'" "H2''" sing N N 104 
DG  "C1'" N9     sing N N 105 
DG  "C1'" "H1'"  sing N N 106 
DG  N9    C8     sing Y N 107 
DG  N9    C4     sing Y N 108 
DG  C8    N7     doub Y N 109 
DG  C8    H8     sing N N 110 
DG  N7    C5     sing Y N 111 
DG  C5    C6     sing N N 112 
DG  C5    C4     doub Y N 113 
DG  C6    O6     doub N N 114 
DG  C6    N1     sing N N 115 
DG  N1    C2     sing N N 116 
DG  N1    H1     sing N N 117 
DG  C2    N2     sing N N 118 
DG  C2    N3     doub N N 119 
DG  N2    H21    sing N N 120 
DG  N2    H22    sing N N 121 
DG  N3    C4     sing N N 122 
DT  OP3   P      sing N N 123 
DT  OP3   HOP3   sing N N 124 
DT  P     OP1    doub N N 125 
DT  P     OP2    sing N N 126 
DT  P     "O5'"  sing N N 127 
DT  OP2   HOP2   sing N N 128 
DT  "O5'" "C5'"  sing N N 129 
DT  "C5'" "C4'"  sing N N 130 
DT  "C5'" "H5'"  sing N N 131 
DT  "C5'" "H5''" sing N N 132 
DT  "C4'" "O4'"  sing N N 133 
DT  "C4'" "C3'"  sing N N 134 
DT  "C4'" "H4'"  sing N N 135 
DT  "O4'" "C1'"  sing N N 136 
DT  "C3'" "O3'"  sing N N 137 
DT  "C3'" "C2'"  sing N N 138 
DT  "C3'" "H3'"  sing N N 139 
DT  "O3'" "HO3'" sing N N 140 
DT  "C2'" "C1'"  sing N N 141 
DT  "C2'" "H2'"  sing N N 142 
DT  "C2'" "H2''" sing N N 143 
DT  "C1'" N1     sing N N 144 
DT  "C1'" "H1'"  sing N N 145 
DT  N1    C2     sing N N 146 
DT  N1    C6     sing N N 147 
DT  C2    O2     doub N N 148 
DT  C2    N3     sing N N 149 
DT  N3    C4     sing N N 150 
DT  N3    H3     sing N N 151 
DT  C4    O4     doub N N 152 
DT  C4    C5     sing N N 153 
DT  C5    C7     sing N N 154 
DT  C5    C6     doub N N 155 
DT  C7    H71    sing N N 156 
DT  C7    H72    sing N N 157 
DT  C7    H73    sing N N 158 
DT  C6    H6     sing N N 159 
# 
loop_
_ndb_struct_conf_na.entry_id 
_ndb_struct_conf_na.feature 
7JIP 'double helix'        
7JIP 'b-form double helix' 
# 
loop_
_ndb_struct_na_base_pair.model_number 
_ndb_struct_na_base_pair.i_label_asym_id 
_ndb_struct_na_base_pair.i_label_comp_id 
_ndb_struct_na_base_pair.i_label_seq_id 
_ndb_struct_na_base_pair.i_symmetry 
_ndb_struct_na_base_pair.j_label_asym_id 
_ndb_struct_na_base_pair.j_label_comp_id 
_ndb_struct_na_base_pair.j_label_seq_id 
_ndb_struct_na_base_pair.j_symmetry 
_ndb_struct_na_base_pair.shear 
_ndb_struct_na_base_pair.stretch 
_ndb_struct_na_base_pair.stagger 
_ndb_struct_na_base_pair.buckle 
_ndb_struct_na_base_pair.propeller 
_ndb_struct_na_base_pair.opening 
_ndb_struct_na_base_pair.pair_number 
_ndb_struct_na_base_pair.pair_name 
_ndb_struct_na_base_pair.i_auth_asym_id 
_ndb_struct_na_base_pair.i_auth_seq_id 
_ndb_struct_na_base_pair.i_PDB_ins_code 
_ndb_struct_na_base_pair.j_auth_asym_id 
_ndb_struct_na_base_pair.j_auth_seq_id 
_ndb_struct_na_base_pair.j_PDB_ins_code 
_ndb_struct_na_base_pair.hbond_type_28 
_ndb_struct_na_base_pair.hbond_type_12 
1 A DA 3  1_555 D DT 15 1_555 0.370  0.191  0.592  5.219   -11.682 0.781   1  A_DA3:DT16_D A 3  ? D 16 ? 20 1 
1 A DC 4  1_555 D DG 14 1_555 -0.195 -0.074 0.440  5.353   -15.029 6.611   2  A_DC4:DG15_D A 4  ? D 15 ? 19 1 
1 A DG 5  1_555 D DC 13 1_555 1.108  0.234  -0.203 -2.361  -13.530 -5.658  3  A_DG5:DC14_D A 5  ? D 14 ? 19 1 
1 A DA 6  1_555 D DT 12 1_555 0.421  -0.078 -0.760 -2.905  -16.518 -10.913 4  A_DA6:DT13_D A 6  ? D 13 ? 20 1 
1 A DC 7  1_555 D DG 11 1_555 0.367  -0.369 0.172  -3.545  -12.685 3.121   5  A_DC7:DG12_D A 7  ? D 12 ? 19 1 
1 A DA 8  1_555 D DT 10 1_555 0.300  -0.203 0.476  -4.483  -9.905  -23.993 6  A_DA8:DT11_D A 8  ? D 11 ? 20 1 
1 A DC 9  1_555 D DG 9  1_555 0.158  -0.062 -0.047 1.712   -11.259 -5.846  7  A_DC9:DG10_D A 9  ? D 10 ? 19 1 
1 A DT 10 1_555 C DA 3  1_555 -1.173 0.038  0.977  -3.891  -14.345 12.717  8  A_DT10:DA2_C A 10 ? C 2  ? ?  1 
1 A DG 11 1_555 C DC 2  1_555 -0.233 0.024  0.036  -4.610  -6.168  7.292   9  A_DG11:DC1_C A 11 ? C 1  ? 19 1 
1 A DA 12 1_555 C DT 1  1_555 1.052  0.455  -0.024 1.822   -8.132  -16.568 10 A_DA12:DT0_C A 12 ? C 0  ? 20 1 
1 B DC 1  1_555 C DG 6  1_555 -0.443 -0.319 0.555  4.810   -24.648 -21.267 11 B_DC12:DG5_C B 12 ? C 5  ? 19 1 
1 B DG 2  1_555 C DC 5  1_555 0.226  -0.140 0.144  -0.954  -22.590 -3.768  12 B_DG13:DC4_C B 13 ? C 4  ? 19 1 
1 B DG 3  1_555 C DC 4  1_555 0.567  0.029  -0.388 -14.503 -17.824 -0.635  13 B_DG14:DC3_C B 14 ? C 3  ? 19 1 
1 B DC 4  1_555 D DG 8  1_555 -0.497 -0.371 0.071  -7.753  -12.586 -2.166  14 B_DC15:DG9_D B 15 ? D 9  ? 19 1 
1 B DG 5  1_555 D DC 7  1_555 0.244  0.058  -0.053 0.668   -6.435  -2.838  15 B_DG16:DC8_D B 16 ? D 8  ? 19 1 
1 B DA 6  1_555 D DT 6  1_555 1.561  0.076  -0.188 6.260   -2.225  -2.464  16 B_DA17:DT7_D B 17 ? D 7  ? 20 1 
1 B DC 7  1_555 D DG 5  1_555 -0.015 -0.342 -0.170 12.752  -10.267 1.126   17 B_DC18:DG6_D B 18 ? D 6  ? 19 1 
1 B DT 8  1_555 D DA 4  1_555 -1.498 -0.020 -0.567 12.184  -13.988 -4.679  18 B_DT19:DA5_D B 19 ? D 5  ? 20 1 
1 B DC 9  1_555 D DG 3  1_555 0.406  0.567  0.286  2.041   -18.343 4.957   19 B_DC20:DG4_D B 20 ? D 4  ? ?  1 
# 
loop_
_ndb_struct_na_base_pair_step.model_number 
_ndb_struct_na_base_pair_step.i_label_asym_id_1 
_ndb_struct_na_base_pair_step.i_label_comp_id_1 
_ndb_struct_na_base_pair_step.i_label_seq_id_1 
_ndb_struct_na_base_pair_step.i_symmetry_1 
_ndb_struct_na_base_pair_step.j_label_asym_id_1 
_ndb_struct_na_base_pair_step.j_label_comp_id_1 
_ndb_struct_na_base_pair_step.j_label_seq_id_1 
_ndb_struct_na_base_pair_step.j_symmetry_1 
_ndb_struct_na_base_pair_step.i_label_asym_id_2 
_ndb_struct_na_base_pair_step.i_label_comp_id_2 
_ndb_struct_na_base_pair_step.i_label_seq_id_2 
_ndb_struct_na_base_pair_step.i_symmetry_2 
_ndb_struct_na_base_pair_step.j_label_asym_id_2 
_ndb_struct_na_base_pair_step.j_label_comp_id_2 
_ndb_struct_na_base_pair_step.j_label_seq_id_2 
_ndb_struct_na_base_pair_step.j_symmetry_2 
_ndb_struct_na_base_pair_step.shift 
_ndb_struct_na_base_pair_step.slide 
_ndb_struct_na_base_pair_step.rise 
_ndb_struct_na_base_pair_step.tilt 
_ndb_struct_na_base_pair_step.roll 
_ndb_struct_na_base_pair_step.twist 
_ndb_struct_na_base_pair_step.x_displacement 
_ndb_struct_na_base_pair_step.y_displacement 
_ndb_struct_na_base_pair_step.helical_rise 
_ndb_struct_na_base_pair_step.inclination 
_ndb_struct_na_base_pair_step.tip 
_ndb_struct_na_base_pair_step.helical_twist 
_ndb_struct_na_base_pair_step.step_number 
_ndb_struct_na_base_pair_step.step_name 
_ndb_struct_na_base_pair_step.i_auth_asym_id_1 
_ndb_struct_na_base_pair_step.i_auth_seq_id_1 
_ndb_struct_na_base_pair_step.i_PDB_ins_code_1 
_ndb_struct_na_base_pair_step.j_auth_asym_id_1 
_ndb_struct_na_base_pair_step.j_auth_seq_id_1 
_ndb_struct_na_base_pair_step.j_PDB_ins_code_1 
_ndb_struct_na_base_pair_step.i_auth_asym_id_2 
_ndb_struct_na_base_pair_step.i_auth_seq_id_2 
_ndb_struct_na_base_pair_step.i_PDB_ins_code_2 
_ndb_struct_na_base_pair_step.j_auth_asym_id_2 
_ndb_struct_na_base_pair_step.j_auth_seq_id_2 
_ndb_struct_na_base_pair_step.j_PDB_ins_code_2 
1 A DA 3  1_555 D DT 15 1_555 A DC 4  1_555 D DG 14 1_555 0.166  -0.407 3.323 -0.319  4.362  34.164 -1.372 -0.330 3.247 7.387  
0.540   34.434 1  AA_DA3DC4:DG15DT16_DD A 3  ? D 16 ? A 4  ? D 15 ? 
1 A DC 4  1_555 D DG 14 1_555 A DG 5  1_555 D DC 13 1_555 -0.725 0.469  3.679 1.911   0.441  45.371 0.564  1.129  3.652 0.571  
-2.477  45.411 2  AA_DC4DG5:DC14DG15_DD A 4  ? D 15 ? A 5  ? D 14 ? 
1 A DG 5  1_555 D DC 13 1_555 A DA 6  1_555 D DT 12 1_555 -0.871 0.269  3.448 -1.099  2.768  30.809 -0.064 1.406  3.487 5.195  
2.062   30.949 3  AA_DG5DA6:DT13DC14_DD A 5  ? D 14 ? A 6  ? D 13 ? 
1 A DA 6  1_555 D DT 12 1_555 A DC 7  1_555 D DG 11 1_555 1.427  -0.883 3.163 -3.423  -1.680 32.251 -1.300 -3.124 3.040 -3.012 
6.136   32.470 4  AA_DA6DC7:DG12DT13_DD A 6  ? D 13 ? A 7  ? D 12 ? 
1 A DC 7  1_555 D DG 11 1_555 A DA 8  1_555 D DT 10 1_555 -1.088 -1.017 3.167 -3.739  -1.078 33.239 -1.590 1.278  3.297 -1.876 
6.508   33.460 5  AA_DC7DA8:DT11DG12_DD A 7  ? D 12 ? A 8  ? D 11 ? 
1 A DA 8  1_555 D DT 10 1_555 A DC 9  1_555 D DG 9  1_555 0.568  -0.743 3.085 2.160   0.308  41.092 -1.089 -0.586 3.104 0.439  
-3.075  41.148 6  AA_DA8DC9:DG10DT11_DD A 8  ? D 11 ? A 9  ? D 10 ? 
1 A DC 9  1_555 D DG 9  1_555 A DT 10 1_555 C DA 3  1_555 -0.740 -2.408 3.337 -10.306 4.870  15.425 -9.679 -2.949 2.478 15.652 
33.125  19.159 7  AA_DC9DT10:DA2DG10_CD A 9  ? D 10 ? A 10 ? C 2  ? 
1 A DT 10 1_555 C DA 3  1_555 A DG 11 1_555 C DC 2  1_555 0.044  1.121  3.440 1.240   5.115  37.979 1.020  0.099  3.555 7.813  
-1.894  38.328 8  AA_DT10DG11:DC1DA2_CC A 10 ? C 2  ? A 11 ? C 1  ? 
1 A DG 11 1_555 C DC 2  1_555 A DA 12 1_555 C DT 1  1_555 -1.743 0.437  3.147 -3.098  3.976  40.718 0.195  2.154  3.291 5.688  
4.432   41.016 9  AA_DG11DA12:DT0DC1_CC A 11 ? C 1  ? A 12 ? C 0  ? 
1 B DC 1  1_555 C DG 6  1_555 B DG 2  1_555 C DC 5  1_555 0.254  -0.227 3.746 0.472   1.736  36.728 -0.630 -0.330 3.734 2.753  
-0.748  36.770 10 BB_DC12DG13:DC4DG5_CC B 12 ? C 5  ? B 13 ? C 4  ? 
1 B DG 2  1_555 C DC 5  1_555 B DG 3  1_555 C DC 4  1_555 0.121  -0.854 3.711 -1.625  1.787  35.621 -1.685 -0.462 3.657 2.916  
2.652   35.700 11 BB_DG13DG14:DC3DC4_CC B 13 ? C 4  ? B 14 ? C 3  ? 
1 B DG 3  1_555 C DC 4  1_555 B DC 4  1_555 D DG 8  1_555 -0.900 -1.036 2.919 -7.929  -0.296 25.415 -2.179 0.007  3.066 -0.654 
17.487  26.606 12 BB_DG14DC15:DG9DC3_DC B 14 ? C 3  ? B 15 ? D 9  ? 
1 B DC 4  1_555 D DG 8  1_555 B DG 5  1_555 D DC 7  1_555 -0.116 0.536  3.235 1.996   5.924  38.378 0.084  0.417  3.269 8.939  
-3.012  38.864 13 BB_DC15DG16:DC8DG9_DD B 15 ? D 9  ? B 16 ? D 8  ? 
1 B DG 5  1_555 D DC 7  1_555 B DA 6  1_555 D DT 6  1_555 -0.212 -0.224 3.098 1.078   6.181  38.618 -1.034 0.439  3.021 9.272  
-1.617  39.105 14 BB_DG16DA17:DT7DC8_DD B 16 ? D 8  ? B 17 ? D 7  ? 
1 B DA 6  1_555 D DT 6  1_555 B DC 7  1_555 D DG 5  1_555 0.416  -1.004 2.902 -1.812  4.785  24.059 -3.613 -1.453 2.618 11.316 
4.286   24.590 15 BB_DA17DC18:DG6DT7_DD B 17 ? D 7  ? B 18 ? D 6  ? 
1 B DC 7  1_555 D DG 5  1_555 B DT 8  1_555 D DA 4  1_555 -0.648 -0.395 3.056 6.443   4.395  31.493 -1.410 2.190  2.793 7.945  
-11.648 32.420 16 BB_DC18DT19:DA5DG6_DD B 18 ? D 6  ? B 19 ? D 5  ? 
1 B DT 8  1_555 D DA 4  1_555 B DC 9  1_555 D DG 3  1_555 0.250  0.086  4.069 -0.038  4.101  44.304 -0.357 -0.335 4.060 5.425  
0.050   44.484 17 BB_DT19DC20:DG4DA5_DD B 19 ? D 5  ? B 20 ? D 4  ? 
# 
loop_
_pdbx_audit_support.funding_organization 
_pdbx_audit_support.country 
_pdbx_audit_support.grant_number 
_pdbx_audit_support.ordinal 
'National Science Foundation (NSF, United States)'                                         'United States' 1360635     1 
'National Institutes of Health/National Institute of General Medical Sciences (NIH/NIGMS)' 'United States' R01GM104960 2 
'National Science Foundation (NSF, United States)'                                         'United States' NSF2004250  3 
# 
_pdbx_entity_nonpoly.entity_id   5 
_pdbx_entity_nonpoly.name        'CACODYLATE ION' 
_pdbx_entity_nonpoly.comp_id     CAC 
# 
_pdbx_initial_refinement_model.id               1 
_pdbx_initial_refinement_model.entity_id_list   ? 
_pdbx_initial_refinement_model.type             'experimental model' 
_pdbx_initial_refinement_model.source_name      PDB 
_pdbx_initial_refinement_model.accession_code   6XNA 
_pdbx_initial_refinement_model.details          ? 
# 
_pdbx_struct_assembly_auth_evidence.id                     1 
_pdbx_struct_assembly_auth_evidence.assembly_id            1 
_pdbx_struct_assembly_auth_evidence.experimental_support   none 
_pdbx_struct_assembly_auth_evidence.details                ? 
# 
